data_6MVG
#
_entry.id   6MVG
#
_cell.length_a   236.028
_cell.length_b   127.078
_cell.length_c   88.819
_cell.angle_alpha   90.00
_cell.angle_beta   98.49
_cell.angle_gamma   90.00
#
_symmetry.space_group_name_H-M   'C 1 2 1'
#
loop_
_entity.id
_entity.type
_entity.pdbx_description
1 polymer beta-glucuronidase
2 non-polymer 'FLAVIN MONONUCLEOTIDE'
3 non-polymer 'CALCIUM ION'
4 water water
#
_entity_poly.entity_id   1
_entity_poly.type   'polypeptide(L)'
_entity_poly.pdbx_seq_one_letter_code
;HHHHHHSSGVDLGTENLYFQSNAMREIFNLNEKWAFSKEAIKPPVAMPQNWYWVNLPHTWNAIDGQDGGNDYYRGTCFYA
KEVQKEELPEGEQYYLEFLGVNASADVYVNGNHLDHHDGGYSTWRVNMTDALTDGKNLIVVAVDNSANDRVYPQKADFTF
YGGMYRDVNIIAVNKSHFDLDYYGGNGLKVTPEVADKNAKIAVEVFLSGEKAGQQLVYQITDAEGVLAAETKTGISDKQV
NLEITDVHLWNGRKDPYLYTATVRLMEDGVCIDSVSTRFGCRTFTIDPDKGFFLNGNSYPLRGVSRHQDRAGNGNALLPE
HHREDIDLICEMGATTIRLAHYQHAQYFYDLCDEKGLVLWAEIPYISQHMKNGRENTISQMKELIVQNYNHPSIVVWGLS
NEITMSGEADEDLMENHHILNDLAHEMDPTRLTTMAVVSMCDMHNPYIQIPDVVSYNHYFGWYGGDTSMNGPWMDEFHKE
FPKIPIGMSEYGCEALNWHTSDPKQGDYTEEYQAHYHEELIKQLYTRPYIWATHVWNMFDFAADARNEGGENGMNHKGLV
TFDRKYKKDAFYAYKAWLSDEPFVHICGKRYVDRVENVTKVTVYSNQKTVELFANGESLGKKEASDHFFYFEVPNHGETK
LLAVAGECRDESFIKKVEKFNEAYRLTEKGAVLNWFDITAPDGFFSLNDTVGDIMSNEDGNKVMQELFQSFGQAKAQGGG
MNSGMMKMLSGFTVLRMINMMGLTSQMTSQPGEAEKTNEVSKEQLLAINDRLNQIRK
;
_entity_poly.pdbx_strand_id   A,B,C
#
loop_
_chem_comp.id
_chem_comp.type
_chem_comp.name
_chem_comp.formula
CA non-polymer 'CALCIUM ION' 'Ca 2'
FMN non-polymer 'FLAVIN MONONUCLEOTIDE' 'C17 H21 N4 O9 P'
#
# COMPACT_ATOMS: atom_id res chain seq x y z
N ARG A 25 -19.99 44.91 2.83
CA ARG A 25 -19.33 43.82 3.56
C ARG A 25 -19.49 42.50 2.79
N GLU A 26 -18.44 41.68 2.81
CA GLU A 26 -18.45 40.39 2.12
C GLU A 26 -17.83 39.35 3.04
N ILE A 27 -18.19 38.07 2.80
CA ILE A 27 -17.72 36.96 3.63
C ILE A 27 -16.81 36.05 2.82
N PHE A 28 -15.73 35.61 3.45
CA PHE A 28 -14.72 34.81 2.78
C PHE A 28 -14.60 33.50 3.54
N ASN A 29 -15.23 32.46 3.02
CA ASN A 29 -15.17 31.16 3.69
C ASN A 29 -13.72 30.66 3.79
N LEU A 30 -13.35 30.14 4.96
CA LEU A 30 -11.98 29.73 5.21
C LEU A 30 -11.91 28.26 5.60
N ASN A 31 -12.60 27.40 4.87
CA ASN A 31 -12.63 25.99 5.21
C ASN A 31 -11.46 25.21 4.63
N GLU A 32 -10.93 25.60 3.46
CA GLU A 32 -10.12 24.72 2.62
C GLU A 32 -8.70 24.54 3.13
N LYS A 33 -8.29 23.29 3.33
CA LYS A 33 -6.89 22.91 3.48
C LYS A 33 -6.18 23.57 4.66
N TRP A 34 -6.39 23.03 5.86
CA TRP A 34 -5.62 23.44 7.02
C TRP A 34 -4.60 22.37 7.34
N ALA A 35 -3.45 22.79 7.86
CA ALA A 35 -2.40 21.89 8.34
C ALA A 35 -2.73 21.47 9.76
N PHE A 36 -2.88 20.17 10.00
CA PHE A 36 -3.33 19.68 11.29
C PHE A 36 -2.25 18.87 11.97
N SER A 37 -2.14 18.98 13.29
CA SER A 37 -1.20 18.14 14.03
C SER A 37 -1.79 17.69 15.37
N LYS A 38 -1.91 16.38 15.55
CA LYS A 38 -2.10 15.80 16.87
C LYS A 38 -0.78 15.69 17.64
N GLU A 39 0.37 15.86 16.95
CA GLU A 39 1.70 15.63 17.52
C GLU A 39 2.33 16.86 18.16
N ALA A 40 2.19 18.03 17.55
CA ALA A 40 2.80 19.24 18.08
C ALA A 40 2.31 19.55 19.51
N ILE A 41 3.19 20.21 20.28
CA ILE A 41 2.91 20.60 21.65
C ILE A 41 3.06 22.10 21.87
N LYS A 42 3.25 22.88 20.80
CA LYS A 42 3.30 24.33 20.89
C LYS A 42 2.96 24.88 19.52
N PRO A 43 2.32 26.04 19.44
CA PRO A 43 1.97 26.61 18.14
C PRO A 43 3.21 26.79 17.27
N PRO A 44 3.11 26.48 15.99
CA PRO A 44 4.27 26.69 15.09
C PRO A 44 4.57 28.16 14.91
N VAL A 45 5.85 28.50 15.05
CA VAL A 45 6.36 29.84 14.72
C VAL A 45 6.20 30.16 13.23
N ALA A 46 6.24 29.13 12.36
CA ALA A 46 6.18 29.30 10.92
C ALA A 46 5.43 28.14 10.27
N MET A 47 4.78 28.42 9.13
CA MET A 47 3.77 27.52 8.56
C MET A 47 4.33 26.13 8.30
N PRO A 48 3.84 25.10 8.97
CA PRO A 48 4.39 23.75 8.75
C PRO A 48 4.13 23.26 7.34
N GLN A 49 5.21 22.79 6.69
CA GLN A 49 5.14 22.08 5.42
C GLN A 49 5.13 20.59 5.64
N ASN A 50 4.95 20.19 6.88
CA ASN A 50 5.16 18.85 7.39
C ASN A 50 3.88 18.20 7.92
N TRP A 51 2.74 18.90 7.92
CA TRP A 51 1.59 18.42 8.66
C TRP A 51 0.58 17.73 7.76
N TYR A 52 -0.50 17.25 8.39
CA TYR A 52 -1.58 16.58 7.68
C TYR A 52 -2.64 17.62 7.30
N TRP A 53 -3.23 17.43 6.11
CA TRP A 53 -4.16 18.41 5.54
C TRP A 53 -5.58 17.95 5.80
N VAL A 54 -6.40 18.86 6.34
CA VAL A 54 -7.82 18.62 6.58
C VAL A 54 -8.60 19.76 5.95
N ASN A 55 -9.83 19.48 5.56
CA ASN A 55 -10.79 20.52 5.20
C ASN A 55 -11.84 20.64 6.29
N LEU A 56 -12.23 21.84 6.56
CA LEU A 56 -13.32 22.05 7.49
C LEU A 56 -14.66 21.79 6.79
N PRO A 57 -15.63 21.16 7.47
CA PRO A 57 -15.65 20.81 8.89
C PRO A 57 -14.80 19.60 9.16
N HIS A 58 -14.05 19.58 10.27
CA HIS A 58 -13.08 18.52 10.55
C HIS A 58 -13.16 18.11 12.02
N THR A 59 -12.83 16.85 12.30
CA THR A 59 -12.66 16.39 13.67
C THR A 59 -11.63 15.27 13.73
N TRP A 60 -10.81 15.27 14.77
CA TRP A 60 -9.85 14.18 14.91
C TRP A 60 -10.42 12.99 15.67
N ASN A 61 -11.70 13.03 16.05
CA ASN A 61 -12.32 11.91 16.74
C ASN A 61 -13.38 11.23 15.90
N ALA A 62 -13.37 11.41 14.57
CA ALA A 62 -14.37 10.72 13.76
C ALA A 62 -14.17 9.22 13.75
N ILE A 63 -12.97 8.74 14.08
CA ILE A 63 -12.70 7.31 14.03
C ILE A 63 -12.68 6.73 15.43
N ASP A 64 -11.80 7.27 16.31
CA ASP A 64 -11.67 6.76 17.66
C ASP A 64 -12.73 7.29 18.62
N GLY A 65 -13.63 8.16 18.16
CA GLY A 65 -14.81 8.52 18.93
C GLY A 65 -16.01 7.62 18.74
N GLN A 66 -15.96 6.67 17.80
CA GLN A 66 -17.10 5.85 17.45
C GLN A 66 -16.85 4.34 17.48
N ASP A 67 -15.63 3.90 17.83
CA ASP A 67 -15.30 2.47 17.88
C ASP A 67 -15.24 1.89 19.28
N GLY A 68 -15.41 2.70 20.32
CA GLY A 68 -15.57 2.18 21.66
C GLY A 68 -14.32 2.29 22.51
N GLY A 69 -14.17 1.37 23.46
CA GLY A 69 -12.95 1.25 24.23
C GLY A 69 -12.50 2.46 25.01
N ASN A 70 -13.36 3.47 25.16
CA ASN A 70 -13.10 4.65 25.98
C ASN A 70 -11.70 5.24 25.74
N ASP A 71 -11.32 5.39 24.46
CA ASP A 71 -9.94 5.63 24.05
C ASP A 71 -9.72 6.87 23.18
N TYR A 72 -10.78 7.62 22.84
CA TYR A 72 -10.65 8.69 21.86
C TYR A 72 -9.75 9.80 22.38
N TYR A 73 -8.88 10.30 21.51
CA TYR A 73 -7.87 11.25 21.93
C TYR A 73 -8.50 12.52 22.50
N ARG A 74 -8.09 12.89 23.71
CA ARG A 74 -8.45 14.18 24.28
C ARG A 74 -7.18 14.92 24.65
N GLY A 75 -7.04 16.15 24.14
CA GLY A 75 -5.84 16.92 24.38
C GLY A 75 -5.85 18.20 23.55
N THR A 76 -4.69 18.82 23.42
CA THR A 76 -4.57 19.99 22.58
C THR A 76 -4.04 19.57 21.22
N CYS A 77 -4.70 20.03 20.16
CA CYS A 77 -4.25 19.83 18.79
C CYS A 77 -4.15 21.20 18.12
N PHE A 78 -3.44 21.26 16.99
CA PHE A 78 -3.11 22.53 16.36
C PHE A 78 -3.49 22.53 14.90
N TYR A 79 -4.10 23.64 14.47
CA TYR A 79 -4.42 23.92 13.08
C TYR A 79 -3.62 25.15 12.64
N ALA A 80 -3.13 25.14 11.40
CA ALA A 80 -2.34 26.25 10.89
C ALA A 80 -2.66 26.46 9.43
N LYS A 81 -2.96 27.70 9.07
CA LYS A 81 -3.28 28.07 7.70
C LYS A 81 -2.63 29.42 7.42
N GLU A 82 -2.32 29.66 6.14
CA GLU A 82 -1.74 30.90 5.66
C GLU A 82 -2.70 31.57 4.69
N VAL A 83 -3.04 32.83 4.97
CA VAL A 83 -3.80 33.61 3.99
C VAL A 83 -3.05 34.91 3.72
N GLN A 84 -3.20 35.38 2.49
CA GLN A 84 -2.54 36.59 2.01
C GLN A 84 -3.56 37.72 1.97
N LYS A 85 -3.23 38.86 2.60
CA LYS A 85 -4.21 39.94 2.71
C LYS A 85 -4.78 40.29 1.33
N GLU A 86 -3.95 40.28 0.30
CA GLU A 86 -4.37 40.56 -1.05
C GLU A 86 -5.44 39.59 -1.55
N GLU A 87 -5.68 38.48 -0.85
CA GLU A 87 -6.63 37.47 -1.29
C GLU A 87 -8.01 37.62 -0.66
N LEU A 88 -8.13 38.43 0.39
CA LEU A 88 -9.39 38.62 1.08
C LEU A 88 -10.20 39.71 0.40
N PRO A 89 -11.54 39.65 0.46
CA PRO A 89 -12.33 40.82 0.08
C PRO A 89 -11.95 41.99 0.95
N GLU A 90 -11.93 43.18 0.37
CA GLU A 90 -11.39 44.34 1.07
C GLU A 90 -12.47 44.99 1.92
N GLY A 91 -12.07 45.33 3.15
CA GLY A 91 -12.90 46.03 4.12
C GLY A 91 -11.94 46.69 5.08
N GLU A 92 -12.52 47.44 6.01
CA GLU A 92 -11.70 48.22 6.93
C GLU A 92 -11.28 47.42 8.15
N GLN A 93 -12.03 46.38 8.52
CA GLN A 93 -11.67 45.51 9.63
C GLN A 93 -11.90 44.05 9.23
N TYR A 94 -11.15 43.16 9.90
CA TYR A 94 -11.16 41.74 9.55
C TYR A 94 -11.40 40.92 10.81
N TYR A 95 -12.35 39.98 10.71
CA TYR A 95 -12.77 39.12 11.81
C TYR A 95 -12.66 37.67 11.39
N LEU A 96 -12.03 36.84 12.22
CA LEU A 96 -12.20 35.39 12.12
C LEU A 96 -13.46 34.96 12.87
N GLU A 97 -14.29 34.13 12.21
CA GLU A 97 -15.58 33.70 12.72
C GLU A 97 -15.61 32.19 12.80
N PHE A 98 -15.82 31.65 14.01
CA PHE A 98 -15.88 30.21 14.26
C PHE A 98 -17.32 29.80 14.55
N LEU A 99 -17.87 28.94 13.72
CA LEU A 99 -19.23 28.43 13.93
C LEU A 99 -19.27 27.24 14.87
N GLY A 100 -18.12 26.66 15.22
CA GLY A 100 -18.04 25.46 16.02
C GLY A 100 -16.60 25.02 16.22
N VAL A 101 -16.11 25.06 17.46
CA VAL A 101 -14.73 24.69 17.77
C VAL A 101 -14.73 24.04 19.15
N ASN A 102 -14.68 22.71 19.16
CA ASN A 102 -14.87 21.90 20.36
C ASN A 102 -13.50 21.51 20.92
N ALA A 103 -13.23 21.85 22.18
CA ALA A 103 -14.15 22.52 23.09
C ALA A 103 -13.64 23.92 23.40
N SER A 104 -12.33 24.02 23.68
CA SER A 104 -11.71 25.30 23.94
C SER A 104 -10.66 25.61 22.87
N ALA A 105 -10.40 26.90 22.66
CA ALA A 105 -9.56 27.31 21.56
C ALA A 105 -8.76 28.56 21.92
N ASP A 106 -7.55 28.63 21.37
CA ASP A 106 -6.67 29.80 21.40
C ASP A 106 -6.30 30.18 19.96
N VAL A 107 -6.52 31.43 19.59
CA VAL A 107 -6.25 31.90 18.23
C VAL A 107 -4.97 32.73 18.21
N TYR A 108 -4.08 32.47 17.25
CA TYR A 108 -2.87 33.24 17.03
C TYR A 108 -2.85 33.74 15.60
N VAL A 109 -2.48 35.01 15.42
CA VAL A 109 -2.12 35.51 14.10
C VAL A 109 -0.70 36.03 14.18
N ASN A 110 0.20 35.40 13.41
CA ASN A 110 1.60 35.79 13.31
C ASN A 110 2.27 35.77 14.70
N GLY A 111 2.01 34.71 15.47
CA GLY A 111 2.59 34.55 16.79
C GLY A 111 1.93 35.36 17.90
N ASN A 112 1.00 36.26 17.57
CA ASN A 112 0.34 37.09 18.58
C ASN A 112 -0.90 36.38 19.09
N HIS A 113 -0.95 36.13 20.40
CA HIS A 113 -2.13 35.51 20.99
C HIS A 113 -3.28 36.49 20.99
N LEU A 114 -4.28 36.27 20.13
CA LEU A 114 -5.37 37.23 19.97
C LEU A 114 -6.53 37.02 20.95
N ASP A 115 -7.03 35.80 21.12
CA ASP A 115 -8.20 35.58 21.96
C ASP A 115 -8.23 34.14 22.48
N HIS A 116 -9.25 33.84 23.28
CA HIS A 116 -9.43 32.54 23.90
C HIS A 116 -10.91 32.26 24.05
N HIS A 117 -11.33 31.02 23.83
CA HIS A 117 -12.75 30.73 23.93
C HIS A 117 -12.99 29.38 24.60
N ASP A 118 -14.05 29.31 25.40
CA ASP A 118 -14.48 28.10 26.10
C ASP A 118 -15.91 27.77 25.73
N GLY A 119 -16.11 26.70 24.96
CA GLY A 119 -17.43 26.29 24.56
C GLY A 119 -17.44 25.79 23.13
N GLY A 120 -17.71 24.51 22.95
CA GLY A 120 -17.63 23.89 21.65
C GLY A 120 -18.85 24.03 20.78
N TYR A 121 -19.87 24.76 21.17
CA TYR A 121 -21.13 24.70 20.46
C TYR A 121 -21.63 26.03 19.96
N SER A 122 -21.17 27.14 20.53
CA SER A 122 -21.53 28.50 20.15
C SER A 122 -20.56 29.10 19.13
N THR A 123 -21.06 30.12 18.43
CA THR A 123 -20.26 30.90 17.50
C THR A 123 -19.49 31.98 18.27
N TRP A 124 -18.32 32.35 17.76
CA TRP A 124 -17.53 33.40 18.40
C TRP A 124 -16.55 33.98 17.39
N ARG A 125 -16.05 35.17 17.70
CA ARG A 125 -15.29 35.92 16.71
C ARG A 125 -14.07 36.58 17.35
N VAL A 126 -13.12 36.92 16.49
CA VAL A 126 -11.84 37.46 16.91
C VAL A 126 -11.50 38.54 15.91
N ASN A 127 -11.23 39.75 16.39
CA ASN A 127 -10.89 40.87 15.51
C ASN A 127 -9.40 40.81 15.15
N MET A 128 -9.12 40.57 13.87
CA MET A 128 -7.76 40.34 13.37
C MET A 128 -7.03 41.61 12.96
N THR A 129 -7.73 42.75 12.91
CA THR A 129 -7.26 43.88 12.13
C THR A 129 -5.82 44.25 12.48
N ASP A 130 -5.54 44.51 13.75
CA ASP A 130 -4.23 45.02 14.12
C ASP A 130 -3.11 43.99 13.93
N ALA A 131 -3.42 42.71 13.92
CA ALA A 131 -2.37 41.72 13.73
C ALA A 131 -2.19 41.31 12.27
N LEU A 132 -3.17 41.59 11.42
CA LEU A 132 -2.97 41.30 10.01
C LEU A 132 -1.87 42.19 9.48
N THR A 133 -1.21 41.71 8.43
CA THR A 133 -0.13 42.45 7.80
C THR A 133 -0.19 42.19 6.31
N ASP A 134 0.72 42.80 5.57
CA ASP A 134 0.77 42.55 4.14
C ASP A 134 1.58 41.29 3.85
N GLY A 135 1.41 40.79 2.64
CA GLY A 135 2.05 39.52 2.36
C GLY A 135 1.35 38.38 3.06
N LYS A 136 2.14 37.37 3.41
CA LYS A 136 1.58 36.13 3.94
C LYS A 136 1.30 36.29 5.43
N ASN A 137 0.13 35.82 5.84
CA ASN A 137 -0.32 35.89 7.23
C ASN A 137 -0.59 34.49 7.74
N LEU A 138 -0.07 34.20 8.93
CA LEU A 138 -0.09 32.86 9.51
C LEU A 138 -1.11 32.78 10.63
N ILE A 139 -2.16 31.98 10.45
CA ILE A 139 -3.19 31.79 11.46
C ILE A 139 -3.06 30.41 12.06
N VAL A 140 -2.96 30.34 13.38
CA VAL A 140 -2.85 29.09 14.09
C VAL A 140 -3.93 29.09 15.17
N VAL A 141 -4.68 28.00 15.23
CA VAL A 141 -5.74 27.80 16.22
C VAL A 141 -5.35 26.58 17.06
N ALA A 142 -5.24 26.76 18.36
CA ALA A 142 -4.88 25.65 19.26
C ALA A 142 -6.16 25.19 19.97
N VAL A 143 -6.73 24.08 19.46
CA VAL A 143 -7.98 23.46 19.90
C VAL A 143 -7.67 22.40 20.95
N ASP A 144 -8.52 22.33 22.00
CA ASP A 144 -8.33 21.43 23.13
C ASP A 144 -9.67 20.90 23.60
N ASN A 145 -9.76 19.58 23.81
CA ASN A 145 -10.97 18.92 24.31
C ASN A 145 -10.64 18.02 25.51
N SER A 146 -9.73 18.46 26.37
CA SER A 146 -9.27 17.66 27.49
C SER A 146 -10.14 17.88 28.70
N ALA A 147 -10.14 16.90 29.59
CA ALA A 147 -10.85 17.03 30.85
C ALA A 147 -10.37 18.27 31.58
N ASN A 148 -11.32 19.06 32.07
CA ASN A 148 -11.01 20.05 33.09
C ASN A 148 -12.24 20.20 33.97
N ASP A 149 -12.25 21.23 34.83
CA ASP A 149 -13.36 21.46 35.75
C ASP A 149 -14.01 22.82 35.55
N ARG A 150 -13.93 23.37 34.34
CA ARG A 150 -14.30 24.76 34.14
C ARG A 150 -15.31 24.90 33.02
N VAL A 151 -15.19 24.04 32.00
CA VAL A 151 -15.89 24.18 30.72
C VAL A 151 -16.80 22.98 30.52
N TYR A 152 -18.13 23.22 30.51
CA TYR A 152 -19.03 22.11 30.27
C TYR A 152 -19.11 21.82 28.77
N PRO A 153 -19.30 20.55 28.38
CA PRO A 153 -19.56 19.34 29.15
C PRO A 153 -18.33 18.57 29.51
N GLN A 154 -18.37 17.85 30.65
CA GLN A 154 -17.23 17.06 31.14
C GLN A 154 -17.60 15.62 31.47
N LYS A 155 -18.75 15.41 32.11
CA LYS A 155 -19.27 14.07 32.34
C LYS A 155 -20.53 13.96 31.50
N ALA A 156 -20.53 13.00 30.58
CA ALA A 156 -21.68 12.84 29.70
C ALA A 156 -21.53 11.54 28.93
N ASP A 157 -22.63 11.18 28.28
CA ASP A 157 -22.72 9.99 27.44
C ASP A 157 -22.00 10.18 26.10
N PHE A 158 -22.36 11.24 25.37
CA PHE A 158 -21.86 11.48 24.03
C PHE A 158 -20.37 11.83 24.02
N THR A 159 -19.73 11.48 22.91
CA THR A 159 -18.33 11.80 22.63
C THR A 159 -18.11 13.30 22.41
N PHE A 160 -17.13 13.89 23.12
CA PHE A 160 -16.80 15.30 22.87
C PHE A 160 -15.78 15.40 21.74
N TYR A 161 -16.26 15.24 20.49
CA TYR A 161 -15.35 15.25 19.34
C TYR A 161 -14.59 16.55 19.30
N GLY A 162 -13.25 16.48 19.32
CA GLY A 162 -12.45 17.68 19.24
C GLY A 162 -12.29 18.15 17.81
N GLY A 163 -12.00 19.44 17.66
CA GLY A 163 -11.62 20.01 16.38
C GLY A 163 -12.55 21.13 15.93
N MET A 164 -12.11 21.81 14.88
CA MET A 164 -12.94 22.84 14.26
C MET A 164 -13.95 22.13 13.38
N TYR A 165 -15.07 21.73 13.99
CA TYR A 165 -16.08 20.90 13.34
C TYR A 165 -17.16 21.67 12.60
N ARG A 166 -17.16 23.01 12.63
CA ARG A 166 -18.08 23.81 11.82
C ARG A 166 -17.25 24.81 11.04
N ASP A 167 -17.93 25.56 10.16
CA ASP A 167 -17.29 26.53 9.28
C ASP A 167 -16.40 27.51 10.03
N VAL A 168 -15.38 28.01 9.34
CA VAL A 168 -14.63 29.19 9.74
C VAL A 168 -14.67 30.16 8.60
N ASN A 169 -14.92 31.44 8.90
CA ASN A 169 -15.07 32.46 7.88
C ASN A 169 -14.21 33.66 8.25
N ILE A 170 -13.80 34.41 7.25
CA ILE A 170 -13.24 35.73 7.47
C ILE A 170 -14.30 36.76 7.10
N ILE A 171 -14.62 37.63 8.05
CA ILE A 171 -15.58 38.70 7.81
C ILE A 171 -14.80 39.97 7.54
N ALA A 172 -15.07 40.59 6.40
CA ALA A 172 -14.55 41.90 6.03
C ALA A 172 -15.69 42.89 6.08
N VAL A 173 -15.53 43.92 6.90
CA VAL A 173 -16.64 44.79 7.24
C VAL A 173 -16.10 46.20 7.39
N ASN A 174 -17.00 47.18 7.26
CA ASN A 174 -16.62 48.56 7.45
C ASN A 174 -16.17 48.79 8.90
N LYS A 175 -15.44 49.88 9.14
CA LYS A 175 -15.09 50.20 10.52
C LYS A 175 -16.32 50.52 11.34
N SER A 176 -17.39 51.01 10.70
CA SER A 176 -18.71 51.15 11.30
C SER A 176 -19.56 49.97 10.84
N HIS A 177 -19.97 49.12 11.80
CA HIS A 177 -20.64 47.89 11.44
C HIS A 177 -21.58 47.45 12.55
N PHE A 178 -22.58 46.66 12.18
CA PHE A 178 -23.42 46.00 13.17
C PHE A 178 -22.61 45.04 14.04
N ASP A 179 -22.88 45.09 15.34
CA ASP A 179 -22.05 44.45 16.36
C ASP A 179 -21.63 43.05 15.97
N LEU A 180 -20.32 42.79 16.06
CA LEU A 180 -19.76 41.46 15.84
C LEU A 180 -19.13 40.87 17.10
N ASP A 181 -19.04 41.61 18.20
CA ASP A 181 -18.26 41.19 19.35
C ASP A 181 -19.09 40.80 20.58
N TYR A 182 -20.41 40.97 20.58
CA TYR A 182 -21.20 40.63 21.76
C TYR A 182 -21.65 39.17 21.64
N TYR A 183 -20.88 38.28 22.27
CA TYR A 183 -21.26 36.88 22.52
C TYR A 183 -21.76 36.18 21.25
N GLY A 184 -21.10 36.45 20.11
CA GLY A 184 -21.39 35.82 18.84
C GLY A 184 -22.62 36.34 18.12
N GLY A 185 -23.23 37.42 18.62
CA GLY A 185 -24.46 37.90 18.02
C GLY A 185 -24.27 38.56 16.67
N ASN A 186 -25.37 39.05 16.15
CA ASN A 186 -25.41 39.85 14.94
C ASN A 186 -25.63 41.32 15.24
N GLY A 187 -26.04 41.65 16.46
CA GLY A 187 -26.61 42.96 16.72
C GLY A 187 -27.92 43.17 16.01
N LEU A 188 -28.77 42.14 15.93
CA LEU A 188 -30.14 42.26 15.43
C LEU A 188 -31.10 41.50 16.34
N LYS A 189 -31.88 42.22 17.15
CA LYS A 189 -32.86 41.63 18.07
C LYS A 189 -34.26 41.95 17.56
N VAL A 190 -34.92 40.96 16.97
CA VAL A 190 -36.29 41.10 16.49
C VAL A 190 -37.22 40.42 17.47
N THR A 191 -38.22 41.18 17.96
CA THR A 191 -39.16 40.72 18.98
C THR A 191 -40.57 41.03 18.55
N PRO A 192 -41.26 40.08 17.91
CA PRO A 192 -42.66 40.31 17.52
C PRO A 192 -43.58 40.22 18.72
N GLU A 193 -44.57 41.12 18.76
CA GLU A 193 -45.66 41.07 19.72
C GLU A 193 -46.96 41.05 18.94
N VAL A 194 -47.71 39.96 19.04
CA VAL A 194 -48.97 39.84 18.31
C VAL A 194 -50.07 40.56 19.07
N ALA A 195 -50.69 41.54 18.42
CA ALA A 195 -51.84 42.29 18.94
C ALA A 195 -53.00 42.09 17.97
N ASP A 196 -53.90 41.16 18.30
CA ASP A 196 -55.10 40.82 17.49
C ASP A 196 -54.62 40.37 16.12
N LYS A 197 -55.21 40.84 15.03
CA LYS A 197 -54.82 40.41 13.69
C LYS A 197 -53.66 41.23 13.14
N ASN A 198 -53.04 42.07 13.96
CA ASN A 198 -51.82 42.79 13.63
C ASN A 198 -50.69 42.34 14.56
N ALA A 199 -49.44 42.57 14.14
CA ALA A 199 -48.28 42.31 14.98
C ALA A 199 -47.37 43.52 14.99
N LYS A 200 -46.80 43.82 16.16
CA LYS A 200 -45.87 44.94 16.37
C LYS A 200 -44.47 44.34 16.51
N ILE A 201 -43.61 44.60 15.52
CA ILE A 201 -42.30 43.95 15.40
C ILE A 201 -41.24 44.94 15.89
N ALA A 202 -40.92 44.90 17.17
CA ALA A 202 -39.85 45.73 17.69
C ALA A 202 -38.51 45.25 17.15
N VAL A 203 -37.63 46.20 16.82
CA VAL A 203 -36.37 45.88 16.16
C VAL A 203 -35.28 46.73 16.80
N GLU A 204 -34.37 46.09 17.53
CA GLU A 204 -33.25 46.78 18.14
C GLU A 204 -31.97 46.32 17.45
N VAL A 205 -31.08 47.27 17.15
CA VAL A 205 -29.78 46.95 16.59
C VAL A 205 -28.70 47.47 17.53
N PHE A 206 -27.53 46.84 17.43
CA PHE A 206 -26.37 47.18 18.24
C PHE A 206 -25.22 47.46 17.29
N LEU A 207 -24.50 48.54 17.53
CA LEU A 207 -23.52 49.01 16.59
C LEU A 207 -22.18 49.14 17.28
N SER A 208 -21.11 48.85 16.51
CA SER A 208 -19.74 49.12 16.91
C SER A 208 -19.22 50.29 16.08
N GLY A 209 -18.41 51.13 16.71
CA GLY A 209 -17.75 52.27 16.09
C GLY A 209 -18.59 53.04 15.09
N GLU A 210 -19.89 53.16 15.34
CA GLU A 210 -20.72 54.00 14.48
C GLU A 210 -20.28 55.45 14.64
N LYS A 211 -20.53 56.24 13.59
CA LYS A 211 -20.20 57.66 13.55
C LYS A 211 -21.47 58.49 13.38
N ALA A 212 -21.32 59.80 13.48
CA ALA A 212 -22.48 60.65 13.75
C ALA A 212 -23.36 60.85 12.53
N GLY A 213 -22.77 61.00 11.35
CA GLY A 213 -23.58 61.31 10.18
C GLY A 213 -24.48 60.19 9.67
N GLN A 214 -24.38 58.99 10.24
CA GLN A 214 -24.93 57.78 9.64
C GLN A 214 -26.45 57.69 9.79
N GLN A 215 -27.04 56.71 9.10
CA GLN A 215 -28.46 56.43 9.18
C GLN A 215 -28.69 54.93 9.10
N LEU A 216 -29.88 54.51 9.51
CA LEU A 216 -30.27 53.10 9.61
C LEU A 216 -31.60 52.87 8.90
N VAL A 217 -31.58 52.13 7.79
CA VAL A 217 -32.83 51.71 7.13
C VAL A 217 -33.29 50.37 7.70
N TYR A 218 -34.58 50.27 8.00
CA TYR A 218 -35.20 49.06 8.52
C TYR A 218 -36.24 48.59 7.51
N GLN A 219 -36.26 47.29 7.21
CA GLN A 219 -37.32 46.74 6.38
C GLN A 219 -37.69 45.36 6.89
N ILE A 220 -39.00 45.06 6.87
CA ILE A 220 -39.53 43.70 6.95
C ILE A 220 -40.01 43.35 5.55
N THR A 221 -39.84 42.10 5.16
CA THR A 221 -40.28 41.68 3.85
C THR A 221 -41.12 40.42 3.95
N ASP A 222 -42.04 40.28 3.00
CA ASP A 222 -42.89 39.11 2.82
C ASP A 222 -42.10 37.82 2.67
N ALA A 223 -42.80 36.68 2.72
CA ALA A 223 -42.20 35.41 2.37
C ALA A 223 -41.84 35.33 0.89
N GLU A 224 -42.37 36.19 0.03
CA GLU A 224 -42.08 36.17 -1.40
C GLU A 224 -41.45 37.46 -1.88
N GLY A 225 -40.90 38.27 -0.98
CA GLY A 225 -40.14 39.43 -1.32
C GLY A 225 -40.78 40.75 -0.92
N VAL A 226 -42.12 40.80 -0.92
CA VAL A 226 -42.80 42.10 -0.89
C VAL A 226 -42.49 42.85 0.39
N LEU A 227 -42.27 44.15 0.26
CA LEU A 227 -41.98 44.97 1.41
C LEU A 227 -43.24 45.12 2.28
N ALA A 228 -43.04 45.25 3.58
CA ALA A 228 -44.20 45.20 4.45
C ALA A 228 -44.17 46.33 5.48
N ALA A 229 -42.96 46.78 5.84
CA ALA A 229 -42.80 47.97 6.66
C ALA A 229 -41.40 48.53 6.43
N GLU A 230 -41.18 49.74 6.93
CA GLU A 230 -39.93 50.45 6.67
C GLU A 230 -39.89 51.72 7.51
N THR A 231 -38.69 52.05 7.98
CA THR A 231 -38.39 53.22 8.79
C THR A 231 -36.91 53.54 8.56
N LYS A 232 -36.56 54.81 8.71
CA LYS A 232 -35.16 55.24 8.60
C LYS A 232 -34.93 56.31 9.64
N THR A 233 -33.97 56.09 10.54
CA THR A 233 -33.59 57.12 11.49
C THR A 233 -32.09 57.31 11.44
N GLY A 234 -31.63 58.41 12.02
CA GLY A 234 -30.20 58.59 12.24
C GLY A 234 -29.66 57.53 13.17
N ILE A 235 -28.33 57.46 13.22
CA ILE A 235 -27.67 56.39 13.95
C ILE A 235 -27.98 56.42 15.45
N SER A 236 -28.70 57.43 15.94
CA SER A 236 -28.97 57.53 17.37
C SER A 236 -30.14 56.65 17.81
N ASP A 237 -31.09 56.38 16.91
CA ASP A 237 -32.29 55.63 17.30
C ASP A 237 -32.10 54.16 16.96
N LYS A 238 -31.37 53.47 17.85
CA LYS A 238 -31.09 52.05 17.72
C LYS A 238 -32.32 51.16 17.88
N GLN A 239 -33.47 51.70 18.30
CA GLN A 239 -34.66 50.88 18.51
C GLN A 239 -35.85 51.49 17.76
N VAL A 240 -36.53 50.66 16.98
CA VAL A 240 -37.62 51.09 16.12
C VAL A 240 -38.76 50.09 16.24
N ASN A 241 -39.98 50.53 15.91
CA ASN A 241 -41.13 49.64 15.91
C ASN A 241 -41.82 49.67 14.56
N LEU A 242 -41.90 48.51 13.92
CA LEU A 242 -42.57 48.32 12.65
C LEU A 242 -43.76 47.38 12.83
N GLU A 243 -44.84 47.60 12.08
CA GLU A 243 -46.09 46.87 12.27
C GLU A 243 -46.51 46.21 10.97
N ILE A 244 -47.01 44.98 11.06
CA ILE A 244 -47.50 44.25 9.90
C ILE A 244 -49.01 44.11 10.05
N THR A 245 -49.76 44.68 9.12
CA THR A 245 -51.20 44.48 9.12
C THR A 245 -51.52 43.08 8.59
N ASP A 246 -52.51 42.43 9.21
CA ASP A 246 -52.99 41.11 8.82
C ASP A 246 -51.81 40.13 8.74
N VAL A 247 -51.15 39.99 9.89
CA VAL A 247 -49.88 39.26 9.96
C VAL A 247 -50.11 37.79 9.65
N HIS A 248 -49.15 37.18 8.96
CA HIS A 248 -49.23 35.77 8.56
C HIS A 248 -48.54 34.94 9.65
N LEU A 249 -49.34 34.37 10.56
CA LEU A 249 -48.79 33.79 11.77
C LEU A 249 -48.00 32.52 11.46
N TRP A 250 -46.74 32.46 11.92
CA TRP A 250 -45.97 31.22 11.97
C TRP A 250 -46.68 30.28 12.92
N ASN A 251 -47.27 29.19 12.42
CA ASN A 251 -48.18 28.39 13.24
C ASN A 251 -47.84 26.89 13.07
N GLY A 252 -46.66 26.52 13.57
CA GLY A 252 -46.15 25.15 13.54
C GLY A 252 -46.06 24.56 12.14
N ARG A 253 -46.16 23.23 12.09
CA ARG A 253 -46.16 22.54 10.81
C ARG A 253 -47.33 22.96 9.92
N LYS A 254 -48.47 23.31 10.53
CA LYS A 254 -49.65 23.68 9.75
C LYS A 254 -49.28 24.66 8.65
N ASP A 255 -48.58 25.72 9.01
CA ASP A 255 -48.29 26.84 8.12
C ASP A 255 -47.17 27.62 8.78
N PRO A 256 -45.91 27.24 8.50
CA PRO A 256 -44.75 27.82 9.18
C PRO A 256 -44.24 29.10 8.54
N TYR A 257 -45.15 30.04 8.34
CA TYR A 257 -44.83 31.29 7.67
C TYR A 257 -43.68 32.02 8.36
N LEU A 258 -42.74 32.51 7.56
CA LEU A 258 -41.56 33.21 8.06
C LEU A 258 -41.42 34.54 7.34
N TYR A 259 -41.29 35.63 8.11
CA TYR A 259 -40.92 36.94 7.61
C TYR A 259 -39.43 37.13 7.71
N THR A 260 -38.91 38.14 7.01
CA THR A 260 -37.51 38.52 7.11
C THR A 260 -37.38 39.98 7.52
N ALA A 261 -36.61 40.23 8.58
CA ALA A 261 -36.17 41.56 9.00
C ALA A 261 -34.75 41.82 8.53
N THR A 262 -34.49 43.06 8.10
CA THR A 262 -33.20 43.42 7.54
C THR A 262 -32.95 44.90 7.78
N VAL A 263 -31.71 45.24 8.18
CA VAL A 263 -31.31 46.58 8.63
C VAL A 263 -30.00 46.97 7.94
N ARG A 264 -29.92 48.21 7.48
CA ARG A 264 -28.84 48.67 6.62
C ARG A 264 -28.22 49.94 7.19
N LEU A 265 -26.98 49.86 7.65
CA LEU A 265 -26.24 51.04 8.07
C LEU A 265 -25.74 51.78 6.83
N MET A 266 -26.08 53.06 6.74
CA MET A 266 -25.84 53.85 5.53
C MET A 266 -25.10 55.13 5.91
N GLU A 267 -23.90 55.29 5.37
CA GLU A 267 -23.10 56.49 5.52
C GLU A 267 -23.10 57.22 4.19
N ASP A 268 -23.65 58.44 4.20
CA ASP A 268 -23.98 59.16 2.97
C ASP A 268 -25.02 58.31 2.25
N GLY A 269 -24.86 58.00 0.98
CA GLY A 269 -25.89 57.24 0.30
C GLY A 269 -25.56 55.77 0.25
N VAL A 270 -24.28 55.44 0.43
CA VAL A 270 -23.81 54.07 0.31
C VAL A 270 -24.26 53.24 1.50
N CYS A 271 -24.53 51.96 1.24
CA CYS A 271 -24.90 50.97 2.27
C CYS A 271 -23.63 50.25 2.73
N ILE A 272 -23.03 50.74 3.82
CA ILE A 272 -21.71 50.23 4.22
C ILE A 272 -21.78 48.94 5.02
N ASP A 273 -22.89 48.66 5.70
CA ASP A 273 -23.02 47.42 6.45
C ASP A 273 -24.48 47.03 6.42
N SER A 274 -24.74 45.75 6.63
CA SER A 274 -26.10 45.26 6.57
C SER A 274 -26.19 43.97 7.36
N VAL A 275 -27.35 43.74 7.96
CA VAL A 275 -27.57 42.56 8.80
C VAL A 275 -29.03 42.17 8.67
N SER A 276 -29.31 40.89 8.50
CA SER A 276 -30.68 40.39 8.34
C SER A 276 -30.88 39.12 9.16
N THR A 277 -32.14 38.71 9.28
CA THR A 277 -32.47 37.43 9.91
C THR A 277 -33.89 37.09 9.52
N ARG A 278 -34.22 35.81 9.58
CA ARG A 278 -35.61 35.43 9.45
C ARG A 278 -36.25 35.32 10.84
N PHE A 279 -37.59 35.33 10.87
CA PHE A 279 -38.32 35.36 12.13
C PHE A 279 -39.79 35.06 11.90
N GLY A 280 -40.47 34.71 12.99
CA GLY A 280 -41.85 34.29 12.92
C GLY A 280 -42.69 34.94 13.99
N CYS A 281 -43.98 35.03 13.72
CA CYS A 281 -44.92 35.72 14.60
C CYS A 281 -45.83 34.68 15.21
N ARG A 282 -45.69 34.48 16.52
CA ARG A 282 -46.56 33.54 17.22
C ARG A 282 -46.51 33.83 18.71
N THR A 283 -47.59 33.47 19.38
CA THR A 283 -47.64 33.39 20.83
C THR A 283 -47.81 31.93 21.23
N PHE A 284 -47.63 31.69 22.52
CA PHE A 284 -47.65 30.32 23.02
C PHE A 284 -47.69 30.37 24.54
N THR A 285 -48.41 29.43 25.14
CA THR A 285 -48.49 29.30 26.59
C THR A 285 -48.43 27.84 26.95
N ILE A 286 -48.06 27.55 28.20
CA ILE A 286 -48.02 26.18 28.68
C ILE A 286 -48.94 26.10 29.91
N ASP A 287 -50.08 25.46 29.72
CA ASP A 287 -51.12 25.29 30.73
C ASP A 287 -50.81 24.05 31.55
N PRO A 288 -50.79 24.14 32.88
CA PRO A 288 -50.38 22.98 33.69
C PRO A 288 -51.27 21.79 33.52
N ASP A 289 -52.51 21.98 33.07
CA ASP A 289 -53.45 20.88 32.92
C ASP A 289 -53.74 20.53 31.47
N LYS A 290 -53.78 21.53 30.58
CA LYS A 290 -54.19 21.30 29.19
C LYS A 290 -53.02 21.37 28.21
N GLY A 291 -51.77 21.41 28.71
CA GLY A 291 -50.59 21.27 27.85
C GLY A 291 -50.17 22.53 27.12
N PHE A 292 -49.46 22.31 26.00
CA PHE A 292 -48.83 23.41 25.27
C PHE A 292 -49.83 24.03 24.30
N PHE A 293 -49.73 25.35 24.11
CA PHE A 293 -50.63 26.08 23.25
C PHE A 293 -49.85 26.96 22.30
N LEU A 294 -50.13 26.84 21.00
CA LEU A 294 -49.53 27.68 19.97
C LEU A 294 -50.65 28.50 19.33
N ASN A 295 -50.53 29.83 19.44
CA ASN A 295 -51.51 30.77 18.89
C ASN A 295 -52.95 30.44 19.31
N GLY A 296 -53.14 30.18 20.60
CA GLY A 296 -54.45 29.97 21.14
C GLY A 296 -55.13 28.63 20.87
N ASN A 297 -54.49 27.70 20.17
CA ASN A 297 -55.03 26.35 20.00
C ASN A 297 -54.10 25.32 20.61
N SER A 298 -54.70 24.31 21.27
CA SER A 298 -53.93 23.19 21.75
C SER A 298 -53.08 22.64 20.63
N TYR A 299 -51.79 22.61 20.87
CA TYR A 299 -50.79 22.13 19.90
C TYR A 299 -49.88 21.19 20.67
N PRO A 300 -50.29 19.94 20.87
CA PRO A 300 -49.49 19.02 21.67
C PRO A 300 -48.11 18.81 21.05
N LEU A 301 -47.08 18.85 21.89
CA LEU A 301 -45.67 18.66 21.50
C LEU A 301 -45.26 17.22 21.75
N ARG A 302 -45.18 16.45 20.68
CA ARG A 302 -44.80 15.05 20.73
C ARG A 302 -43.65 14.88 19.76
N GLY A 303 -42.45 14.60 20.27
CA GLY A 303 -41.25 14.60 19.45
C GLY A 303 -40.07 13.79 19.97
N VAL A 304 -38.87 14.22 19.57
CA VAL A 304 -37.62 13.48 19.72
C VAL A 304 -36.48 14.42 20.15
N SER A 305 -35.44 13.83 20.70
CA SER A 305 -34.18 14.54 20.82
C SER A 305 -33.33 14.22 19.58
N ARG A 306 -32.21 14.95 19.40
CA ARG A 306 -31.28 14.72 18.30
C ARG A 306 -29.87 15.11 18.74
N HIS A 307 -28.88 14.29 18.39
CA HIS A 307 -27.48 14.67 18.56
C HIS A 307 -26.86 15.14 17.25
N GLN A 308 -25.85 16.00 17.35
CA GLN A 308 -25.32 16.64 16.15
C GLN A 308 -24.15 15.90 15.54
N ASP A 309 -24.16 14.57 15.66
CA ASP A 309 -23.16 13.69 15.09
C ASP A 309 -23.84 12.66 14.20
N ARG A 310 -23.03 11.82 13.54
CA ARG A 310 -23.52 10.86 12.55
C ARG A 310 -22.41 9.86 12.27
N ALA A 311 -22.79 8.60 11.98
CA ALA A 311 -21.83 7.57 11.58
C ALA A 311 -20.87 8.10 10.53
N GLY A 312 -19.60 7.72 10.66
CA GLY A 312 -18.60 8.13 9.69
C GLY A 312 -18.08 9.54 9.96
N ASN A 313 -18.94 10.55 9.82
CA ASN A 313 -18.50 11.94 9.85
C ASN A 313 -18.19 12.45 11.25
N GLY A 314 -18.58 11.74 12.31
CA GLY A 314 -18.54 12.36 13.63
C GLY A 314 -19.40 13.61 13.68
N ASN A 315 -18.92 14.64 14.38
CA ASN A 315 -19.74 15.84 14.47
C ASN A 315 -19.41 16.85 13.37
N ALA A 316 -18.52 16.52 12.44
CA ALA A 316 -18.24 17.40 11.30
C ALA A 316 -19.33 17.16 10.26
N LEU A 317 -20.49 17.77 10.51
CA LEU A 317 -21.60 17.56 9.58
C LEU A 317 -21.54 18.58 8.46
N LEU A 318 -22.00 18.15 7.29
CA LEU A 318 -22.24 18.89 6.05
C LEU A 318 -23.71 19.27 5.96
N PRO A 319 -24.03 20.30 5.18
CA PRO A 319 -25.43 20.76 5.13
C PRO A 319 -26.44 19.68 4.79
N GLU A 320 -26.10 18.74 3.91
CA GLU A 320 -27.08 17.71 3.61
C GLU A 320 -27.31 16.77 4.78
N HIS A 321 -26.38 16.66 5.72
CA HIS A 321 -26.63 15.85 6.90
C HIS A 321 -27.71 16.48 7.76
N HIS A 322 -27.58 17.78 8.02
CA HIS A 322 -28.62 18.50 8.74
C HIS A 322 -29.98 18.31 8.09
N ARG A 323 -30.04 18.43 6.75
CA ARG A 323 -31.32 18.25 6.03
C ARG A 323 -31.82 16.82 6.06
N GLU A 324 -30.92 15.84 6.03
CA GLU A 324 -31.36 14.45 6.08
C GLU A 324 -32.10 14.18 7.38
N ASP A 325 -31.56 14.66 8.51
CA ASP A 325 -32.20 14.38 9.80
C ASP A 325 -33.60 14.98 9.86
N ILE A 326 -33.75 16.22 9.42
CA ILE A 326 -35.05 16.89 9.47
C ILE A 326 -36.09 16.09 8.72
N ASP A 327 -35.79 15.68 7.49
CA ASP A 327 -36.76 14.94 6.70
C ASP A 327 -37.29 13.71 7.44
N LEU A 328 -36.40 13.00 8.13
CA LEU A 328 -36.84 11.82 8.85
C LEU A 328 -37.60 12.19 10.12
N ILE A 329 -37.09 13.16 10.88
CA ILE A 329 -37.87 13.70 11.99
C ILE A 329 -39.23 14.22 11.51
N CYS A 330 -39.28 14.75 10.28
CA CYS A 330 -40.55 15.28 9.75
C CYS A 330 -41.46 14.19 9.22
N GLU A 331 -40.92 13.24 8.45
CA GLU A 331 -41.74 12.12 7.95
C GLU A 331 -42.44 11.40 9.09
N MET A 332 -41.79 11.31 10.27
CA MET A 332 -42.39 10.64 11.41
C MET A 332 -43.54 11.44 12.01
N GLY A 333 -43.57 12.76 11.77
CA GLY A 333 -44.59 13.59 12.34
C GLY A 333 -44.29 14.15 13.71
N ALA A 334 -43.04 14.15 14.15
CA ALA A 334 -42.71 14.90 15.34
C ALA A 334 -43.22 16.33 15.22
N THR A 335 -43.61 16.91 16.35
CA THR A 335 -43.98 18.32 16.37
C THR A 335 -42.98 19.14 17.17
N THR A 336 -42.12 18.49 17.96
CA THR A 336 -41.13 19.13 18.82
C THR A 336 -39.81 18.38 18.74
N ILE A 337 -38.73 19.12 19.00
CA ILE A 337 -37.39 18.56 19.02
C ILE A 337 -36.67 19.14 20.22
N ARG A 338 -36.21 18.26 21.12
CA ARG A 338 -35.25 18.68 22.13
C ARG A 338 -33.85 18.61 21.51
N LEU A 339 -33.18 19.76 21.40
CA LEU A 339 -31.83 19.80 20.85
C LEU A 339 -30.81 19.75 21.99
N ALA A 340 -30.69 18.56 22.57
CA ALA A 340 -29.74 18.24 23.62
C ALA A 340 -28.35 18.01 23.03
N HIS A 341 -27.31 18.15 23.87
CA HIS A 341 -27.33 18.78 25.20
C HIS A 341 -26.54 20.11 25.14
N TYR A 342 -26.71 20.86 24.06
CA TYR A 342 -25.75 21.89 23.66
C TYR A 342 -26.32 22.64 22.48
N GLN A 343 -25.65 23.72 22.09
CA GLN A 343 -26.13 24.54 20.99
C GLN A 343 -25.82 23.86 19.66
N HIS A 344 -26.85 23.72 18.82
CA HIS A 344 -26.66 23.12 17.51
C HIS A 344 -26.28 24.16 16.46
N ALA A 345 -26.09 23.68 15.23
CA ALA A 345 -25.71 24.54 14.12
C ALA A 345 -26.88 25.44 13.71
N GLN A 346 -26.59 26.73 13.46
CA GLN A 346 -27.63 27.63 13.00
C GLN A 346 -28.41 27.04 11.84
N TYR A 347 -27.71 26.41 10.90
CA TYR A 347 -28.40 25.84 9.75
C TYR A 347 -29.44 24.81 10.19
N PHE A 348 -29.26 24.20 11.36
CA PHE A 348 -30.28 23.28 11.82
C PHE A 348 -31.48 24.03 12.40
N TYR A 349 -31.23 25.01 13.28
CA TYR A 349 -32.29 25.88 13.77
C TYR A 349 -33.05 26.51 12.60
N ASP A 350 -32.30 27.03 11.61
CA ASP A 350 -32.92 27.62 10.44
C ASP A 350 -33.92 26.66 9.81
N LEU A 351 -33.54 25.39 9.68
CA LEU A 351 -34.47 24.43 9.11
C LEU A 351 -35.70 24.28 10.01
N CYS A 352 -35.51 24.30 11.32
CA CYS A 352 -36.61 24.05 12.24
C CYS A 352 -37.66 25.16 12.14
N ASP A 353 -37.22 26.41 11.99
CA ASP A 353 -38.11 27.49 11.61
C ASP A 353 -38.88 27.17 10.32
N GLU A 354 -38.15 26.79 9.25
CA GLU A 354 -38.74 26.54 7.94
C GLU A 354 -39.82 25.46 7.94
N LYS A 355 -39.80 24.53 8.88
CA LYS A 355 -40.77 23.44 8.86
C LYS A 355 -41.74 23.51 10.04
N GLY A 356 -41.58 24.49 10.94
CA GLY A 356 -42.51 24.72 12.01
C GLY A 356 -42.32 23.83 13.21
N LEU A 357 -41.14 23.27 13.40
CA LEU A 357 -40.91 22.42 14.55
C LEU A 357 -40.71 23.30 15.79
N VAL A 358 -41.09 22.76 16.95
CA VAL A 358 -41.02 23.51 18.20
C VAL A 358 -39.85 22.97 18.99
N LEU A 359 -38.94 23.86 19.37
CA LEU A 359 -37.60 23.47 19.80
C LEU A 359 -37.39 23.72 21.28
N TRP A 360 -36.70 22.79 21.90
CA TRP A 360 -36.06 22.98 23.19
C TRP A 360 -34.57 23.09 22.92
N ALA A 361 -33.97 24.20 23.34
CA ALA A 361 -32.55 24.47 23.16
C ALA A 361 -31.92 24.63 24.54
N GLU A 362 -30.72 24.06 24.74
CA GLU A 362 -30.10 24.05 26.07
C GLU A 362 -28.58 24.25 26.00
N ILE A 363 -27.96 24.25 27.16
CA ILE A 363 -26.51 24.38 27.29
C ILE A 363 -26.02 23.12 27.98
N PRO A 364 -24.75 22.71 27.78
CA PRO A 364 -24.25 21.44 28.34
C PRO A 364 -24.05 21.43 29.84
N TYR A 365 -24.96 22.06 30.59
CA TYR A 365 -24.92 22.05 32.05
C TYR A 365 -25.44 20.71 32.53
N ILE A 366 -24.58 19.69 32.53
CA ILE A 366 -25.05 18.31 32.55
C ILE A 366 -24.26 17.45 33.53
N SER A 367 -24.95 16.47 34.11
CA SER A 367 -24.36 15.31 34.80
C SER A 367 -23.82 15.56 36.21
N GLN A 368 -23.04 16.61 36.39
CA GLN A 368 -22.44 16.85 37.70
C GLN A 368 -22.13 18.33 37.82
N HIS A 369 -22.63 18.97 38.88
CA HIS A 369 -22.32 20.39 39.08
C HIS A 369 -20.85 20.55 39.41
N MET A 370 -20.17 21.42 38.67
CA MET A 370 -18.77 21.77 38.90
C MET A 370 -18.74 23.17 39.50
N LYS A 371 -18.11 23.32 40.67
CA LYS A 371 -18.14 24.61 41.34
C LYS A 371 -17.46 25.66 40.47
N ASN A 372 -16.34 25.29 39.82
CA ASN A 372 -15.64 26.21 38.93
C ASN A 372 -16.19 26.21 37.52
N GLY A 373 -17.39 25.67 37.32
CA GLY A 373 -18.08 25.70 36.05
C GLY A 373 -19.04 26.85 35.89
N ARG A 374 -19.22 27.67 36.92
CA ARG A 374 -20.30 28.65 36.90
C ARG A 374 -20.07 29.69 35.81
N GLU A 375 -18.88 30.29 35.77
CA GLU A 375 -18.60 31.33 34.77
C GLU A 375 -18.94 30.84 33.37
N ASN A 376 -18.74 29.54 33.10
CA ASN A 376 -18.93 28.96 31.77
C ASN A 376 -20.39 28.67 31.44
N THR A 377 -21.19 28.18 32.40
CA THR A 377 -22.63 28.09 32.18
C THR A 377 -23.18 29.43 31.74
N ILE A 378 -22.79 30.49 32.44
CA ILE A 378 -23.27 31.83 32.13
C ILE A 378 -22.94 32.21 30.68
N SER A 379 -21.71 31.95 30.23
CA SER A 379 -21.36 32.39 28.88
C SER A 379 -22.04 31.51 27.83
N GLN A 380 -22.13 30.21 28.07
CA GLN A 380 -22.82 29.41 27.07
C GLN A 380 -24.30 29.75 27.03
N MET A 381 -24.90 30.10 28.17
CA MET A 381 -26.29 30.56 28.14
C MET A 381 -26.40 31.90 27.42
N LYS A 382 -25.49 32.84 27.71
CA LYS A 382 -25.52 34.11 27.01
C LYS A 382 -25.38 33.91 25.51
N GLU A 383 -24.37 33.16 25.08
CA GLU A 383 -24.18 32.87 23.66
C GLU A 383 -25.43 32.21 23.06
N LEU A 384 -25.98 31.22 23.75
CA LEU A 384 -27.12 30.49 23.22
C LEU A 384 -28.24 31.43 22.89
N ILE A 385 -28.64 32.27 23.85
CA ILE A 385 -29.80 33.15 23.64
C ILE A 385 -29.48 34.23 22.60
N VAL A 386 -28.32 34.88 22.72
CA VAL A 386 -27.97 35.93 21.77
C VAL A 386 -28.03 35.40 20.35
N GLN A 387 -27.50 34.20 20.12
CA GLN A 387 -27.40 33.69 18.76
C GLN A 387 -28.71 33.09 18.26
N ASN A 388 -29.65 32.76 19.14
CA ASN A 388 -30.86 32.07 18.69
C ASN A 388 -32.17 32.81 18.97
N TYR A 389 -32.12 33.98 19.63
CA TYR A 389 -33.29 34.76 20.02
C TYR A 389 -34.34 34.93 18.92
N ASN A 390 -33.92 35.00 17.64
CA ASN A 390 -34.88 35.27 16.57
C ASN A 390 -35.42 34.02 15.93
N HIS A 391 -35.19 32.84 16.51
CA HIS A 391 -35.67 31.62 15.90
C HIS A 391 -37.10 31.38 16.38
N PRO A 392 -38.13 31.63 15.54
CA PRO A 392 -39.50 31.48 16.05
C PRO A 392 -39.78 30.08 16.57
N SER A 393 -38.93 29.10 16.20
CA SER A 393 -39.15 27.72 16.56
C SER A 393 -38.72 27.39 17.98
N ILE A 394 -37.91 28.24 18.61
CA ILE A 394 -37.50 28.03 20.00
C ILE A 394 -38.55 28.66 20.91
N VAL A 395 -39.12 27.84 21.80
CA VAL A 395 -40.08 28.31 22.79
C VAL A 395 -39.60 28.14 24.23
N VAL A 396 -38.60 27.29 24.51
CA VAL A 396 -38.03 27.18 25.85
C VAL A 396 -36.51 27.21 25.80
N TRP A 397 -35.91 27.38 26.98
CA TRP A 397 -34.47 27.35 27.17
C TRP A 397 -34.15 26.37 28.29
N GLY A 398 -33.22 25.45 28.02
CA GLY A 398 -32.85 24.41 28.98
C GLY A 398 -31.74 24.83 29.92
N LEU A 399 -32.03 24.86 31.23
CA LEU A 399 -30.99 25.27 32.17
C LEU A 399 -29.97 24.16 32.42
N SER A 400 -30.39 22.90 32.44
CA SER A 400 -29.47 21.85 32.85
C SER A 400 -30.06 20.52 32.43
N ASN A 401 -29.29 19.45 32.69
CA ASN A 401 -29.74 18.08 32.40
C ASN A 401 -29.16 17.13 33.42
N GLU A 402 -30.03 16.38 34.10
CA GLU A 402 -29.63 15.31 35.02
C GLU A 402 -28.55 15.78 35.98
N ILE A 403 -28.74 16.98 36.52
CA ILE A 403 -27.66 17.66 37.22
C ILE A 403 -27.44 17.18 38.63
N THR A 404 -28.38 16.43 39.22
CA THR A 404 -28.21 15.93 40.59
C THR A 404 -29.35 15.00 40.95
N MET A 405 -29.07 14.13 41.93
CA MET A 405 -30.08 13.28 42.59
C MET A 405 -29.95 13.42 44.11
N SER A 406 -30.85 14.17 44.75
CA SER A 406 -30.82 14.40 46.20
C SER A 406 -31.90 15.36 46.69
N GLY A 407 -31.61 16.09 47.78
CA GLY A 407 -32.37 17.24 48.23
C GLY A 407 -31.51 18.34 48.88
N GLU A 411 -26.93 22.93 46.80
CA GLU A 411 -27.00 24.32 47.30
C GLU A 411 -26.28 25.37 46.47
N ASP A 412 -24.97 25.16 46.23
CA ASP A 412 -24.27 25.95 45.23
C ASP A 412 -24.84 25.67 43.82
N LEU A 413 -25.22 24.41 43.58
CA LEU A 413 -26.02 24.06 42.41
C LEU A 413 -27.28 24.91 42.34
N MET A 414 -27.87 25.25 43.48
CA MET A 414 -29.10 26.04 43.48
C MET A 414 -28.84 27.45 42.98
N GLU A 415 -27.89 28.15 43.60
CA GLU A 415 -27.67 29.53 43.23
C GLU A 415 -27.21 29.65 41.78
N ASN A 416 -26.45 28.68 41.30
CA ASN A 416 -26.12 28.64 39.87
C ASN A 416 -27.40 28.59 39.03
N HIS A 417 -28.29 27.64 39.35
CA HIS A 417 -29.54 27.53 38.61
C HIS A 417 -30.37 28.81 38.67
N HIS A 418 -30.30 29.55 39.77
CA HIS A 418 -31.01 30.82 39.80
C HIS A 418 -30.41 31.81 38.83
N ILE A 419 -29.08 31.92 38.81
CA ILE A 419 -28.40 32.90 37.95
C ILE A 419 -28.81 32.72 36.52
N LEU A 420 -28.82 31.46 36.05
CA LEU A 420 -29.22 31.17 34.68
C LEU A 420 -30.67 31.55 34.44
N ASN A 421 -31.55 31.08 35.33
CA ASN A 421 -32.97 31.37 35.21
C ASN A 421 -33.21 32.88 35.20
N ASP A 422 -32.65 33.61 36.18
CA ASP A 422 -32.76 35.06 36.17
C ASP A 422 -32.29 35.62 34.83
N LEU A 423 -31.15 35.10 34.35
CA LEU A 423 -30.57 35.54 33.10
C LEU A 423 -31.53 35.34 31.94
N ALA A 424 -31.97 34.10 31.73
CA ALA A 424 -32.84 33.82 30.59
C ALA A 424 -34.09 34.71 30.61
N HIS A 425 -34.60 35.02 31.80
CA HIS A 425 -35.76 35.89 31.91
C HIS A 425 -35.39 37.36 31.69
N GLU A 426 -34.24 37.78 32.22
CA GLU A 426 -33.78 39.16 32.01
C GLU A 426 -33.53 39.45 30.54
N MET A 427 -33.17 38.41 29.77
CA MET A 427 -32.78 38.64 28.39
C MET A 427 -33.87 38.31 27.38
N ASP A 428 -34.69 37.29 27.66
CA ASP A 428 -35.73 36.84 26.74
C ASP A 428 -37.03 36.51 27.48
N PRO A 429 -37.74 37.54 27.95
CA PRO A 429 -39.01 37.30 28.62
C PRO A 429 -40.12 36.84 27.69
N THR A 430 -39.78 36.52 26.44
CA THR A 430 -40.74 36.03 25.47
C THR A 430 -40.73 34.51 25.40
N ARG A 431 -39.96 33.85 26.27
CA ARG A 431 -39.78 32.40 26.24
C ARG A 431 -39.67 31.88 27.67
N LEU A 432 -39.75 30.57 27.83
CA LEU A 432 -39.90 29.95 29.13
C LEU A 432 -38.69 29.08 29.45
N THR A 433 -38.29 29.04 30.73
CA THR A 433 -37.19 28.16 31.10
C THR A 433 -37.70 26.77 31.50
N THR A 434 -36.88 25.76 31.17
CA THR A 434 -37.13 24.37 31.50
C THR A 434 -35.82 23.75 31.97
N MET A 435 -35.87 22.45 32.28
CA MET A 435 -34.69 21.65 32.56
C MET A 435 -35.12 20.20 32.58
N ALA A 436 -34.13 19.30 32.44
CA ALA A 436 -34.37 17.87 32.42
C ALA A 436 -33.81 17.29 33.70
N VAL A 437 -34.62 16.48 34.40
CA VAL A 437 -34.27 15.97 35.72
C VAL A 437 -34.02 14.46 35.62
N VAL A 438 -33.01 14.00 36.36
CA VAL A 438 -32.70 12.57 36.36
C VAL A 438 -33.84 11.81 37.02
N SER A 439 -34.13 10.62 36.50
CA SER A 439 -35.19 9.78 37.05
C SER A 439 -35.21 9.72 38.57
N MET A 440 -34.04 9.53 39.20
CA MET A 440 -33.95 9.25 40.64
C MET A 440 -34.16 10.47 41.52
N CYS A 441 -34.15 11.68 40.95
CA CYS A 441 -34.23 12.89 41.77
C CYS A 441 -35.63 13.06 42.35
N ASP A 442 -35.72 13.07 43.68
CA ASP A 442 -36.97 13.30 44.36
C ASP A 442 -37.64 14.57 43.86
N MET A 443 -38.94 14.49 43.58
CA MET A 443 -39.65 15.64 43.04
C MET A 443 -39.76 16.78 44.04
N HIS A 444 -39.45 16.53 45.31
CA HIS A 444 -39.40 17.56 46.33
C HIS A 444 -37.98 18.14 46.51
N ASN A 445 -37.09 17.96 45.54
CA ASN A 445 -35.81 18.66 45.57
C ASN A 445 -36.06 20.13 45.20
N PRO A 446 -35.70 21.09 46.06
CA PRO A 446 -36.07 22.48 45.79
C PRO A 446 -35.68 23.02 44.42
N TYR A 447 -34.61 22.52 43.82
CA TYR A 447 -34.17 23.08 42.54
C TYR A 447 -35.20 22.85 41.44
N ILE A 448 -36.07 21.85 41.60
CA ILE A 448 -37.19 21.65 40.69
C ILE A 448 -38.16 22.84 40.69
N GLN A 449 -38.17 23.65 41.74
CA GLN A 449 -39.08 24.78 41.83
C GLN A 449 -38.59 26.02 41.07
N ILE A 450 -37.45 25.94 40.39
CA ILE A 450 -36.78 27.12 39.81
C ILE A 450 -37.26 27.43 38.41
N PRO A 451 -37.22 26.50 37.45
CA PRO A 451 -37.65 26.84 36.09
C PRO A 451 -39.16 27.06 36.01
N ASP A 452 -39.59 27.58 34.85
CA ASP A 452 -41.00 27.77 34.58
C ASP A 452 -41.70 26.45 34.35
N VAL A 453 -41.03 25.50 33.69
CA VAL A 453 -41.57 24.17 33.45
C VAL A 453 -40.48 23.14 33.76
N VAL A 454 -40.85 21.88 33.62
CA VAL A 454 -40.01 20.78 34.09
C VAL A 454 -40.32 19.58 33.21
N SER A 455 -39.28 18.82 32.89
CA SER A 455 -39.44 17.50 32.34
C SER A 455 -38.49 16.56 33.05
N TYR A 456 -38.77 15.26 32.95
CA TYR A 456 -38.06 14.22 33.67
C TYR A 456 -37.51 13.21 32.68
N ASN A 457 -36.37 12.63 32.99
CA ASN A 457 -35.74 11.61 32.14
C ASN A 457 -35.98 10.26 32.79
N HIS A 458 -36.96 9.51 32.27
CA HIS A 458 -37.38 8.24 32.86
C HIS A 458 -37.20 7.08 31.89
N TYR A 459 -36.77 5.93 32.42
CA TYR A 459 -36.48 4.77 31.60
C TYR A 459 -37.12 3.51 32.17
N PHE A 460 -38.25 3.68 32.86
CA PHE A 460 -39.09 2.59 33.37
C PHE A 460 -39.45 1.65 32.25
N GLY A 461 -38.87 0.46 32.25
CA GLY A 461 -39.01 -0.46 31.14
C GLY A 461 -37.72 -0.69 30.37
N TRP A 462 -36.65 0.04 30.69
CA TRP A 462 -35.33 -0.26 30.16
C TRP A 462 -34.31 -0.46 31.30
N TYR A 463 -34.01 0.59 32.08
CA TYR A 463 -33.12 0.46 33.23
C TYR A 463 -33.96 0.04 34.44
N GLY A 464 -34.40 -1.22 34.40
CA GLY A 464 -35.27 -1.74 35.44
C GLY A 464 -36.63 -1.05 35.44
N GLY A 465 -37.48 -1.45 36.39
CA GLY A 465 -38.87 -1.07 36.38
C GLY A 465 -39.61 -1.78 35.25
N ASP A 466 -40.90 -1.51 35.15
CA ASP A 466 -41.70 -2.04 34.06
C ASP A 466 -42.34 -0.88 33.29
N THR A 467 -42.65 -1.13 32.01
CA THR A 467 -43.12 -0.08 31.12
C THR A 467 -44.44 0.55 31.56
N SER A 468 -45.10 0.03 32.57
CA SER A 468 -46.38 0.58 32.99
C SER A 468 -46.25 1.63 34.09
N MET A 469 -45.04 1.89 34.59
CA MET A 469 -44.87 2.86 35.68
C MET A 469 -44.86 4.30 35.18
N ASN A 470 -44.68 4.50 33.87
CA ASN A 470 -44.43 5.84 33.33
C ASN A 470 -45.66 6.73 33.46
N GLY A 471 -46.81 6.21 33.05
CA GLY A 471 -48.04 6.96 33.13
C GLY A 471 -48.39 7.35 34.55
N PRO A 472 -48.42 6.36 35.47
CA PRO A 472 -48.69 6.68 36.88
C PRO A 472 -47.66 7.62 37.51
N TRP A 473 -46.39 7.57 37.08
CA TRP A 473 -45.39 8.47 37.64
C TRP A 473 -45.73 9.92 37.34
N MET A 474 -46.04 10.22 36.09
CA MET A 474 -46.46 11.57 35.77
C MET A 474 -47.80 11.91 36.45
N ASP A 475 -48.68 10.91 36.63
CA ASP A 475 -49.90 11.15 37.40
C ASP A 475 -49.57 11.61 38.82
N GLU A 476 -48.53 11.05 39.44
CA GLU A 476 -48.21 11.43 40.81
C GLU A 476 -47.58 12.82 40.87
N PHE A 477 -46.70 13.12 39.93
CA PHE A 477 -46.12 14.47 39.91
C PHE A 477 -47.22 15.51 39.69
N HIS A 478 -48.19 15.22 38.82
CA HIS A 478 -49.25 16.17 38.53
C HIS A 478 -50.12 16.44 39.74
N LYS A 479 -50.41 15.40 40.55
CA LYS A 479 -51.21 15.58 41.77
C LYS A 479 -50.45 16.40 42.81
N GLU A 480 -49.21 16.00 43.15
CA GLU A 480 -48.45 16.69 44.20
C GLU A 480 -48.09 18.13 43.81
N PHE A 481 -47.98 18.43 42.49
CA PHE A 481 -47.50 19.74 42.03
C PHE A 481 -48.37 20.31 40.91
N PRO A 482 -49.69 20.40 41.12
CA PRO A 482 -50.60 20.68 39.99
C PRO A 482 -50.30 21.96 39.23
N LYS A 483 -49.40 22.82 39.69
CA LYS A 483 -49.18 24.10 39.03
C LYS A 483 -47.83 24.15 38.29
N ILE A 484 -47.08 23.05 38.28
CA ILE A 484 -45.78 22.90 37.63
C ILE A 484 -45.98 22.02 36.40
N PRO A 485 -46.03 22.59 35.19
CA PRO A 485 -46.20 21.75 33.99
C PRO A 485 -45.08 20.74 33.90
N ILE A 486 -45.45 19.45 33.79
CA ILE A 486 -44.50 18.35 33.84
C ILE A 486 -44.41 17.71 32.47
N GLY A 487 -43.18 17.47 32.00
CA GLY A 487 -42.95 16.82 30.74
C GLY A 487 -42.03 15.63 30.89
N MET A 488 -41.85 14.90 29.78
CA MET A 488 -40.90 13.79 29.74
C MET A 488 -39.84 14.19 28.72
N SER A 489 -38.71 14.71 29.20
CA SER A 489 -37.66 15.14 28.29
C SER A 489 -36.77 14.00 27.81
N GLU A 490 -36.83 12.83 28.44
CA GLU A 490 -36.11 11.66 27.94
C GLU A 490 -36.86 10.39 28.28
N TYR A 491 -37.00 9.50 27.30
CA TYR A 491 -37.46 8.14 27.50
C TYR A 491 -37.06 7.35 26.26
N GLY A 492 -36.69 6.10 26.44
CA GLY A 492 -36.22 5.34 25.32
C GLY A 492 -35.76 3.97 25.73
N CYS A 493 -35.48 3.16 24.71
CA CYS A 493 -35.08 1.78 24.88
C CYS A 493 -34.16 1.42 23.72
N GLU A 494 -33.12 0.64 24.00
CA GLU A 494 -32.11 0.28 23.00
C GLU A 494 -32.62 -0.76 22.02
N ALA A 495 -32.10 -0.70 20.79
CA ALA A 495 -32.43 -1.68 19.75
C ALA A 495 -31.26 -1.79 18.79
N LEU A 496 -30.95 -3.03 18.40
CA LEU A 496 -30.00 -3.29 17.32
C LEU A 496 -30.63 -4.32 16.39
N ASN A 497 -29.81 -4.98 15.59
CA ASN A 497 -30.33 -5.96 14.62
C ASN A 497 -30.45 -7.35 15.25
N TRP A 498 -31.02 -7.41 16.45
CA TRP A 498 -31.37 -8.63 17.15
C TRP A 498 -32.88 -8.82 17.17
N HIS A 499 -33.31 -10.06 17.36
CA HIS A 499 -34.72 -10.37 17.21
C HIS A 499 -35.11 -11.50 18.16
N THR A 500 -36.42 -11.65 18.35
CA THR A 500 -36.97 -12.66 19.25
C THR A 500 -38.46 -12.76 18.96
N SER A 501 -39.08 -13.81 19.50
CA SER A 501 -40.53 -13.90 19.62
C SER A 501 -40.98 -13.86 21.07
N ASP A 502 -40.06 -13.97 22.01
CA ASP A 502 -40.31 -13.60 23.40
C ASP A 502 -39.57 -12.29 23.67
N PRO A 503 -40.16 -11.14 23.32
CA PRO A 503 -39.48 -9.86 23.52
C PRO A 503 -39.51 -9.47 24.99
N LYS A 504 -38.32 -9.36 25.59
CA LYS A 504 -38.20 -9.02 27.01
C LYS A 504 -37.12 -7.97 27.15
N GLN A 505 -37.39 -6.95 27.96
CA GLN A 505 -36.43 -5.89 28.29
C GLN A 505 -35.06 -6.48 28.56
N GLY A 506 -34.05 -5.97 27.85
CA GLY A 506 -32.68 -6.41 28.02
C GLY A 506 -32.14 -7.31 26.93
N ASP A 507 -32.95 -7.71 25.94
CA ASP A 507 -32.47 -8.56 24.85
C ASP A 507 -31.99 -7.76 23.64
N TYR A 508 -32.16 -6.44 23.65
CA TYR A 508 -31.59 -5.53 22.65
C TYR A 508 -32.21 -5.73 21.28
N THR A 509 -33.43 -6.26 21.25
CA THR A 509 -34.11 -6.65 20.02
C THR A 509 -35.03 -5.53 19.51
N GLU A 510 -35.15 -5.45 18.19
CA GLU A 510 -36.04 -4.47 17.58
C GLU A 510 -37.48 -4.68 18.04
N GLU A 511 -37.82 -5.92 18.41
CA GLU A 511 -39.19 -6.22 18.80
C GLU A 511 -39.53 -5.63 20.15
N TYR A 512 -38.62 -5.72 21.12
CA TYR A 512 -38.97 -5.15 22.41
C TYR A 512 -39.05 -3.63 22.33
N GLN A 513 -38.24 -3.03 21.45
CA GLN A 513 -38.28 -1.58 21.31
C GLN A 513 -39.59 -1.12 20.67
N ALA A 514 -40.13 -1.92 19.75
CA ALA A 514 -41.47 -1.64 19.26
C ALA A 514 -42.46 -1.64 20.41
N HIS A 515 -42.52 -2.76 21.17
CA HIS A 515 -43.46 -2.85 22.28
C HIS A 515 -43.22 -1.72 23.29
N TYR A 516 -41.96 -1.51 23.68
CA TYR A 516 -41.67 -0.43 24.62
C TYR A 516 -42.33 0.85 24.17
N HIS A 517 -42.16 1.22 22.91
CA HIS A 517 -42.66 2.51 22.47
C HIS A 517 -44.16 2.48 22.25
N GLU A 518 -44.72 1.36 21.76
CA GLU A 518 -46.16 1.21 21.74
C GLU A 518 -46.73 1.54 23.12
N GLU A 519 -46.15 0.92 24.16
CA GLU A 519 -46.62 1.12 25.53
C GLU A 519 -46.47 2.57 25.98
N LEU A 520 -45.33 3.19 25.65
CA LEU A 520 -45.11 4.57 26.09
C LEU A 520 -46.05 5.54 25.38
N ILE A 521 -46.36 5.27 24.10
CA ILE A 521 -47.26 6.15 23.36
C ILE A 521 -48.65 6.13 23.98
N LYS A 522 -49.14 4.93 24.33
CA LYS A 522 -50.47 4.81 24.92
C LYS A 522 -50.56 5.56 26.23
N GLN A 523 -49.48 5.60 27.01
CA GLN A 523 -49.53 6.24 28.32
C GLN A 523 -49.24 7.74 28.28
N LEU A 524 -48.54 8.26 27.27
CA LEU A 524 -48.12 9.67 27.29
C LEU A 524 -48.88 10.55 26.31
N TYR A 525 -49.20 10.04 25.12
CA TYR A 525 -49.90 10.88 24.16
C TYR A 525 -51.33 11.13 24.57
N THR A 526 -51.83 10.31 25.49
CA THR A 526 -53.19 10.31 25.99
C THR A 526 -53.32 11.06 27.31
N ARG A 527 -52.38 11.95 27.62
CA ARG A 527 -52.41 12.71 28.86
C ARG A 527 -52.12 14.17 28.50
N PRO A 528 -53.16 14.96 28.29
CA PRO A 528 -52.98 16.37 27.92
C PRO A 528 -52.03 17.19 28.81
N TYR A 529 -51.93 16.90 30.11
CA TYR A 529 -51.17 17.79 31.00
C TYR A 529 -49.65 17.71 30.76
N ILE A 530 -49.16 16.54 30.33
CA ILE A 530 -47.79 16.36 29.86
C ILE A 530 -47.56 17.33 28.71
N TRP A 531 -46.74 18.34 28.92
CA TRP A 531 -46.69 19.39 27.90
C TRP A 531 -45.82 19.00 26.73
N ALA A 532 -44.84 18.12 26.93
CA ALA A 532 -43.95 17.68 25.86
C ALA A 532 -43.36 16.31 26.17
N THR A 533 -43.30 15.46 25.15
CA THR A 533 -42.57 14.23 25.25
C THR A 533 -41.48 14.24 24.18
N HIS A 534 -40.27 13.85 24.59
CA HIS A 534 -39.08 13.87 23.75
C HIS A 534 -38.43 12.50 23.79
N VAL A 535 -38.68 11.67 22.76
CA VAL A 535 -37.98 10.38 22.67
C VAL A 535 -36.48 10.58 22.84
N TRP A 536 -35.83 9.61 23.48
CA TRP A 536 -34.39 9.52 23.49
C TRP A 536 -34.00 8.23 22.78
N ASN A 537 -33.32 8.36 21.65
CA ASN A 537 -33.07 9.63 20.97
C ASN A 537 -33.55 9.32 19.55
N MET A 538 -33.66 10.32 18.66
CA MET A 538 -34.08 10.00 17.30
C MET A 538 -33.11 9.07 16.63
N PHE A 539 -31.83 9.23 16.92
CA PHE A 539 -30.78 8.54 16.19
C PHE A 539 -29.79 7.91 17.16
N ASP A 540 -29.32 6.72 16.80
CA ASP A 540 -28.10 6.19 17.38
C ASP A 540 -27.03 7.27 17.32
N PHE A 541 -26.22 7.35 18.37
CA PHE A 541 -25.13 8.31 18.39
C PHE A 541 -23.94 7.73 19.14
N ALA A 542 -22.83 8.43 19.06
CA ALA A 542 -21.59 7.88 19.56
C ALA A 542 -21.44 8.24 21.02
N ALA A 543 -21.17 7.22 21.84
CA ALA A 543 -20.80 7.35 23.25
C ALA A 543 -19.61 6.42 23.45
N ASP A 544 -18.41 6.98 23.38
CA ASP A 544 -17.22 6.13 23.24
C ASP A 544 -17.01 5.21 24.41
N ALA A 545 -17.55 5.54 25.58
CA ALA A 545 -17.30 4.73 26.77
C ALA A 545 -18.20 3.50 26.84
N ARG A 546 -19.35 3.50 26.19
CA ARG A 546 -20.30 2.41 26.34
C ARG A 546 -19.79 1.13 25.69
N ASN A 547 -20.05 0.00 26.34
CA ASN A 547 -19.84 -1.31 25.74
C ASN A 547 -21.13 -2.09 25.95
N GLU A 548 -21.98 -2.14 24.94
CA GLU A 548 -23.27 -2.78 25.11
C GLU A 548 -23.85 -3.12 23.74
N GLY A 549 -24.79 -4.06 23.75
CA GLY A 549 -25.60 -4.36 22.58
C GLY A 549 -24.98 -5.27 21.55
N GLY A 550 -23.65 -5.26 21.43
CA GLY A 550 -22.96 -5.99 20.38
C GLY A 550 -22.27 -5.10 19.39
N GLU A 551 -22.28 -3.79 19.63
CA GLU A 551 -21.49 -2.81 18.91
C GLU A 551 -21.10 -1.77 19.95
N ASN A 552 -19.85 -1.33 19.89
CA ASN A 552 -19.23 -0.63 20.99
C ASN A 552 -19.23 0.88 20.77
N GLY A 553 -19.12 1.61 21.87
CA GLY A 553 -19.02 3.05 21.77
C GLY A 553 -20.23 3.68 21.13
N MET A 554 -21.38 3.02 21.25
CA MET A 554 -22.61 3.46 20.62
C MET A 554 -23.73 3.42 21.63
N ASN A 555 -24.55 4.46 21.58
CA ASN A 555 -25.86 4.46 22.20
C ASN A 555 -26.85 4.12 21.11
N HIS A 556 -27.59 3.01 21.28
CA HIS A 556 -28.48 2.50 20.26
C HIS A 556 -29.95 2.76 20.55
N LYS A 557 -30.25 3.73 21.42
CA LYS A 557 -31.65 4.01 21.76
C LYS A 557 -32.40 4.75 20.65
N GLY A 558 -31.76 4.95 19.50
CA GLY A 558 -32.37 5.72 18.44
C GLY A 558 -33.53 5.00 17.80
N LEU A 559 -34.37 5.79 17.13
CA LEU A 559 -35.41 5.25 16.27
C LEU A 559 -34.88 4.97 14.87
N VAL A 560 -33.75 5.56 14.49
CA VAL A 560 -33.07 5.39 13.20
C VAL A 560 -31.59 5.14 13.45
N THR A 561 -30.96 4.37 12.56
CA THR A 561 -29.55 4.00 12.74
C THR A 561 -28.61 5.18 12.56
N PHE A 562 -27.38 5.00 13.08
CA PHE A 562 -26.35 6.03 13.07
C PHE A 562 -26.16 6.64 11.69
N ASP A 563 -26.09 5.79 10.66
CA ASP A 563 -25.89 6.30 9.30
C ASP A 563 -27.18 6.75 8.64
N ARG A 564 -28.30 6.83 9.37
CA ARG A 564 -29.58 7.37 8.93
C ARG A 564 -30.27 6.52 7.87
N LYS A 565 -29.68 5.39 7.51
CA LYS A 565 -30.13 4.58 6.39
C LYS A 565 -31.25 3.62 6.73
N TYR A 566 -31.53 3.38 8.02
CA TYR A 566 -32.52 2.37 8.42
C TYR A 566 -33.47 2.91 9.47
N LYS A 567 -34.77 2.82 9.19
CA LYS A 567 -35.82 3.24 10.11
C LYS A 567 -36.27 2.02 10.91
N LYS A 568 -35.97 2.02 12.21
CA LYS A 568 -36.42 0.93 13.06
C LYS A 568 -37.95 0.91 13.14
N ASP A 569 -38.49 -0.28 13.43
CA ASP A 569 -39.94 -0.42 13.54
C ASP A 569 -40.56 0.59 14.49
N ALA A 570 -39.88 0.91 15.60
CA ALA A 570 -40.44 1.87 16.55
C ALA A 570 -40.80 3.18 15.85
N PHE A 571 -39.95 3.59 14.91
CA PHE A 571 -40.18 4.82 14.14
C PHE A 571 -41.59 4.85 13.56
N TYR A 572 -42.05 3.73 12.99
CA TYR A 572 -43.36 3.71 12.35
C TYR A 572 -44.51 3.62 13.35
N ALA A 573 -44.26 3.15 14.56
CA ALA A 573 -45.27 3.30 15.61
C ALA A 573 -45.61 4.77 15.83
N TYR A 574 -44.59 5.63 15.97
CA TYR A 574 -44.86 7.05 16.15
C TYR A 574 -45.50 7.67 14.91
N LYS A 575 -45.16 7.18 13.72
CA LYS A 575 -45.78 7.74 12.52
C LYS A 575 -47.28 7.51 12.55
N ALA A 576 -47.70 6.36 13.06
CA ALA A 576 -49.11 6.01 13.08
C ALA A 576 -49.92 7.01 13.90
N TRP A 577 -49.32 7.58 14.97
CA TRP A 577 -50.01 8.58 15.78
C TRP A 577 -49.83 10.01 15.30
N LEU A 578 -48.68 10.35 14.72
CA LEU A 578 -48.28 11.74 14.56
C LEU A 578 -48.40 12.28 13.13
N SER A 579 -48.39 11.41 12.11
CA SER A 579 -48.22 11.83 10.74
C SER A 579 -49.52 11.71 9.95
N ASP A 580 -49.86 12.79 9.23
CA ASP A 580 -51.03 12.84 8.38
C ASP A 580 -50.78 12.30 6.97
N GLU A 581 -49.59 11.74 6.72
CA GLU A 581 -49.31 11.06 5.45
C GLU A 581 -49.71 9.60 5.57
N PRO A 582 -50.69 9.12 4.79
CA PRO A 582 -51.13 7.72 4.94
C PRO A 582 -50.01 6.74 4.60
N PHE A 583 -50.05 5.57 5.25
CA PHE A 583 -48.99 4.58 5.12
C PHE A 583 -49.43 3.33 5.86
N VAL A 584 -48.79 2.20 5.52
CA VAL A 584 -48.85 1.02 6.36
C VAL A 584 -47.45 0.43 6.47
N HIS A 585 -47.15 -0.12 7.64
CA HIS A 585 -45.85 -0.71 7.92
C HIS A 585 -46.04 -2.04 8.63
N ILE A 586 -45.54 -3.12 8.02
CA ILE A 586 -45.36 -4.40 8.69
C ILE A 586 -44.08 -4.37 9.53
N CYS A 587 -44.16 -4.85 10.75
CA CYS A 587 -42.99 -4.98 11.60
C CYS A 587 -42.28 -6.31 11.32
N GLY A 588 -41.04 -6.40 11.80
CA GLY A 588 -40.36 -7.68 11.75
C GLY A 588 -39.85 -8.06 10.38
N LYS A 589 -39.78 -7.10 9.45
CA LYS A 589 -39.26 -7.41 8.13
C LYS A 589 -37.91 -8.07 8.20
N ARG A 590 -37.12 -7.76 9.23
CA ARG A 590 -35.76 -8.32 9.33
C ARG A 590 -35.73 -9.64 10.08
N TYR A 591 -36.81 -10.01 10.77
CA TYR A 591 -36.98 -11.30 11.43
C TYR A 591 -37.67 -12.21 10.43
N VAL A 592 -36.89 -12.90 9.60
CA VAL A 592 -37.46 -13.70 8.50
C VAL A 592 -37.61 -15.16 8.90
N ASP A 593 -36.55 -15.79 9.43
CA ASP A 593 -36.62 -17.17 9.89
C ASP A 593 -37.18 -17.20 11.32
N ARG A 594 -38.23 -17.99 11.54
CA ARG A 594 -38.93 -18.00 12.83
C ARG A 594 -39.25 -19.42 13.26
N VAL A 595 -38.95 -19.73 14.54
CA VAL A 595 -39.31 -21.02 15.11
C VAL A 595 -40.58 -20.85 15.93
N GLU A 596 -41.71 -20.73 15.25
CA GLU A 596 -43.02 -21.05 15.81
C GLU A 596 -43.84 -21.65 14.69
N ASN A 597 -45.06 -22.08 15.02
CA ASN A 597 -45.98 -22.54 14.00
C ASN A 597 -46.93 -21.42 13.57
N VAL A 598 -47.35 -20.56 14.51
CA VAL A 598 -48.07 -19.33 14.19
C VAL A 598 -47.38 -18.16 14.87
N THR A 599 -47.14 -17.09 14.12
CA THR A 599 -46.26 -16.01 14.53
C THR A 599 -46.98 -14.69 14.63
N LYS A 600 -46.56 -13.89 15.60
CA LYS A 600 -47.23 -12.65 15.95
C LYS A 600 -46.54 -11.48 15.23
N VAL A 601 -47.14 -11.07 14.12
CA VAL A 601 -46.68 -9.95 13.30
C VAL A 601 -47.53 -8.74 13.64
N THR A 602 -46.92 -7.71 14.23
CA THR A 602 -47.60 -6.43 14.36
C THR A 602 -47.59 -5.70 13.02
N VAL A 603 -48.63 -4.89 12.79
CA VAL A 603 -48.64 -3.92 11.71
C VAL A 603 -48.99 -2.55 12.31
N TYR A 604 -48.42 -1.49 11.74
CA TYR A 604 -48.75 -0.11 12.13
C TYR A 604 -49.41 0.60 10.95
N SER A 605 -50.42 1.42 11.24
CA SER A 605 -50.97 2.30 10.21
C SER A 605 -51.75 3.44 10.84
N ASN A 606 -51.92 4.51 10.06
CA ASN A 606 -52.84 5.60 10.37
C ASN A 606 -54.06 5.55 9.47
N GLN A 607 -54.40 4.37 8.96
CA GLN A 607 -55.66 4.09 8.30
C GLN A 607 -56.56 3.27 9.24
N LYS A 608 -57.87 3.29 8.98
CA LYS A 608 -58.83 2.74 9.93
C LYS A 608 -58.80 1.21 9.97
N THR A 609 -58.71 0.56 8.81
CA THR A 609 -58.81 -0.89 8.68
C THR A 609 -57.62 -1.41 7.89
N VAL A 610 -56.94 -2.45 8.42
CA VAL A 610 -55.86 -3.11 7.70
C VAL A 610 -56.15 -4.61 7.60
N GLU A 611 -55.74 -5.20 6.49
CA GLU A 611 -55.94 -6.62 6.20
C GLU A 611 -54.59 -7.26 5.93
N LEU A 612 -54.30 -8.39 6.58
CA LEU A 612 -53.03 -9.09 6.41
C LEU A 612 -53.22 -10.36 5.60
N PHE A 613 -52.41 -10.51 4.53
CA PHE A 613 -52.47 -11.64 3.62
C PHE A 613 -51.22 -12.50 3.76
N ALA A 614 -51.40 -13.82 3.82
CA ALA A 614 -50.30 -14.79 3.84
C ALA A 614 -50.38 -15.63 2.57
N ASN A 615 -49.43 -15.42 1.65
CA ASN A 615 -49.41 -16.10 0.35
C ASN A 615 -50.73 -15.89 -0.41
N GLY A 616 -51.29 -14.68 -0.30
CA GLY A 616 -52.52 -14.35 -0.98
C GLY A 616 -53.78 -14.58 -0.18
N GLU A 617 -53.72 -15.37 0.90
CA GLU A 617 -54.89 -15.70 1.72
C GLU A 617 -55.09 -14.66 2.80
N SER A 618 -56.32 -14.18 2.97
CA SER A 618 -56.61 -13.20 4.02
C SER A 618 -56.62 -13.85 5.40
N LEU A 619 -56.26 -13.05 6.40
CA LEU A 619 -56.35 -13.43 7.81
C LEU A 619 -57.39 -12.62 8.58
N GLY A 620 -58.06 -11.69 7.92
CA GLY A 620 -59.07 -10.90 8.60
C GLY A 620 -58.84 -9.41 8.43
N LYS A 621 -59.93 -8.64 8.51
CA LYS A 621 -59.88 -7.18 8.52
C LYS A 621 -59.94 -6.73 9.97
N LYS A 622 -58.79 -6.30 10.50
CA LYS A 622 -58.74 -5.75 11.84
C LYS A 622 -58.76 -4.23 11.80
N GLU A 623 -59.28 -3.63 12.88
CA GLU A 623 -59.29 -2.20 13.10
C GLU A 623 -58.72 -1.95 14.49
N ALA A 624 -58.05 -0.81 14.66
CA ALA A 624 -57.38 -0.55 15.93
C ALA A 624 -57.48 0.91 16.29
N SER A 625 -57.75 1.15 17.57
CA SER A 625 -57.84 2.49 18.14
C SER A 625 -56.47 3.04 18.47
N ASP A 626 -55.53 2.17 18.88
CA ASP A 626 -54.19 2.61 19.20
C ASP A 626 -53.26 2.55 17.98
N HIS A 627 -53.79 2.30 16.79
CA HIS A 627 -53.07 2.23 15.51
C HIS A 627 -52.12 1.04 15.43
N PHE A 628 -52.08 0.17 16.45
CA PHE A 628 -51.23 -1.01 16.47
C PHE A 628 -52.09 -2.24 16.20
N PHE A 629 -52.08 -2.70 14.95
CA PHE A 629 -52.82 -3.90 14.53
C PHE A 629 -51.96 -5.15 14.77
N TYR A 630 -52.45 -6.06 15.62
CA TYR A 630 -51.75 -7.31 15.88
C TYR A 630 -52.38 -8.46 15.09
N PHE A 631 -51.56 -9.44 14.72
CA PHE A 631 -52.01 -10.48 13.82
C PHE A 631 -51.42 -11.83 14.19
N GLU A 632 -52.07 -12.88 13.69
CA GLU A 632 -51.67 -14.27 13.92
C GLU A 632 -51.50 -14.94 12.56
N VAL A 633 -50.25 -15.21 12.19
CA VAL A 633 -49.93 -15.75 10.87
C VAL A 633 -49.48 -17.19 11.03
N PRO A 634 -50.13 -18.15 10.37
CA PRO A 634 -49.58 -19.52 10.30
C PRO A 634 -48.29 -19.54 9.48
N ASN A 635 -47.27 -20.19 10.03
CA ASN A 635 -45.89 -20.15 9.54
C ASN A 635 -45.53 -21.51 8.93
N HIS A 636 -45.83 -21.67 7.64
CA HIS A 636 -45.51 -22.88 6.89
C HIS A 636 -44.63 -22.51 5.70
N GLY A 637 -43.44 -23.11 5.63
CA GLY A 637 -42.55 -22.86 4.52
C GLY A 637 -42.30 -21.39 4.29
N GLU A 638 -42.19 -21.00 3.03
CA GLU A 638 -42.14 -19.58 2.70
C GLU A 638 -43.55 -19.00 2.75
N THR A 639 -43.67 -17.77 3.28
CA THR A 639 -44.96 -17.08 3.41
C THR A 639 -44.78 -15.60 3.08
N LYS A 640 -44.95 -15.23 1.81
CA LYS A 640 -44.88 -13.82 1.40
C LYS A 640 -46.10 -13.08 1.94
N LEU A 641 -45.87 -12.19 2.91
CA LEU A 641 -46.93 -11.46 3.58
C LEU A 641 -47.19 -10.12 2.91
N LEU A 642 -48.47 -9.76 2.80
CA LEU A 642 -48.92 -8.53 2.16
C LEU A 642 -49.99 -7.89 3.04
N ALA A 643 -49.88 -6.57 3.23
CA ALA A 643 -50.86 -5.82 4.02
C ALA A 643 -51.36 -4.63 3.21
N VAL A 644 -52.67 -4.58 2.99
CA VAL A 644 -53.35 -3.47 2.33
C VAL A 644 -54.12 -2.68 3.37
N ALA A 645 -54.16 -1.34 3.20
CA ALA A 645 -54.96 -0.46 4.06
C ALA A 645 -55.38 0.75 3.23
N GLY A 646 -56.57 0.69 2.63
CA GLY A 646 -56.99 1.68 1.66
C GLY A 646 -56.16 1.66 0.39
N GLU A 647 -55.55 2.80 0.06
CA GLU A 647 -54.61 2.83 -1.05
C GLU A 647 -53.30 2.13 -0.73
N CYS A 648 -52.85 2.23 0.54
CA CYS A 648 -51.49 1.89 0.94
C CYS A 648 -51.26 0.38 1.03
N ARG A 649 -50.08 -0.07 0.60
CA ARG A 649 -49.67 -1.47 0.61
C ARG A 649 -48.24 -1.61 1.11
N ASP A 650 -47.98 -2.74 1.80
CA ASP A 650 -46.63 -3.04 2.30
C ASP A 650 -46.38 -4.54 2.33
N GLU A 651 -45.29 -4.98 1.69
CA GLU A 651 -44.94 -6.40 1.61
C GLU A 651 -43.92 -6.79 2.68
N SER A 652 -43.95 -8.08 3.04
CA SER A 652 -42.97 -8.69 3.93
C SER A 652 -42.89 -10.18 3.62
N PHE A 653 -41.79 -10.81 4.05
CA PHE A 653 -41.57 -12.23 3.79
C PHE A 653 -41.24 -12.93 5.10
N ILE A 654 -41.37 -14.26 5.08
CA ILE A 654 -41.14 -15.11 6.25
C ILE A 654 -40.76 -16.50 5.77
N LYS A 655 -40.19 -17.31 6.67
CA LYS A 655 -39.84 -18.68 6.37
C LYS A 655 -39.97 -19.49 7.67
N LYS A 656 -40.01 -20.82 7.54
CA LYS A 656 -40.13 -21.72 8.69
C LYS A 656 -38.88 -22.59 8.81
N VAL A 657 -38.19 -22.46 9.94
CA VAL A 657 -37.07 -23.32 10.31
C VAL A 657 -37.29 -23.75 11.74
N GLU A 658 -36.62 -24.84 12.14
CA GLU A 658 -36.69 -25.29 13.53
C GLU A 658 -35.41 -25.00 14.30
N LYS A 659 -34.39 -24.46 13.64
CA LYS A 659 -33.18 -23.98 14.28
C LYS A 659 -33.31 -22.47 14.46
N PHE A 660 -33.43 -22.01 15.71
CA PHE A 660 -33.49 -20.58 15.96
C PHE A 660 -32.23 -19.93 15.45
N ASN A 661 -32.32 -19.24 14.30
CA ASN A 661 -31.18 -18.63 13.62
C ASN A 661 -30.41 -17.71 14.57
N GLU A 662 -29.15 -18.05 14.84
CA GLU A 662 -28.45 -17.49 15.99
C GLU A 662 -27.80 -16.12 15.72
N ALA A 663 -28.07 -15.52 14.56
CA ALA A 663 -27.70 -14.12 14.35
C ALA A 663 -28.74 -13.16 14.91
N TYR A 664 -29.53 -13.63 15.89
CA TYR A 664 -30.58 -12.83 16.49
C TYR A 664 -30.34 -12.74 18.01
N ILE B 27 38.30 6.21 1.02
CA ILE B 27 38.20 4.99 1.85
C ILE B 27 38.60 5.23 3.32
N PHE B 28 37.75 4.74 4.21
CA PHE B 28 37.86 4.95 5.65
C PHE B 28 37.42 3.64 6.27
N ASN B 29 38.37 2.89 6.82
CA ASN B 29 38.07 1.54 7.29
C ASN B 29 37.27 1.61 8.60
N LEU B 30 36.23 0.79 8.71
CA LEU B 30 35.27 0.89 9.80
C LEU B 30 35.33 -0.33 10.71
N ASN B 31 36.52 -0.89 10.93
CA ASN B 31 36.62 -2.20 11.56
C ASN B 31 36.59 -2.16 13.09
N GLU B 32 36.89 -1.02 13.71
CA GLU B 32 37.15 -1.00 15.14
C GLU B 32 35.90 -0.80 15.97
N LYS B 33 35.79 -1.57 17.04
CA LYS B 33 34.81 -1.37 18.11
C LYS B 33 33.37 -1.22 17.61
N TRP B 34 32.79 -2.35 17.21
CA TRP B 34 31.36 -2.52 17.08
C TRP B 34 30.81 -3.12 18.38
N ALA B 35 29.68 -2.60 18.85
CA ALA B 35 28.89 -3.36 19.80
C ALA B 35 28.26 -4.54 19.08
N PHE B 36 28.02 -5.62 19.81
CA PHE B 36 27.52 -6.87 19.24
C PHE B 36 26.64 -7.56 20.28
N SER B 37 25.66 -8.33 19.80
CA SER B 37 24.74 -9.02 20.70
C SER B 37 24.19 -10.26 20.00
N LYS B 38 24.27 -11.43 20.68
CA LYS B 38 23.42 -12.57 20.37
C LYS B 38 22.03 -12.43 20.98
N GLU B 39 21.90 -11.61 22.02
CA GLU B 39 20.69 -11.60 22.82
C GLU B 39 19.60 -10.72 22.21
N ALA B 40 19.99 -9.55 21.70
CA ALA B 40 19.05 -8.61 21.10
C ALA B 40 18.19 -9.28 20.03
N ILE B 41 16.92 -8.89 19.95
CA ILE B 41 16.00 -9.47 18.98
C ILE B 41 15.51 -8.45 17.97
N LYS B 42 15.89 -7.20 18.12
CA LYS B 42 15.57 -6.13 17.17
C LYS B 42 16.68 -5.09 17.29
N PRO B 43 16.90 -4.29 16.26
CA PRO B 43 17.95 -3.25 16.32
C PRO B 43 17.71 -2.29 17.47
N PRO B 44 18.74 -1.95 18.23
CA PRO B 44 18.57 -0.92 19.25
C PRO B 44 18.12 0.38 18.60
N VAL B 45 17.53 1.25 19.41
CA VAL B 45 17.08 2.53 18.87
C VAL B 45 18.09 3.63 19.16
N ALA B 46 18.90 3.49 20.22
CA ALA B 46 20.07 4.33 20.45
C ALA B 46 21.29 3.43 20.59
N MET B 47 22.47 3.98 20.30
CA MET B 47 23.74 3.28 20.45
C MET B 47 23.73 2.49 21.76
N PRO B 48 23.75 1.16 21.70
CA PRO B 48 23.65 0.39 22.95
C PRO B 48 24.87 0.63 23.81
N GLN B 49 24.67 0.52 25.13
CA GLN B 49 25.75 0.78 26.08
C GLN B 49 26.22 -0.44 26.86
N ASN B 50 25.46 -1.53 26.86
CA ASN B 50 25.86 -2.74 27.56
C ASN B 50 26.08 -3.91 26.62
N TRP B 51 26.52 -3.67 25.39
CA TRP B 51 26.77 -4.76 24.47
C TRP B 51 28.24 -5.16 24.49
N TYR B 52 28.52 -6.30 23.90
CA TYR B 52 29.89 -6.79 23.88
C TYR B 52 30.64 -6.10 22.74
N TRP B 53 31.85 -5.62 23.01
CA TRP B 53 32.65 -4.95 22.00
C TRP B 53 33.47 -5.97 21.24
N VAL B 54 33.49 -5.85 19.91
CA VAL B 54 34.31 -6.69 19.04
C VAL B 54 35.00 -5.82 18.01
N ASN B 55 36.12 -6.31 17.48
CA ASN B 55 36.82 -5.64 16.38
C ASN B 55 36.61 -6.43 15.09
N LEU B 56 36.39 -5.74 13.97
CA LEU B 56 36.32 -6.52 12.74
C LEU B 56 37.72 -6.94 12.24
N PRO B 57 37.83 -8.12 11.64
CA PRO B 57 36.87 -9.15 11.24
C PRO B 57 36.32 -9.97 12.40
N HIS B 58 35.04 -10.32 12.37
CA HIS B 58 34.43 -11.00 13.51
C HIS B 58 33.55 -12.14 13.04
N THR B 59 33.47 -13.17 13.88
CA THR B 59 32.48 -14.22 13.75
C THR B 59 32.08 -14.64 15.15
N TRP B 60 30.79 -14.84 15.38
CA TRP B 60 30.36 -15.35 16.67
C TRP B 60 30.39 -16.86 16.73
N ASN B 61 31.05 -17.51 15.76
CA ASN B 61 31.07 -18.97 15.69
C ASN B 61 32.48 -19.55 15.77
N ALA B 62 33.46 -18.74 16.17
CA ALA B 62 34.86 -19.19 16.16
C ALA B 62 35.12 -20.29 17.19
N ILE B 63 34.48 -20.25 18.35
CA ILE B 63 34.66 -21.29 19.36
C ILE B 63 33.69 -22.42 19.16
N ASP B 64 32.39 -22.11 19.06
CA ASP B 64 31.39 -23.18 19.09
C ASP B 64 31.22 -23.84 17.75
N GLY B 65 31.82 -23.32 16.71
CA GLY B 65 31.73 -23.93 15.40
C GLY B 65 32.90 -24.81 15.04
N GLN B 66 33.84 -25.02 15.98
CA GLN B 66 35.02 -25.84 15.78
C GLN B 66 35.12 -26.95 16.83
N ASP B 67 34.06 -27.21 17.60
CA ASP B 67 34.15 -28.09 18.75
C ASP B 67 33.22 -29.29 18.71
N GLY B 68 32.38 -29.42 17.70
CA GLY B 68 31.57 -30.62 17.54
C GLY B 68 30.18 -30.44 18.08
N GLY B 69 29.44 -31.55 18.07
CA GLY B 69 28.11 -31.59 18.66
C GLY B 69 27.02 -30.85 17.93
N ASN B 70 27.33 -30.27 16.77
CA ASN B 70 26.33 -29.63 15.91
C ASN B 70 25.53 -28.58 16.67
N ASP B 71 26.23 -27.78 17.47
CA ASP B 71 25.54 -26.84 18.33
C ASP B 71 25.87 -25.38 18.07
N TYR B 72 26.54 -25.06 16.96
CA TYR B 72 26.94 -23.67 16.76
C TYR B 72 25.72 -22.80 16.46
N TYR B 73 25.66 -21.66 17.15
CA TYR B 73 24.49 -20.79 17.14
C TYR B 73 24.20 -20.27 15.75
N ARG B 74 22.97 -20.51 15.29
CA ARG B 74 22.49 -19.97 14.03
C ARG B 74 21.28 -19.12 14.32
N GLY B 75 21.33 -17.86 13.88
CA GLY B 75 20.26 -16.95 14.19
C GLY B 75 20.60 -15.55 13.72
N THR B 76 19.83 -14.59 14.19
CA THR B 76 20.09 -13.19 13.86
C THR B 76 20.81 -12.58 15.04
N CYS B 77 21.90 -11.89 14.76
CA CYS B 77 22.65 -11.14 15.77
C CYS B 77 22.86 -9.73 15.25
N PHE B 78 23.21 -8.82 16.16
CA PHE B 78 23.21 -7.41 15.83
C PHE B 78 24.56 -6.78 16.14
N TYR B 79 25.07 -6.05 15.16
CA TYR B 79 26.21 -5.17 15.29
C TYR B 79 25.71 -3.73 15.25
N ALA B 80 26.27 -2.89 16.10
CA ALA B 80 25.87 -1.49 16.13
C ALA B 80 27.09 -0.61 16.33
N LYS B 81 27.15 0.51 15.60
CA LYS B 81 28.28 1.41 15.72
C LYS B 81 27.83 2.82 15.32
N GLU B 82 28.40 3.83 15.99
CA GLU B 82 28.12 5.23 15.67
C GLU B 82 29.23 5.81 14.81
N VAL B 83 28.86 6.77 13.95
CA VAL B 83 29.75 7.34 12.94
C VAL B 83 29.49 8.83 12.87
N GLN B 84 30.53 9.63 13.07
CA GLN B 84 30.43 11.08 12.96
C GLN B 84 30.65 11.47 11.53
N LYS B 85 29.75 12.29 10.98
CA LYS B 85 29.97 12.75 9.60
C LYS B 85 31.25 13.54 9.49
N GLU B 86 31.57 14.31 10.54
CA GLU B 86 32.79 15.11 10.59
C GLU B 86 34.03 14.27 10.31
N GLU B 87 34.20 13.15 11.01
CA GLU B 87 35.45 12.38 10.93
C GLU B 87 35.62 11.61 9.63
N LEU B 88 34.56 11.51 8.78
CA LEU B 88 34.66 10.83 7.49
C LEU B 88 35.40 11.69 6.46
N PRO B 89 36.08 11.07 5.50
CA PRO B 89 36.71 11.86 4.42
C PRO B 89 35.65 12.59 3.60
N GLU B 90 36.10 13.67 2.97
CA GLU B 90 35.19 14.62 2.35
C GLU B 90 34.71 14.08 1.02
N GLY B 91 33.42 14.25 0.76
CA GLY B 91 32.82 13.66 -0.40
C GLY B 91 31.38 14.09 -0.55
N GLU B 92 30.88 13.90 -1.76
CA GLU B 92 29.50 14.24 -2.09
C GLU B 92 28.55 13.10 -1.79
N GLN B 93 28.99 11.86 -1.99
CA GLN B 93 28.20 10.69 -1.66
C GLN B 93 29.03 9.73 -0.82
N TYR B 94 28.38 9.01 0.11
CA TYR B 94 29.08 8.08 1.00
C TYR B 94 28.52 6.67 0.85
N TYR B 95 29.40 5.68 0.73
CA TYR B 95 28.97 4.30 0.63
C TYR B 95 29.48 3.49 1.82
N LEU B 96 28.67 2.54 2.30
CA LEU B 96 29.14 1.48 3.17
C LEU B 96 29.53 0.26 2.35
N GLU B 97 30.75 -0.23 2.54
CA GLU B 97 31.25 -1.39 1.81
C GLU B 97 31.44 -2.59 2.73
N PHE B 98 31.00 -3.76 2.27
CA PHE B 98 31.01 -4.99 3.04
C PHE B 98 31.71 -6.06 2.24
N LEU B 99 32.85 -6.54 2.73
CA LEU B 99 33.59 -7.58 2.04
C LEU B 99 33.06 -9.00 2.34
N GLY B 100 32.30 -9.17 3.40
CA GLY B 100 31.89 -10.50 3.76
C GLY B 100 31.05 -10.47 5.00
N VAL B 101 29.77 -10.82 4.87
CA VAL B 101 28.79 -10.85 5.97
C VAL B 101 27.97 -12.13 5.82
N ASN B 102 28.27 -13.15 6.62
CA ASN B 102 27.67 -14.47 6.45
C ASN B 102 26.51 -14.65 7.44
N ALA B 103 25.30 -14.91 6.96
CA ALA B 103 24.97 -15.21 5.55
C ALA B 103 24.12 -14.13 4.91
N SER B 104 23.11 -13.64 5.63
CA SER B 104 22.27 -12.56 5.13
C SER B 104 22.33 -11.37 6.08
N ALA B 105 22.07 -10.18 5.56
CA ALA B 105 22.23 -8.98 6.39
C ALA B 105 21.18 -7.94 6.04
N ASP B 106 20.85 -7.11 7.05
CA ASP B 106 20.02 -5.92 6.92
C ASP B 106 20.76 -4.73 7.53
N VAL B 107 20.85 -3.62 6.79
CA VAL B 107 21.59 -2.44 7.25
C VAL B 107 20.58 -1.32 7.53
N TYR B 108 20.63 -0.78 8.74
CA TYR B 108 19.79 0.33 9.18
C TYR B 108 20.70 1.51 9.48
N VAL B 109 20.38 2.69 8.94
CA VAL B 109 21.05 3.93 9.34
C VAL B 109 20.04 4.82 10.05
N ASN B 110 20.28 5.11 11.33
CA ASN B 110 19.47 6.05 12.09
C ASN B 110 18.02 5.63 12.20
N GLY B 111 17.74 4.33 12.26
CA GLY B 111 16.40 3.84 12.49
C GLY B 111 15.73 3.26 11.26
N ASN B 112 16.17 3.63 10.06
CA ASN B 112 15.54 3.24 8.81
C ASN B 112 16.33 2.16 8.10
N HIS B 113 15.63 1.15 7.60
CA HIS B 113 16.30 0.12 6.81
C HIS B 113 16.68 0.67 5.44
N LEU B 114 17.94 0.44 5.03
CA LEU B 114 18.48 0.94 3.76
C LEU B 114 18.61 -0.14 2.68
N ASP B 115 19.20 -1.29 2.98
CA ASP B 115 19.39 -2.33 1.99
C ASP B 115 19.41 -3.70 2.65
N HIS B 116 19.34 -4.73 1.81
CA HIS B 116 19.37 -6.11 2.21
C HIS B 116 20.30 -6.85 1.27
N HIS B 117 20.96 -7.89 1.78
CA HIS B 117 21.86 -8.70 0.98
C HIS B 117 21.73 -10.17 1.38
N ASP B 118 21.89 -11.06 0.40
CA ASP B 118 21.86 -12.52 0.61
C ASP B 118 23.06 -13.18 -0.06
N GLY B 119 24.23 -13.04 0.54
CA GLY B 119 25.33 -13.86 0.14
C GLY B 119 26.44 -13.73 1.14
N GLY B 120 26.80 -14.84 1.76
CA GLY B 120 27.84 -14.76 2.77
C GLY B 120 29.25 -14.52 2.24
N TYR B 121 29.47 -14.42 0.94
CA TYR B 121 30.84 -14.52 0.46
C TYR B 121 31.26 -13.46 -0.53
N SER B 122 30.40 -12.51 -0.88
CA SER B 122 30.66 -11.50 -1.90
C SER B 122 30.64 -10.11 -1.30
N THR B 123 31.16 -9.15 -2.06
CA THR B 123 31.13 -7.75 -1.68
C THR B 123 29.74 -7.17 -1.99
N TRP B 124 29.31 -6.19 -1.20
CA TRP B 124 28.14 -5.41 -1.56
C TRP B 124 28.23 -4.06 -0.88
N ARG B 125 27.51 -3.09 -1.43
CA ARG B 125 27.60 -1.73 -0.95
C ARG B 125 26.19 -1.19 -0.83
N VAL B 126 25.99 -0.31 0.13
CA VAL B 126 24.73 0.41 0.21
C VAL B 126 25.05 1.89 0.31
N ASN B 127 24.36 2.69 -0.50
CA ASN B 127 24.58 4.13 -0.56
C ASN B 127 23.77 4.77 0.56
N MET B 128 24.46 5.43 1.49
CA MET B 128 23.84 5.98 2.68
C MET B 128 23.90 7.51 2.70
N THR B 129 24.05 8.11 1.51
CA THR B 129 24.27 9.55 1.42
C THR B 129 23.09 10.33 1.98
N ASP B 130 21.87 10.00 1.55
CA ASP B 130 20.69 10.71 2.05
C ASP B 130 20.37 10.38 3.52
N ALA B 131 20.89 9.28 4.06
CA ALA B 131 20.56 8.90 5.42
C ALA B 131 21.48 9.54 6.46
N LEU B 132 22.69 9.94 6.04
CA LEU B 132 23.64 10.56 6.97
C LEU B 132 23.20 11.96 7.35
N THR B 133 22.96 12.17 8.63
CA THR B 133 22.79 13.50 9.18
C THR B 133 24.15 14.04 9.61
N ASP B 134 24.17 15.32 10.00
CA ASP B 134 25.36 15.90 10.59
C ASP B 134 25.33 15.64 12.08
N GLY B 135 26.40 15.06 12.61
CA GLY B 135 26.38 14.57 13.96
C GLY B 135 26.48 13.05 14.00
N LYS B 136 26.00 12.48 15.12
CA LYS B 136 26.23 11.06 15.38
C LYS B 136 25.23 10.22 14.61
N ASN B 137 25.73 9.24 13.88
CA ASN B 137 24.91 8.41 13.00
C ASN B 137 24.94 6.96 13.47
N LEU B 138 23.76 6.41 13.77
CA LEU B 138 23.65 5.04 14.30
C LEU B 138 23.53 4.07 13.13
N ILE B 139 24.58 3.25 12.93
CA ILE B 139 24.56 2.17 11.95
C ILE B 139 24.28 0.88 12.70
N VAL B 140 23.30 0.11 12.25
CA VAL B 140 22.98 -1.19 12.83
C VAL B 140 22.91 -2.21 11.70
N VAL B 141 23.61 -3.34 11.88
CA VAL B 141 23.63 -4.43 10.92
C VAL B 141 23.06 -5.65 11.62
N ALA B 142 22.09 -6.30 11.00
CA ALA B 142 21.57 -7.55 11.53
C ALA B 142 22.10 -8.65 10.64
N VAL B 143 22.87 -9.57 11.21
CA VAL B 143 23.50 -10.64 10.44
C VAL B 143 22.79 -11.94 10.76
N ASP B 144 22.53 -12.73 9.72
CA ASP B 144 21.70 -13.92 9.89
C ASP B 144 22.37 -15.12 9.24
N ASN B 145 22.58 -16.18 10.02
CA ASN B 145 23.06 -17.45 9.47
C ASN B 145 22.15 -18.60 9.88
N SER B 146 20.89 -18.32 10.22
CA SER B 146 19.92 -19.36 10.50
C SER B 146 19.40 -19.97 9.21
N ALA B 147 18.83 -21.17 9.32
CA ALA B 147 18.45 -21.92 8.12
C ALA B 147 17.30 -21.25 7.40
N ASN B 148 17.34 -21.29 6.08
CA ASN B 148 16.18 -20.96 5.26
C ASN B 148 16.29 -21.73 3.95
N ASP B 149 15.35 -21.49 3.05
CA ASP B 149 15.23 -22.25 1.80
C ASP B 149 15.43 -21.36 0.59
N ARG B 150 16.07 -20.21 0.78
CA ARG B 150 16.26 -19.26 -0.29
C ARG B 150 17.71 -18.89 -0.59
N VAL B 151 18.64 -18.99 0.38
CA VAL B 151 20.03 -18.56 0.18
C VAL B 151 21.00 -19.70 0.42
N TYR B 152 21.86 -19.98 -0.60
CA TYR B 152 22.88 -21.01 -0.51
C TYR B 152 24.11 -20.50 0.25
N PRO B 153 24.79 -21.37 0.99
CA PRO B 153 24.62 -22.81 1.20
C PRO B 153 23.69 -23.15 2.35
N GLN B 154 23.11 -24.34 2.34
CA GLN B 154 22.22 -24.71 3.43
C GLN B 154 22.52 -26.12 3.93
N LYS B 155 22.69 -27.06 3.02
CA LYS B 155 23.09 -28.43 3.35
C LYS B 155 24.53 -28.57 2.92
N ALA B 156 25.42 -28.75 3.88
CA ALA B 156 26.83 -28.75 3.54
C ALA B 156 27.60 -29.29 4.72
N ASP B 157 28.84 -29.67 4.43
CA ASP B 157 29.80 -30.27 5.35
C ASP B 157 30.77 -29.21 5.88
N PHE B 158 30.32 -28.02 6.26
CA PHE B 158 31.26 -27.06 6.82
C PHE B 158 30.51 -26.02 7.62
N THR B 159 31.18 -25.43 8.60
CA THR B 159 30.48 -24.50 9.47
C THR B 159 30.23 -23.18 8.74
N PHE B 160 28.99 -22.66 8.84
CA PHE B 160 28.62 -21.36 8.27
C PHE B 160 28.86 -20.28 9.32
N TYR B 161 30.14 -20.06 9.62
CA TYR B 161 30.55 -18.98 10.51
C TYR B 161 29.75 -17.73 10.21
N GLY B 162 28.92 -17.31 11.17
CA GLY B 162 28.15 -16.11 10.99
C GLY B 162 28.88 -14.89 11.50
N GLY B 163 28.63 -13.77 10.87
CA GLY B 163 29.21 -12.54 11.34
C GLY B 163 29.73 -11.71 10.19
N MET B 164 30.35 -10.58 10.54
CA MET B 164 31.01 -9.73 9.56
C MET B 164 32.48 -10.10 9.63
N TYR B 165 32.83 -11.16 8.90
CA TYR B 165 34.14 -11.76 9.03
C TYR B 165 35.16 -11.19 8.05
N ARG B 166 34.77 -10.30 7.14
CA ARG B 166 35.72 -9.52 6.36
C ARG B 166 35.47 -8.04 6.60
N ASP B 167 36.41 -7.21 6.15
CA ASP B 167 36.42 -5.80 6.48
C ASP B 167 35.10 -5.11 6.10
N VAL B 168 34.77 -4.04 6.85
CA VAL B 168 33.70 -3.12 6.51
C VAL B 168 34.31 -1.73 6.31
N ASN B 169 33.86 -1.02 5.26
CA ASN B 169 34.45 0.25 4.86
C ASN B 169 33.39 1.31 4.59
N ILE B 170 33.83 2.55 4.73
CA ILE B 170 33.12 3.69 4.18
C ILE B 170 33.91 4.20 3.00
N ILE B 171 33.22 4.70 1.97
CA ILE B 171 33.85 5.20 0.76
C ILE B 171 33.26 6.57 0.46
N ALA B 172 34.07 7.62 0.59
CA ALA B 172 33.70 8.95 0.11
C ALA B 172 34.06 9.05 -1.36
N VAL B 173 33.23 9.76 -2.12
CA VAL B 173 33.28 9.68 -3.58
C VAL B 173 32.57 10.92 -4.15
N ASN B 174 32.86 11.23 -5.41
CA ASN B 174 32.20 12.36 -6.04
C ASN B 174 30.87 11.91 -6.63
N LYS B 175 29.98 12.89 -6.87
CA LYS B 175 28.70 12.58 -7.52
C LYS B 175 28.93 11.80 -8.81
N SER B 176 29.99 12.15 -9.54
CA SER B 176 30.47 11.37 -10.68
C SER B 176 31.54 10.41 -10.18
N HIS B 177 31.40 9.12 -10.55
CA HIS B 177 32.32 8.09 -10.06
C HIS B 177 32.05 6.81 -10.84
N PHE B 178 33.05 5.92 -10.89
CA PHE B 178 32.86 4.63 -11.54
C PHE B 178 31.94 3.76 -10.69
N ASP B 179 31.29 2.81 -11.35
CA ASP B 179 30.07 2.20 -10.83
C ASP B 179 30.32 1.41 -9.55
N LEU B 180 29.72 1.88 -8.45
CA LEU B 180 29.80 1.24 -7.14
C LEU B 180 28.63 0.33 -6.82
N ASP B 181 27.62 0.25 -7.70
CA ASP B 181 26.38 -0.44 -7.38
C ASP B 181 26.11 -1.67 -8.23
N TYR B 182 26.84 -1.90 -9.31
CA TYR B 182 26.56 -3.10 -10.11
C TYR B 182 27.23 -4.33 -9.47
N TYR B 183 26.51 -4.97 -8.55
CA TYR B 183 26.84 -6.30 -8.02
C TYR B 183 28.22 -6.37 -7.37
N GLY B 184 28.60 -5.33 -6.63
CA GLY B 184 29.83 -5.33 -5.86
C GLY B 184 31.08 -4.94 -6.63
N GLY B 185 31.00 -4.85 -7.96
CA GLY B 185 32.12 -4.46 -8.78
C GLY B 185 32.53 -3.04 -8.53
N ASN B 186 33.64 -2.66 -9.17
CA ASN B 186 34.24 -1.35 -9.02
C ASN B 186 34.05 -0.50 -10.26
N GLY B 187 33.54 -1.08 -11.35
CA GLY B 187 33.30 -0.36 -12.57
C GLY B 187 34.35 -0.48 -13.66
N LEU B 188 35.26 -1.45 -13.57
CA LEU B 188 36.31 -1.63 -14.55
C LEU B 188 36.29 -3.07 -15.05
N LYS B 189 36.28 -3.24 -16.37
CA LYS B 189 36.22 -4.56 -17.00
C LYS B 189 37.31 -4.63 -18.07
N VAL B 190 38.27 -5.55 -17.88
CA VAL B 190 39.56 -5.54 -18.60
C VAL B 190 39.78 -6.93 -19.21
N THR B 191 39.67 -7.01 -20.53
CA THR B 191 39.71 -8.29 -21.24
C THR B 191 40.88 -8.33 -22.21
N PRO B 192 41.97 -9.04 -21.91
CA PRO B 192 43.09 -9.07 -22.85
C PRO B 192 42.86 -10.07 -23.97
N GLU B 193 43.33 -9.73 -25.16
CA GLU B 193 43.42 -10.67 -26.27
C GLU B 193 44.88 -10.83 -26.68
N VAL B 194 45.27 -12.07 -26.98
CA VAL B 194 46.65 -12.38 -27.35
C VAL B 194 46.80 -12.32 -28.86
N ALA B 195 47.67 -11.42 -29.33
CA ALA B 195 47.93 -11.24 -30.76
C ALA B 195 49.43 -11.35 -31.00
N ASP B 196 49.93 -12.59 -30.97
CA ASP B 196 51.35 -12.94 -31.24
C ASP B 196 52.21 -12.17 -30.24
N LYS B 197 53.28 -11.50 -30.67
CA LYS B 197 54.09 -10.75 -29.71
C LYS B 197 53.34 -9.55 -29.12
N ASN B 198 52.08 -9.32 -29.48
CA ASN B 198 51.27 -8.20 -29.00
C ASN B 198 50.06 -8.68 -28.23
N ALA B 199 49.43 -7.76 -27.49
CA ALA B 199 48.20 -8.06 -26.76
C ALA B 199 47.16 -6.96 -26.98
N LYS B 200 45.92 -7.37 -27.26
CA LYS B 200 44.81 -6.43 -27.45
C LYS B 200 44.00 -6.34 -26.15
N ILE B 201 44.07 -5.19 -25.49
CA ILE B 201 43.52 -5.01 -24.15
C ILE B 201 42.15 -4.34 -24.28
N ALA B 202 41.09 -5.14 -24.30
CA ALA B 202 39.74 -4.60 -24.22
C ALA B 202 39.48 -4.06 -22.80
N VAL B 203 39.11 -2.79 -22.70
CA VAL B 203 38.92 -2.11 -21.42
C VAL B 203 37.61 -1.34 -21.47
N GLU B 204 36.62 -1.79 -20.70
CA GLU B 204 35.34 -1.11 -20.60
C GLU B 204 35.14 -0.59 -19.18
N VAL B 205 34.68 0.65 -19.06
CA VAL B 205 34.30 1.20 -17.77
C VAL B 205 32.78 1.31 -17.71
N PHE B 206 32.26 1.61 -16.52
CA PHE B 206 30.85 1.89 -16.27
C PHE B 206 30.77 3.01 -15.25
N LEU B 207 29.96 4.04 -15.53
CA LEU B 207 29.93 5.23 -14.70
C LEU B 207 28.54 5.48 -14.15
N SER B 208 28.48 6.39 -13.17
CA SER B 208 27.25 6.83 -12.52
C SER B 208 27.37 8.32 -12.22
N GLY B 209 26.39 9.11 -12.64
CA GLY B 209 26.43 10.53 -12.38
C GLY B 209 27.32 11.30 -13.31
N GLU B 210 27.56 10.78 -14.51
CA GLU B 210 28.49 11.38 -15.44
C GLU B 210 27.94 12.69 -16.01
N LYS B 211 28.85 13.59 -16.35
CA LYS B 211 28.53 14.83 -17.04
C LYS B 211 29.16 14.82 -18.43
N ALA B 212 28.65 15.67 -19.32
CA ALA B 212 29.08 15.62 -20.72
C ALA B 212 30.41 16.32 -20.97
N GLY B 213 30.86 17.19 -20.06
CA GLY B 213 32.19 17.75 -20.20
C GLY B 213 33.32 16.80 -19.81
N GLN B 214 33.00 15.74 -19.06
CA GLN B 214 34.04 14.88 -18.51
C GLN B 214 34.74 14.09 -19.60
N GLN B 215 35.84 13.46 -19.20
CA GLN B 215 36.71 12.71 -20.11
C GLN B 215 37.41 11.62 -19.30
N LEU B 216 37.58 10.46 -19.92
CA LEU B 216 38.28 9.33 -19.35
C LEU B 216 39.68 9.24 -19.90
N VAL B 217 40.68 9.18 -19.01
CA VAL B 217 42.06 8.98 -19.43
C VAL B 217 42.50 7.57 -19.03
N TYR B 218 42.34 6.60 -19.94
CA TYR B 218 42.82 5.25 -19.68
C TYR B 218 44.35 5.23 -19.54
N GLN B 219 44.89 4.15 -18.95
CA GLN B 219 46.32 4.07 -18.63
C GLN B 219 46.76 2.66 -18.26
N ILE B 220 47.68 2.07 -19.01
CA ILE B 220 48.28 0.78 -18.64
C ILE B 220 49.73 1.00 -18.21
N THR B 221 50.14 0.36 -17.10
CA THR B 221 51.54 0.36 -16.71
C THR B 221 52.06 -1.07 -16.62
N ASP B 222 53.38 -1.15 -16.48
CA ASP B 222 54.18 -2.36 -16.43
C ASP B 222 54.56 -2.63 -14.98
N ALA B 223 55.13 -3.82 -14.75
CA ALA B 223 55.45 -4.25 -13.39
C ALA B 223 56.34 -3.25 -12.67
N GLU B 224 56.93 -2.30 -13.40
CA GLU B 224 57.75 -1.29 -12.75
C GLU B 224 57.05 0.05 -12.63
N GLY B 225 55.93 0.25 -13.32
CA GLY B 225 55.15 1.44 -13.17
C GLY B 225 55.26 2.49 -14.28
N VAL B 226 55.71 2.09 -15.46
CA VAL B 226 55.96 3.03 -16.54
C VAL B 226 55.03 2.68 -17.70
N LEU B 227 54.39 3.71 -18.28
CA LEU B 227 53.29 3.50 -19.21
C LEU B 227 53.66 2.50 -20.30
N ALA B 228 52.75 1.58 -20.57
CA ALA B 228 52.80 0.76 -21.78
C ALA B 228 51.71 1.12 -22.80
N ALA B 229 50.72 1.93 -22.42
CA ALA B 229 49.74 2.49 -23.34
C ALA B 229 49.04 3.65 -22.63
N GLU B 230 48.18 4.34 -23.39
CA GLU B 230 47.36 5.45 -22.90
C GLU B 230 46.33 5.77 -24.00
N THR B 231 45.23 6.39 -23.59
CA THR B 231 44.17 6.86 -24.48
C THR B 231 43.36 7.91 -23.75
N LYS B 232 43.18 9.08 -24.35
CA LYS B 232 42.39 10.14 -23.73
C LYS B 232 41.15 10.39 -24.60
N THR B 233 39.99 9.98 -24.10
CA THR B 233 38.71 10.27 -24.73
C THR B 233 37.82 11.00 -23.74
N GLY B 234 36.63 11.40 -24.22
CA GLY B 234 35.55 11.79 -23.34
C GLY B 234 34.66 10.61 -23.00
N ILE B 235 33.70 10.85 -22.10
CA ILE B 235 33.00 9.73 -21.50
C ILE B 235 32.06 9.05 -22.48
N SER B 236 31.87 9.61 -23.68
CA SER B 236 31.11 8.89 -24.69
C SER B 236 31.74 7.53 -25.03
N ASP B 237 33.07 7.43 -25.00
CA ASP B 237 33.75 6.18 -25.32
C ASP B 237 34.07 5.47 -24.01
N LYS B 238 33.21 4.51 -23.64
CA LYS B 238 33.41 3.70 -22.44
C LYS B 238 34.03 2.33 -22.74
N GLN B 239 33.93 1.85 -23.97
CA GLN B 239 34.55 0.61 -24.38
C GLN B 239 35.64 0.96 -25.39
N VAL B 240 36.90 0.84 -24.93
CA VAL B 240 38.09 1.34 -25.59
C VAL B 240 39.07 0.18 -25.71
N ASN B 241 40.05 0.31 -26.60
CA ASN B 241 41.03 -0.74 -26.82
C ASN B 241 42.42 -0.12 -26.84
N LEU B 242 43.29 -0.63 -25.97
CA LEU B 242 44.69 -0.22 -25.86
C LEU B 242 45.56 -1.41 -26.25
N GLU B 243 46.74 -1.12 -26.78
CA GLU B 243 47.63 -2.16 -27.28
C GLU B 243 48.93 -2.19 -26.49
N ILE B 244 49.40 -3.39 -26.21
CA ILE B 244 50.67 -3.62 -25.55
C ILE B 244 51.61 -4.25 -26.57
N THR B 245 52.68 -3.54 -26.91
CA THR B 245 53.67 -4.04 -27.86
C THR B 245 54.69 -4.88 -27.12
N ASP B 246 54.95 -6.08 -27.64
CA ASP B 246 55.89 -7.01 -27.03
C ASP B 246 55.43 -7.28 -25.62
N VAL B 247 54.41 -8.13 -25.49
CA VAL B 247 53.68 -8.30 -24.25
C VAL B 247 54.36 -9.35 -23.38
N HIS B 248 54.23 -9.18 -22.08
CA HIS B 248 54.71 -10.14 -21.10
C HIS B 248 53.53 -11.02 -20.68
N LEU B 249 53.56 -12.29 -21.08
CA LEU B 249 52.46 -13.20 -20.78
C LEU B 249 52.52 -13.72 -19.34
N TRP B 250 51.36 -13.77 -18.69
CA TRP B 250 51.17 -14.41 -17.40
C TRP B 250 51.27 -15.92 -17.59
N ASN B 251 52.44 -16.49 -17.35
CA ASN B 251 52.62 -17.89 -17.71
C ASN B 251 52.79 -18.74 -16.45
N GLY B 252 51.78 -18.72 -15.58
CA GLY B 252 51.73 -19.64 -14.44
C GLY B 252 52.78 -19.35 -13.38
N ARG B 253 53.20 -20.43 -12.71
CA ARG B 253 54.24 -20.30 -11.71
C ARG B 253 55.56 -19.87 -12.36
N LYS B 254 55.83 -20.35 -13.58
CA LYS B 254 57.08 -20.04 -14.26
C LYS B 254 57.30 -18.53 -14.35
N ASP B 255 56.25 -17.78 -14.65
CA ASP B 255 56.35 -16.32 -14.78
C ASP B 255 54.98 -15.67 -14.68
N PRO B 256 54.57 -15.30 -13.52
CA PRO B 256 53.21 -14.73 -13.39
C PRO B 256 53.21 -13.21 -13.50
N TYR B 257 53.46 -12.71 -14.72
CA TYR B 257 53.61 -11.27 -14.94
C TYR B 257 52.26 -10.54 -14.90
N LEU B 258 52.24 -9.36 -14.28
CA LEU B 258 51.00 -8.66 -14.00
C LEU B 258 51.11 -7.19 -14.38
N TYR B 259 50.33 -6.78 -15.38
CA TYR B 259 50.18 -5.36 -15.66
C TYR B 259 49.10 -4.75 -14.77
N THR B 260 49.04 -3.42 -14.76
CA THR B 260 48.06 -2.68 -13.98
C THR B 260 47.38 -1.65 -14.87
N ALA B 261 46.05 -1.71 -14.94
CA ALA B 261 45.22 -0.80 -15.72
C ALA B 261 44.55 0.21 -14.78
N THR B 262 44.76 1.50 -15.05
CA THR B 262 44.18 2.60 -14.28
C THR B 262 43.33 3.48 -15.21
N VAL B 263 42.13 3.86 -14.74
CA VAL B 263 41.27 4.76 -15.50
C VAL B 263 40.93 5.95 -14.62
N ARG B 264 41.42 7.13 -14.99
CA ARG B 264 41.10 8.35 -14.27
C ARG B 264 39.94 9.08 -14.94
N LEU B 265 39.21 9.87 -14.15
CA LEU B 265 38.06 10.65 -14.60
C LEU B 265 38.38 12.12 -14.37
N MET B 266 38.57 12.86 -15.46
CA MET B 266 38.93 14.28 -15.42
C MET B 266 37.69 15.12 -15.70
N GLU B 267 37.42 16.10 -14.83
CA GLU B 267 36.38 17.10 -15.03
C GLU B 267 37.07 18.45 -14.89
N ASP B 268 37.37 19.07 -16.03
CA ASP B 268 38.28 20.21 -16.18
C ASP B 268 39.73 19.74 -15.99
N GLY B 269 40.48 20.44 -15.17
CA GLY B 269 41.85 20.02 -14.94
C GLY B 269 42.07 19.05 -13.80
N VAL B 270 41.01 18.58 -13.14
CA VAL B 270 41.14 17.73 -11.96
C VAL B 270 40.69 16.32 -12.31
N CYS B 271 41.57 15.35 -12.10
CA CYS B 271 41.13 13.99 -11.87
C CYS B 271 40.21 13.98 -10.65
N ILE B 272 39.00 13.46 -10.82
CA ILE B 272 37.99 13.47 -9.75
C ILE B 272 37.55 12.08 -9.33
N ASP B 273 37.86 11.05 -10.10
CA ASP B 273 37.70 9.68 -9.64
C ASP B 273 38.67 8.79 -10.39
N SER B 274 39.15 7.76 -9.71
CA SER B 274 40.15 6.86 -10.26
C SER B 274 39.78 5.44 -9.88
N VAL B 275 40.01 4.49 -10.78
CA VAL B 275 39.79 3.08 -10.47
C VAL B 275 40.90 2.24 -11.09
N SER B 276 41.46 1.34 -10.30
CA SER B 276 42.61 0.55 -10.70
C SER B 276 42.31 -0.94 -10.64
N THR B 277 43.13 -1.72 -11.33
CA THR B 277 43.17 -3.16 -11.16
C THR B 277 44.44 -3.73 -11.80
N ARG B 278 44.93 -4.83 -11.23
CA ARG B 278 45.99 -5.59 -11.86
C ARG B 278 45.36 -6.62 -12.79
N PHE B 279 46.09 -7.03 -13.83
CA PHE B 279 45.58 -8.05 -14.74
C PHE B 279 46.70 -8.84 -15.38
N GLY B 280 46.30 -9.89 -16.10
CA GLY B 280 47.22 -10.77 -16.78
C GLY B 280 46.78 -11.17 -18.17
N CYS B 281 47.73 -11.17 -19.12
CA CYS B 281 47.49 -11.59 -20.49
C CYS B 281 47.87 -13.05 -20.63
N ARG B 282 46.90 -13.89 -21.05
CA ARG B 282 47.12 -15.33 -21.14
C ARG B 282 45.98 -15.95 -21.93
N THR B 283 46.29 -17.04 -22.62
CA THR B 283 45.31 -17.89 -23.27
C THR B 283 45.30 -19.21 -22.54
N PHE B 284 44.25 -19.98 -22.75
CA PHE B 284 44.25 -21.32 -22.19
C PHE B 284 43.24 -22.12 -22.99
N THR B 285 43.33 -23.43 -22.83
CA THR B 285 42.54 -24.36 -23.65
C THR B 285 42.52 -25.68 -22.90
N ILE B 286 41.33 -26.27 -22.80
CA ILE B 286 41.23 -27.54 -22.09
C ILE B 286 40.95 -28.66 -23.09
N ASP B 287 42.03 -29.32 -23.56
CA ASP B 287 41.96 -30.37 -24.57
C ASP B 287 41.39 -31.64 -23.95
N PRO B 288 40.43 -32.28 -24.62
CA PRO B 288 39.82 -33.47 -24.02
C PRO B 288 40.76 -34.64 -23.96
N ASP B 289 41.84 -34.62 -24.74
CA ASP B 289 42.79 -35.73 -24.81
C ASP B 289 44.13 -35.42 -24.17
N LYS B 290 44.51 -34.15 -24.14
CA LYS B 290 45.86 -33.74 -23.76
C LYS B 290 45.85 -32.80 -22.54
N GLY B 291 44.70 -32.59 -21.91
CA GLY B 291 44.63 -31.82 -20.68
C GLY B 291 44.73 -30.31 -20.86
N PHE B 292 45.15 -29.67 -19.77
CA PHE B 292 45.12 -28.22 -19.70
C PHE B 292 46.31 -27.61 -20.43
N PHE B 293 46.07 -26.50 -21.14
CA PHE B 293 47.10 -25.84 -21.93
C PHE B 293 47.15 -24.37 -21.55
N LEU B 294 48.33 -23.91 -21.14
CA LEU B 294 48.53 -22.53 -20.76
C LEU B 294 49.40 -21.87 -21.82
N ASN B 295 48.83 -20.90 -22.54
CA ASN B 295 49.56 -20.11 -23.51
C ASN B 295 50.20 -20.96 -24.62
N GLY B 296 49.55 -22.05 -24.99
CA GLY B 296 50.11 -22.92 -26.02
C GLY B 296 50.65 -24.23 -25.50
N ASN B 297 51.51 -24.20 -24.49
CA ASN B 297 52.16 -25.40 -24.00
C ASN B 297 51.33 -26.09 -22.94
N SER B 298 51.54 -27.41 -22.82
CA SER B 298 50.86 -28.20 -21.81
C SER B 298 51.26 -27.76 -20.40
N TYR B 299 50.26 -27.62 -19.53
CA TYR B 299 50.43 -27.09 -18.18
C TYR B 299 49.50 -27.87 -17.26
N PRO B 300 49.83 -29.16 -16.96
CA PRO B 300 48.90 -29.95 -16.14
C PRO B 300 48.58 -29.25 -14.85
N LEU B 301 47.30 -28.96 -14.67
CA LEU B 301 46.77 -28.45 -13.42
C LEU B 301 46.67 -29.62 -12.44
N ARG B 302 47.51 -29.57 -11.39
CA ARG B 302 47.54 -30.55 -10.30
C ARG B 302 47.74 -29.79 -8.99
N GLY B 303 46.85 -30.04 -8.02
CA GLY B 303 46.70 -29.12 -6.90
C GLY B 303 45.59 -29.58 -5.96
N VAL B 304 45.02 -28.61 -5.21
CA VAL B 304 44.19 -28.87 -4.03
C VAL B 304 43.00 -27.91 -3.95
N SER B 305 42.13 -28.15 -2.96
CA SER B 305 41.04 -27.26 -2.54
C SER B 305 41.39 -26.64 -1.19
N ARG B 306 40.77 -25.48 -0.90
CA ARG B 306 41.00 -24.80 0.37
C ARG B 306 39.72 -24.17 0.89
N HIS B 307 39.36 -24.48 2.14
CA HIS B 307 38.34 -23.70 2.85
C HIS B 307 38.98 -22.46 3.48
N GLN B 308 38.16 -21.45 3.76
CA GLN B 308 38.65 -20.14 4.21
C GLN B 308 38.62 -19.99 5.73
N ASP B 309 38.85 -21.06 6.48
CA ASP B 309 38.93 -20.91 7.93
C ASP B 309 40.24 -21.50 8.45
N ARG B 310 40.37 -21.46 9.77
CA ARG B 310 41.61 -21.78 10.45
C ARG B 310 41.28 -21.98 11.92
N ALA B 311 41.97 -22.93 12.55
CA ALA B 311 41.88 -23.12 13.99
C ALA B 311 41.91 -21.80 14.73
N GLY B 312 40.94 -21.60 15.62
CA GLY B 312 40.96 -20.46 16.51
C GLY B 312 40.21 -19.25 15.99
N ASN B 313 40.61 -18.74 14.82
CA ASN B 313 39.94 -17.58 14.25
C ASN B 313 38.66 -17.92 13.50
N GLY B 314 38.40 -19.20 13.22
CA GLY B 314 37.30 -19.52 12.32
C GLY B 314 37.56 -18.91 10.96
N ASN B 315 36.55 -18.23 10.38
CA ASN B 315 36.67 -17.60 9.07
C ASN B 315 36.97 -16.11 9.16
N ALA B 316 37.25 -15.63 10.36
CA ALA B 316 37.64 -14.24 10.56
C ALA B 316 39.16 -14.21 10.41
N LEU B 317 39.61 -14.16 9.15
CA LEU B 317 41.02 -14.30 8.79
C LEU B 317 41.65 -12.95 8.52
N LEU B 318 42.90 -12.86 8.87
CA LEU B 318 43.72 -11.69 8.63
C LEU B 318 44.61 -11.92 7.42
N PRO B 319 45.21 -10.88 6.86
CA PRO B 319 46.03 -11.08 5.65
C PRO B 319 47.14 -12.11 5.80
N GLU B 320 47.87 -12.12 6.91
CA GLU B 320 48.94 -13.10 7.05
C GLU B 320 48.42 -14.53 6.98
N HIS B 321 47.16 -14.77 7.34
CA HIS B 321 46.64 -16.12 7.21
C HIS B 321 46.54 -16.52 5.75
N HIS B 322 46.03 -15.60 4.91
CA HIS B 322 45.96 -15.87 3.49
C HIS B 322 47.35 -16.17 2.96
N ARG B 323 48.32 -15.31 3.30
CA ARG B 323 49.70 -15.53 2.89
C ARG B 323 50.18 -16.91 3.32
N GLU B 324 49.89 -17.30 4.57
CA GLU B 324 50.41 -18.57 5.04
C GLU B 324 49.83 -19.74 4.24
N ASP B 325 48.58 -19.64 3.80
CA ASP B 325 47.97 -20.74 3.05
C ASP B 325 48.54 -20.81 1.62
N ILE B 326 48.68 -19.65 0.96
CA ILE B 326 49.32 -19.63 -0.35
C ILE B 326 50.72 -20.24 -0.27
N ASP B 327 51.55 -19.70 0.64
CA ASP B 327 52.94 -20.16 0.72
C ASP B 327 53.01 -21.64 0.99
N LEU B 328 52.14 -22.15 1.87
CA LEU B 328 52.13 -23.58 2.10
C LEU B 328 51.79 -24.32 0.83
N ILE B 329 50.86 -23.78 0.03
CA ILE B 329 50.39 -24.46 -1.16
C ILE B 329 51.45 -24.42 -2.24
N CYS B 330 52.04 -23.24 -2.47
CA CYS B 330 53.20 -23.14 -3.36
C CYS B 330 54.32 -24.10 -2.91
N GLU B 331 54.66 -24.08 -1.62
CA GLU B 331 55.70 -24.96 -1.13
C GLU B 331 55.43 -26.42 -1.48
N MET B 332 54.18 -26.80 -1.62
CA MET B 332 53.88 -28.18 -1.98
C MET B 332 53.95 -28.43 -3.48
N GLY B 333 54.12 -27.39 -4.29
CA GLY B 333 54.19 -27.51 -5.74
C GLY B 333 52.88 -27.48 -6.50
N ALA B 334 51.75 -27.20 -5.85
CA ALA B 334 50.47 -27.23 -6.54
C ALA B 334 50.40 -26.17 -7.62
N THR B 335 49.74 -26.51 -8.73
CA THR B 335 49.49 -25.52 -9.78
C THR B 335 48.04 -25.10 -9.88
N THR B 336 47.12 -25.82 -9.25
CA THR B 336 45.73 -25.41 -9.21
C THR B 336 45.20 -25.39 -7.77
N ILE B 337 44.38 -24.38 -7.46
CA ILE B 337 43.51 -24.42 -6.27
C ILE B 337 42.05 -24.33 -6.71
N ARG B 338 41.23 -25.24 -6.18
CA ARG B 338 39.77 -25.16 -6.31
C ARG B 338 39.21 -24.50 -5.04
N LEU B 339 38.95 -23.20 -5.11
CA LEU B 339 38.35 -22.48 -4.00
C LEU B 339 36.89 -22.88 -3.80
N ALA B 340 36.65 -24.14 -3.46
CA ALA B 340 35.36 -24.53 -2.92
C ALA B 340 35.10 -23.73 -1.65
N HIS B 341 33.83 -23.56 -1.29
CA HIS B 341 32.62 -23.86 -2.06
C HIS B 341 31.88 -22.54 -2.25
N TYR B 342 32.59 -21.44 -2.48
CA TYR B 342 32.02 -20.10 -2.38
C TYR B 342 33.11 -19.11 -2.77
N GLN B 343 32.69 -17.90 -3.15
CA GLN B 343 33.67 -16.85 -3.45
C GLN B 343 34.52 -16.57 -2.22
N HIS B 344 35.85 -16.66 -2.39
CA HIS B 344 36.81 -16.35 -1.33
C HIS B 344 37.11 -14.85 -1.32
N ALA B 345 38.15 -14.48 -0.59
CA ALA B 345 38.47 -13.08 -0.40
C ALA B 345 39.29 -12.53 -1.55
N GLN B 346 39.12 -11.24 -1.82
CA GLN B 346 39.91 -10.60 -2.88
C GLN B 346 41.41 -10.70 -2.60
N TYR B 347 41.82 -10.46 -1.35
CA TYR B 347 43.23 -10.58 -1.01
C TYR B 347 43.78 -11.94 -1.45
N PHE B 348 42.96 -12.98 -1.43
CA PHE B 348 43.47 -14.31 -1.74
C PHE B 348 43.56 -14.51 -3.25
N TYR B 349 42.53 -14.11 -4.00
CA TYR B 349 42.66 -14.09 -5.46
C TYR B 349 43.88 -13.27 -5.88
N ASP B 350 44.01 -12.07 -5.32
CA ASP B 350 45.20 -11.25 -5.55
C ASP B 350 46.49 -12.04 -5.36
N LEU B 351 46.55 -12.88 -4.33
CA LEU B 351 47.75 -13.66 -4.14
C LEU B 351 47.88 -14.71 -5.22
N CYS B 352 46.76 -15.32 -5.65
CA CYS B 352 46.89 -16.36 -6.68
C CYS B 352 47.36 -15.77 -8.01
N ASP B 353 46.96 -14.53 -8.32
CA ASP B 353 47.53 -13.80 -9.44
C ASP B 353 49.05 -13.71 -9.32
N GLU B 354 49.54 -13.12 -8.20
CA GLU B 354 50.97 -12.92 -7.99
C GLU B 354 51.75 -14.21 -8.16
N LYS B 355 51.30 -15.28 -7.51
CA LYS B 355 52.06 -16.51 -7.53
C LYS B 355 51.85 -17.33 -8.80
N GLY B 356 50.85 -17.00 -9.62
CA GLY B 356 50.60 -17.79 -10.81
C GLY B 356 49.85 -19.09 -10.59
N LEU B 357 49.04 -19.17 -9.53
CA LEU B 357 48.19 -20.33 -9.37
C LEU B 357 46.98 -20.24 -10.28
N VAL B 358 46.41 -21.38 -10.63
CA VAL B 358 45.34 -21.42 -11.63
C VAL B 358 44.08 -21.93 -10.94
N LEU B 359 43.06 -21.07 -10.90
CA LEU B 359 41.95 -21.21 -9.97
C LEU B 359 40.66 -21.64 -10.66
N TRP B 360 39.86 -22.39 -9.91
CA TRP B 360 38.46 -22.66 -10.18
C TRP B 360 37.63 -22.03 -9.06
N ALA B 361 36.91 -20.95 -9.36
CA ALA B 361 36.02 -20.29 -8.40
C ALA B 361 34.60 -20.80 -8.62
N GLU B 362 33.81 -20.90 -7.54
CA GLU B 362 32.44 -21.38 -7.69
C GLU B 362 31.48 -20.63 -6.77
N ILE B 363 30.22 -21.05 -6.77
CA ILE B 363 29.17 -20.49 -5.91
C ILE B 363 28.65 -21.61 -5.02
N PRO B 364 28.04 -21.28 -3.87
CA PRO B 364 27.71 -22.33 -2.90
C PRO B 364 26.44 -23.14 -3.17
N TYR B 365 26.16 -23.41 -4.45
CA TYR B 365 25.06 -24.27 -4.91
C TYR B 365 25.37 -25.73 -4.56
N ILE B 366 25.23 -26.13 -3.30
CA ILE B 366 25.77 -27.39 -2.80
C ILE B 366 24.64 -28.34 -2.42
N SER B 367 24.83 -29.63 -2.70
CA SER B 367 24.19 -30.78 -2.04
C SER B 367 22.75 -31.05 -2.45
N GLN B 368 21.91 -30.01 -2.41
CA GLN B 368 20.47 -30.17 -2.54
C GLN B 368 19.91 -28.91 -3.18
N HIS B 369 19.32 -29.09 -4.36
CA HIS B 369 18.73 -27.97 -5.09
C HIS B 369 17.45 -27.51 -4.40
N MET B 370 17.37 -26.22 -4.11
CA MET B 370 16.22 -25.61 -3.45
C MET B 370 15.38 -24.91 -4.50
N LYS B 371 14.09 -25.25 -4.56
CA LYS B 371 13.23 -24.63 -5.57
C LYS B 371 13.29 -23.13 -5.45
N ASN B 372 13.24 -22.61 -4.22
CA ASN B 372 13.24 -21.17 -3.99
C ASN B 372 14.64 -20.60 -3.96
N GLY B 373 15.62 -21.36 -4.43
CA GLY B 373 16.98 -20.90 -4.33
C GLY B 373 17.37 -20.12 -5.56
N ARG B 374 16.67 -20.39 -6.67
CA ARG B 374 17.14 -20.01 -7.98
C ARG B 374 17.62 -18.56 -8.03
N GLU B 375 16.81 -17.63 -7.54
CA GLU B 375 17.21 -16.23 -7.64
C GLU B 375 18.53 -15.97 -6.94
N ASN B 376 18.86 -16.75 -5.92
CA ASN B 376 20.05 -16.47 -5.16
C ASN B 376 21.30 -16.96 -5.87
N THR B 377 21.22 -18.13 -6.50
CA THR B 377 22.33 -18.57 -7.33
C THR B 377 22.68 -17.50 -8.34
N ILE B 378 21.68 -16.91 -8.98
CA ILE B 378 21.96 -15.95 -10.04
C ILE B 378 22.75 -14.76 -9.50
N SER B 379 22.31 -14.17 -8.39
CA SER B 379 23.03 -13.00 -7.89
C SER B 379 24.44 -13.37 -7.42
N GLN B 380 24.57 -14.46 -6.63
CA GLN B 380 25.91 -14.85 -6.21
C GLN B 380 26.79 -15.10 -7.42
N MET B 381 26.22 -15.71 -8.45
CA MET B 381 26.98 -15.94 -9.69
C MET B 381 27.36 -14.63 -10.33
N LYS B 382 26.41 -13.71 -10.48
CA LYS B 382 26.75 -12.41 -11.06
C LYS B 382 27.79 -11.69 -10.20
N GLU B 383 27.70 -11.84 -8.88
CA GLU B 383 28.68 -11.23 -7.98
C GLU B 383 30.04 -11.89 -8.12
N LEU B 384 30.07 -13.22 -8.26
CA LEU B 384 31.32 -13.92 -8.51
C LEU B 384 32.02 -13.36 -9.75
N ILE B 385 31.30 -13.28 -10.87
CA ILE B 385 31.93 -12.90 -12.13
C ILE B 385 32.31 -11.43 -12.11
N VAL B 386 31.39 -10.55 -11.73
CA VAL B 386 31.71 -9.12 -11.75
C VAL B 386 32.91 -8.83 -10.85
N GLN B 387 32.95 -9.46 -9.68
CA GLN B 387 33.96 -9.09 -8.71
C GLN B 387 35.32 -9.66 -9.06
N ASN B 388 35.36 -10.77 -9.80
CA ASN B 388 36.61 -11.48 -10.03
C ASN B 388 36.96 -11.67 -11.50
N TYR B 389 36.46 -10.80 -12.38
CA TYR B 389 36.63 -10.97 -13.83
C TYR B 389 38.05 -10.63 -14.26
N ASN B 390 38.69 -9.73 -13.56
CA ASN B 390 40.02 -9.27 -13.89
C ASN B 390 41.13 -10.16 -13.33
N HIS B 391 40.80 -11.33 -12.78
CA HIS B 391 41.79 -12.16 -12.11
C HIS B 391 42.36 -13.19 -13.09
N PRO B 392 43.59 -13.01 -13.60
CA PRO B 392 44.13 -13.99 -14.56
C PRO B 392 44.29 -15.36 -13.96
N SER B 393 44.21 -15.50 -12.65
CA SER B 393 44.34 -16.81 -12.04
C SER B 393 43.12 -17.67 -12.29
N ILE B 394 41.96 -17.03 -12.53
CA ILE B 394 40.71 -17.75 -12.73
C ILE B 394 40.60 -18.18 -14.19
N VAL B 395 40.40 -19.49 -14.40
CA VAL B 395 40.11 -19.94 -15.75
C VAL B 395 38.71 -20.53 -15.88
N VAL B 396 38.15 -21.13 -14.82
CA VAL B 396 36.85 -21.79 -14.94
C VAL B 396 35.91 -21.36 -13.81
N TRP B 397 34.64 -21.11 -14.15
CA TRP B 397 33.57 -20.79 -13.20
C TRP B 397 32.75 -22.03 -12.87
N GLY B 398 32.51 -22.27 -11.59
CA GLY B 398 31.83 -23.47 -11.14
C GLY B 398 30.36 -23.21 -10.85
N LEU B 399 29.50 -24.07 -11.41
CA LEU B 399 28.07 -23.90 -11.27
C LEU B 399 27.53 -24.54 -10.00
N SER B 400 28.06 -25.70 -9.62
CA SER B 400 27.45 -26.45 -8.54
C SER B 400 28.45 -27.46 -8.02
N ASN B 401 28.08 -28.08 -6.90
CA ASN B 401 28.87 -29.13 -6.30
C ASN B 401 27.89 -30.13 -5.70
N GLU B 402 27.93 -31.36 -6.21
CA GLU B 402 27.22 -32.49 -5.62
C GLU B 402 25.72 -32.24 -5.56
N ILE B 403 25.20 -31.56 -6.59
CA ILE B 403 23.87 -30.96 -6.57
C ILE B 403 22.79 -32.03 -6.69
N THR B 404 23.17 -33.28 -6.90
CA THR B 404 22.24 -34.39 -7.09
C THR B 404 22.25 -35.34 -5.89
N MET B 405 22.38 -34.82 -4.67
CA MET B 405 22.50 -35.68 -3.48
C MET B 405 21.49 -35.38 -2.34
N ASP B 410 15.07 -34.65 -13.18
CA ASP B 410 14.43 -33.52 -12.52
C ASP B 410 14.54 -32.20 -13.29
N GLU B 411 13.39 -31.75 -13.82
CA GLU B 411 13.37 -30.61 -14.74
C GLU B 411 13.86 -29.33 -14.08
N ASP B 412 13.55 -29.17 -12.78
CA ASP B 412 13.82 -27.89 -12.14
C ASP B 412 15.31 -27.66 -11.95
N LEU B 413 16.04 -28.69 -11.52
CA LEU B 413 17.49 -28.59 -11.43
C LEU B 413 18.11 -28.20 -12.76
N MET B 414 17.64 -28.82 -13.86
CA MET B 414 18.23 -28.58 -15.17
C MET B 414 18.12 -27.11 -15.59
N GLU B 415 16.96 -26.50 -15.39
CA GLU B 415 16.78 -25.12 -15.81
C GLU B 415 17.66 -24.18 -15.00
N ASN B 416 17.75 -24.38 -13.69
CA ASN B 416 18.66 -23.59 -12.86
C ASN B 416 20.07 -23.66 -13.41
N HIS B 417 20.48 -24.85 -13.86
CA HIS B 417 21.83 -25.03 -14.38
C HIS B 417 22.00 -24.35 -15.74
N HIS B 418 21.08 -24.61 -16.68
CA HIS B 418 21.19 -23.94 -17.97
C HIS B 418 21.19 -22.42 -17.82
N ILE B 419 20.47 -21.88 -16.82
CA ILE B 419 20.47 -20.43 -16.62
C ILE B 419 21.84 -19.96 -16.14
N LEU B 420 22.41 -20.68 -15.17
CA LEU B 420 23.75 -20.36 -14.70
C LEU B 420 24.77 -20.53 -15.81
N ASN B 421 24.58 -21.55 -16.66
CA ASN B 421 25.57 -21.85 -17.68
C ASN B 421 25.66 -20.73 -18.73
N ASP B 422 24.50 -20.25 -19.21
CA ASP B 422 24.52 -19.21 -20.23
C ASP B 422 24.82 -17.84 -19.66
N LEU B 423 24.54 -17.65 -18.37
CA LEU B 423 24.85 -16.39 -17.71
C LEU B 423 26.36 -16.20 -17.62
N ALA B 424 27.06 -17.23 -17.15
CA ALA B 424 28.53 -17.25 -17.24
C ALA B 424 28.98 -16.89 -18.64
N HIS B 425 28.61 -17.75 -19.61
CA HIS B 425 28.97 -17.53 -21.01
C HIS B 425 28.54 -16.16 -21.51
N GLU B 426 27.43 -15.61 -20.99
CA GLU B 426 27.03 -14.27 -21.43
C GLU B 426 27.94 -13.19 -20.83
N MET B 427 28.26 -13.31 -19.53
CA MET B 427 29.07 -12.28 -18.89
C MET B 427 30.55 -12.43 -19.21
N ASP B 428 31.05 -13.66 -19.29
CA ASP B 428 32.49 -13.90 -19.49
C ASP B 428 32.73 -15.01 -20.51
N PRO B 429 32.82 -14.66 -21.80
CA PRO B 429 33.23 -15.66 -22.80
C PRO B 429 34.70 -16.05 -22.73
N THR B 430 35.51 -15.32 -21.94
CA THR B 430 36.93 -15.65 -21.76
C THR B 430 37.11 -16.97 -21.03
N ARG B 431 36.19 -17.34 -20.17
CA ARG B 431 36.39 -18.51 -19.32
C ARG B 431 35.36 -19.58 -19.61
N LEU B 432 35.64 -20.77 -19.12
CA LEU B 432 34.77 -21.91 -19.36
C LEU B 432 34.06 -22.27 -18.06
N THR B 433 32.96 -23.01 -18.19
CA THR B 433 32.22 -23.39 -17.01
C THR B 433 32.48 -24.85 -16.68
N THR B 434 32.30 -25.17 -15.40
CA THR B 434 32.52 -26.51 -14.90
C THR B 434 31.67 -26.70 -13.66
N MET B 435 31.62 -27.95 -13.19
CA MET B 435 30.89 -28.31 -12.00
C MET B 435 31.57 -29.52 -11.40
N ALA B 436 31.21 -29.82 -10.17
CA ALA B 436 31.77 -30.95 -9.45
C ALA B 436 30.61 -31.87 -9.11
N VAL B 437 30.68 -33.11 -9.56
CA VAL B 437 29.54 -34.03 -9.48
C VAL B 437 29.74 -34.96 -8.30
N VAL B 438 28.66 -35.28 -7.60
CA VAL B 438 28.72 -36.27 -6.53
C VAL B 438 29.09 -37.62 -7.14
N SER B 439 29.62 -38.51 -6.30
CA SER B 439 30.17 -39.77 -6.82
C SER B 439 29.08 -40.67 -7.37
N MET B 440 28.09 -41.02 -6.53
CA MET B 440 27.00 -41.92 -6.93
C MET B 440 26.43 -41.58 -8.31
N CYS B 441 26.22 -40.30 -8.57
CA CYS B 441 25.52 -39.81 -9.76
C CYS B 441 26.02 -40.45 -11.04
N ASP B 442 25.22 -41.36 -11.60
CA ASP B 442 25.58 -42.05 -12.82
C ASP B 442 26.02 -41.06 -13.89
N MET B 443 27.11 -41.39 -14.59
CA MET B 443 27.70 -40.42 -15.52
C MET B 443 26.76 -40.05 -16.65
N HIS B 444 25.67 -40.79 -16.84
CA HIS B 444 24.87 -40.57 -18.05
C HIS B 444 23.91 -39.38 -17.89
N ASN B 445 23.12 -39.35 -16.80
CA ASN B 445 22.31 -38.22 -16.33
C ASN B 445 22.58 -36.93 -17.07
N PRO B 446 21.56 -36.33 -17.70
CA PRO B 446 21.82 -35.23 -18.65
C PRO B 446 22.34 -33.96 -18.02
N TYR B 447 22.39 -33.84 -16.69
CA TYR B 447 23.00 -32.63 -16.12
C TYR B 447 24.49 -32.55 -16.45
N ILE B 448 25.17 -33.71 -16.55
CA ILE B 448 26.57 -33.80 -16.97
C ILE B 448 26.86 -33.04 -18.27
N GLN B 449 25.87 -32.90 -19.15
CA GLN B 449 26.14 -32.37 -20.48
C GLN B 449 26.16 -30.85 -20.53
N ILE B 450 25.88 -30.18 -19.43
CA ILE B 450 25.56 -28.75 -19.51
C ILE B 450 26.84 -27.93 -19.58
N PRO B 451 27.72 -27.96 -18.58
CA PRO B 451 28.88 -27.08 -18.61
C PRO B 451 29.94 -27.60 -19.57
N ASP B 452 30.91 -26.72 -19.86
CA ASP B 452 31.93 -27.00 -20.87
C ASP B 452 32.78 -28.19 -20.49
N VAL B 453 33.36 -28.16 -19.28
CA VAL B 453 34.13 -29.28 -18.73
C VAL B 453 33.47 -29.68 -17.42
N VAL B 454 33.88 -30.83 -16.89
CA VAL B 454 33.14 -31.51 -15.82
C VAL B 454 34.11 -32.32 -14.98
N SER B 455 33.96 -32.30 -13.65
CA SER B 455 34.76 -33.14 -12.76
C SER B 455 33.88 -33.85 -11.75
N TYR B 456 34.37 -34.99 -11.26
CA TYR B 456 33.66 -35.73 -10.23
C TYR B 456 34.37 -35.55 -8.88
N ASN B 457 33.69 -36.01 -7.82
CA ASN B 457 34.24 -36.07 -6.48
C ASN B 457 34.19 -37.53 -6.07
N HIS B 458 35.31 -38.24 -6.19
CA HIS B 458 35.33 -39.65 -5.86
C HIS B 458 36.15 -39.92 -4.61
N TYR B 459 35.68 -40.88 -3.81
CA TYR B 459 36.33 -41.28 -2.58
C TYR B 459 36.59 -42.79 -2.58
N PHE B 460 36.87 -43.36 -3.74
CA PHE B 460 37.20 -44.77 -3.80
C PHE B 460 38.52 -45.00 -3.04
N GLY B 461 38.46 -45.78 -1.98
CA GLY B 461 39.56 -45.85 -1.08
C GLY B 461 39.32 -45.16 0.24
N TRP B 462 38.16 -44.51 0.41
CA TRP B 462 37.83 -43.96 1.73
C TRP B 462 36.42 -44.34 2.19
N TYR B 463 35.36 -43.78 1.58
CA TYR B 463 34.00 -44.31 1.76
C TYR B 463 33.83 -45.42 0.73
N GLY B 464 34.00 -46.67 1.16
CA GLY B 464 33.86 -47.83 0.29
C GLY B 464 34.87 -47.88 -0.84
N GLY B 465 34.90 -49.00 -1.56
CA GLY B 465 35.82 -49.15 -2.68
C GLY B 465 37.24 -49.40 -2.24
N ASP B 466 38.12 -49.74 -3.16
CA ASP B 466 39.53 -49.79 -2.88
C ASP B 466 40.20 -48.62 -3.58
N THR B 467 41.49 -48.48 -3.33
CA THR B 467 42.22 -47.30 -3.80
C THR B 467 42.45 -47.30 -5.30
N SER B 468 42.03 -48.34 -6.02
CA SER B 468 42.46 -48.57 -7.38
C SER B 468 41.37 -48.37 -8.41
N MET B 469 40.14 -48.11 -7.97
CA MET B 469 39.00 -47.90 -8.86
C MET B 469 38.98 -46.52 -9.50
N ASN B 470 39.79 -45.60 -8.98
CA ASN B 470 39.74 -44.23 -9.44
C ASN B 470 40.23 -44.12 -10.89
N GLY B 471 41.47 -44.56 -11.14
CA GLY B 471 42.05 -44.52 -12.46
C GLY B 471 41.19 -45.15 -13.54
N PRO B 472 40.70 -46.37 -13.29
CA PRO B 472 39.76 -47.00 -14.23
C PRO B 472 38.52 -46.15 -14.45
N TRP B 473 37.72 -45.91 -13.40
CA TRP B 473 36.51 -45.10 -13.51
C TRP B 473 36.72 -43.87 -14.40
N MET B 474 37.81 -43.14 -14.17
CA MET B 474 38.11 -41.98 -15.01
C MET B 474 38.27 -42.37 -16.46
N ASP B 475 38.94 -43.49 -16.73
CA ASP B 475 39.00 -43.98 -18.10
C ASP B 475 37.59 -44.20 -18.66
N GLU B 476 36.70 -44.83 -17.88
CA GLU B 476 35.36 -45.14 -18.38
C GLU B 476 34.63 -43.90 -18.88
N PHE B 477 34.85 -42.76 -18.23
CA PHE B 477 34.26 -41.50 -18.69
C PHE B 477 34.91 -40.99 -19.97
N HIS B 478 36.23 -41.16 -20.11
CA HIS B 478 36.89 -40.64 -21.30
C HIS B 478 36.44 -41.40 -22.54
N LYS B 479 36.12 -42.70 -22.39
CA LYS B 479 35.60 -43.48 -23.49
C LYS B 479 34.19 -43.02 -23.85
N GLU B 480 33.28 -43.02 -22.86
CA GLU B 480 31.89 -42.69 -23.13
C GLU B 480 31.70 -41.25 -23.60
N PHE B 481 32.45 -40.31 -23.05
CA PHE B 481 32.24 -38.89 -23.34
C PHE B 481 33.55 -38.22 -23.75
N PRO B 482 34.15 -38.66 -24.86
CA PRO B 482 35.47 -38.12 -25.23
C PRO B 482 35.44 -36.66 -25.64
N LYS B 483 34.27 -36.07 -25.90
CA LYS B 483 34.26 -34.65 -26.22
C LYS B 483 34.41 -33.77 -24.99
N ILE B 484 34.06 -34.29 -23.81
CA ILE B 484 33.95 -33.52 -22.57
C ILE B 484 35.21 -33.72 -21.74
N PRO B 485 36.01 -32.68 -21.48
CA PRO B 485 37.18 -32.86 -20.62
C PRO B 485 36.77 -33.20 -19.20
N ILE B 486 37.40 -34.23 -18.63
CA ILE B 486 37.03 -34.77 -17.33
C ILE B 486 38.13 -34.44 -16.31
N GLY B 487 37.71 -33.97 -15.14
CA GLY B 487 38.63 -33.67 -14.06
C GLY B 487 38.38 -34.51 -12.83
N MET B 488 39.06 -34.18 -11.75
CA MET B 488 38.75 -34.79 -10.45
C MET B 488 38.88 -33.70 -9.41
N SER B 489 37.74 -33.27 -8.86
CA SER B 489 37.73 -32.08 -8.04
C SER B 489 37.69 -32.36 -6.55
N GLU B 490 37.33 -33.58 -6.14
CA GLU B 490 37.51 -33.99 -4.75
C GLU B 490 38.05 -35.41 -4.73
N TYR B 491 39.09 -35.63 -3.94
CA TYR B 491 39.50 -36.95 -3.49
C TYR B 491 40.33 -36.74 -2.23
N GLY B 492 40.25 -37.70 -1.32
CA GLY B 492 40.89 -37.46 -0.05
C GLY B 492 40.74 -38.63 0.87
N CYS B 493 41.57 -38.61 1.91
CA CYS B 493 41.51 -39.57 2.99
C CYS B 493 41.66 -38.77 4.29
N GLU B 494 41.04 -39.25 5.37
CA GLU B 494 41.14 -38.53 6.64
C GLU B 494 42.34 -39.02 7.42
N ALA B 495 42.85 -38.15 8.29
CA ALA B 495 44.15 -38.41 8.89
C ALA B 495 44.31 -37.61 10.15
N LEU B 496 44.43 -38.29 11.28
CA LEU B 496 44.82 -37.61 12.52
C LEU B 496 46.14 -38.23 12.97
N ASN B 497 46.54 -38.03 14.23
CA ASN B 497 47.79 -38.56 14.77
C ASN B 497 47.56 -39.95 15.37
N TRP B 498 47.25 -40.89 14.49
CA TRP B 498 47.17 -42.29 14.86
C TRP B 498 48.09 -43.07 13.92
N HIS B 499 48.58 -44.23 14.37
CA HIS B 499 49.61 -44.93 13.61
C HIS B 499 49.42 -46.43 13.69
N THR B 500 49.95 -47.12 12.67
CA THR B 500 49.77 -48.57 12.57
C THR B 500 50.80 -49.12 11.59
N SER B 501 51.09 -50.41 11.72
CA SER B 501 51.92 -51.11 10.74
C SER B 501 51.10 -51.94 9.76
N ASP B 502 49.77 -51.96 9.93
CA ASP B 502 48.86 -52.69 9.06
C ASP B 502 47.77 -51.71 8.61
N PRO B 503 48.14 -50.75 7.76
CA PRO B 503 47.22 -49.65 7.42
C PRO B 503 46.02 -50.12 6.62
N LYS B 504 44.83 -49.73 7.09
CA LYS B 504 43.54 -50.07 6.50
C LYS B 504 42.70 -48.80 6.31
N GLN B 505 41.91 -48.77 5.26
CA GLN B 505 40.83 -47.80 5.21
C GLN B 505 39.95 -47.96 6.44
N GLY B 506 39.83 -46.89 7.21
CA GLY B 506 38.99 -46.90 8.40
C GLY B 506 39.73 -46.77 9.72
N ASP B 507 41.05 -46.59 9.79
CA ASP B 507 41.67 -46.44 11.10
C ASP B 507 42.14 -45.02 11.35
N TYR B 508 42.04 -44.15 10.35
CA TYR B 508 42.31 -42.71 10.47
C TYR B 508 43.77 -42.39 10.65
N THR B 509 44.64 -43.35 10.33
CA THR B 509 46.06 -43.23 10.57
C THR B 509 46.75 -42.38 9.51
N GLU B 510 47.87 -41.78 9.89
CA GLU B 510 48.67 -41.01 8.95
C GLU B 510 49.27 -41.92 7.89
N GLU B 511 49.43 -43.20 8.20
CA GLU B 511 50.04 -44.11 7.24
C GLU B 511 49.09 -44.41 6.11
N TYR B 512 47.86 -44.85 6.42
CA TYR B 512 46.92 -45.15 5.35
C TYR B 512 46.70 -43.93 4.46
N GLN B 513 46.70 -42.73 5.04
CA GLN B 513 46.53 -41.54 4.22
C GLN B 513 47.68 -41.36 3.26
N ALA B 514 48.87 -41.83 3.63
CA ALA B 514 49.98 -41.79 2.70
C ALA B 514 49.77 -42.80 1.58
N HIS B 515 49.51 -44.07 1.93
CA HIS B 515 49.23 -45.06 0.90
C HIS B 515 48.08 -44.61 0.01
N TYR B 516 47.05 -43.99 0.61
CA TYR B 516 45.94 -43.47 -0.17
C TYR B 516 46.45 -42.52 -1.24
N HIS B 517 47.26 -41.53 -0.86
CA HIS B 517 47.69 -40.58 -1.87
C HIS B 517 48.87 -41.08 -2.73
N GLU B 518 49.59 -42.11 -2.28
CA GLU B 518 50.47 -42.80 -3.23
C GLU B 518 49.65 -43.31 -4.42
N GLU B 519 48.64 -44.15 -4.15
CA GLU B 519 47.88 -44.77 -5.23
C GLU B 519 47.16 -43.75 -6.10
N LEU B 520 46.58 -42.72 -5.49
CA LEU B 520 45.89 -41.71 -6.28
C LEU B 520 46.87 -40.93 -7.14
N ILE B 521 48.01 -40.54 -6.58
CA ILE B 521 48.98 -39.82 -7.40
C ILE B 521 49.42 -40.66 -8.59
N LYS B 522 49.62 -41.95 -8.35
CA LYS B 522 50.02 -42.86 -9.42
C LYS B 522 48.96 -42.98 -10.51
N GLN B 523 47.68 -42.91 -10.15
CA GLN B 523 46.61 -43.09 -11.13
C GLN B 523 46.26 -41.79 -11.85
N LEU B 524 46.09 -40.69 -11.11
CA LEU B 524 45.59 -39.47 -11.73
C LEU B 524 46.68 -38.61 -12.38
N TYR B 525 47.87 -38.57 -11.81
CA TYR B 525 48.89 -37.66 -12.36
C TYR B 525 49.47 -38.15 -13.67
N THR B 526 49.35 -39.45 -13.93
CA THR B 526 49.95 -40.12 -15.08
C THR B 526 48.98 -40.30 -16.23
N ARG B 527 47.74 -39.79 -16.13
CA ARG B 527 46.71 -39.83 -17.17
C ARG B 527 46.55 -38.42 -17.70
N PRO B 528 47.27 -38.04 -18.76
CA PRO B 528 47.37 -36.62 -19.12
C PRO B 528 46.04 -35.95 -19.45
N TYR B 529 44.99 -36.72 -19.76
CA TYR B 529 43.74 -36.13 -20.24
C TYR B 529 42.94 -35.48 -19.12
N ILE B 530 42.98 -36.06 -17.92
CA ILE B 530 42.44 -35.51 -16.69
C ILE B 530 42.84 -34.05 -16.54
N TRP B 531 41.91 -33.14 -16.86
CA TRP B 531 42.31 -31.75 -17.05
C TRP B 531 42.77 -31.12 -15.75
N ALA B 532 42.16 -31.52 -14.62
CA ALA B 532 42.52 -30.97 -13.31
C ALA B 532 42.20 -31.95 -12.18
N THR B 533 43.14 -32.12 -11.27
CA THR B 533 42.89 -32.79 -10.01
C THR B 533 43.00 -31.79 -8.86
N HIS B 534 42.19 -32.04 -7.82
CA HIS B 534 42.14 -31.20 -6.63
C HIS B 534 41.97 -32.08 -5.40
N VAL B 535 42.95 -32.03 -4.50
CA VAL B 535 42.90 -32.83 -3.28
C VAL B 535 41.88 -32.23 -2.31
N TRP B 536 41.13 -33.09 -1.65
CA TRP B 536 40.25 -32.66 -0.58
C TRP B 536 40.88 -33.17 0.70
N ASN B 537 41.38 -32.25 1.53
CA ASN B 537 41.41 -30.81 1.29
C ASN B 537 42.86 -30.40 1.59
N MET B 538 43.30 -29.21 1.18
CA MET B 538 44.66 -28.82 1.57
C MET B 538 44.80 -28.81 3.08
N PHE B 539 43.78 -28.34 3.79
CA PHE B 539 43.82 -28.21 5.23
C PHE B 539 42.57 -28.83 5.84
N ASP B 540 42.73 -29.37 7.05
CA ASP B 540 41.58 -29.65 7.89
C ASP B 540 40.71 -28.41 8.00
N PHE B 541 39.40 -28.64 8.22
CA PHE B 541 38.50 -27.51 8.38
C PHE B 541 37.35 -27.87 9.31
N ALA B 542 36.71 -26.84 9.86
CA ALA B 542 35.60 -27.00 10.78
C ALA B 542 34.37 -27.55 10.08
N ALA B 543 33.72 -28.52 10.72
CA ALA B 543 32.46 -29.04 10.25
C ALA B 543 31.74 -29.46 11.52
N ASP B 544 31.05 -28.49 12.13
CA ASP B 544 30.61 -28.63 13.51
C ASP B 544 29.77 -29.87 13.76
N ALA B 545 29.13 -30.42 12.72
CA ALA B 545 28.28 -31.60 12.82
C ALA B 545 29.06 -32.91 12.79
N ARG B 546 30.32 -32.90 12.37
CA ARG B 546 31.06 -34.15 12.24
C ARG B 546 31.46 -34.70 13.60
N ASN B 547 31.62 -36.02 13.67
CA ASN B 547 31.88 -36.57 14.99
C ASN B 547 32.66 -37.88 14.90
N GLU B 548 33.89 -37.80 14.39
CA GLU B 548 34.58 -39.00 13.99
C GLU B 548 36.08 -38.76 14.05
N GLY B 549 36.84 -39.81 14.36
CA GLY B 549 38.28 -39.77 14.31
C GLY B 549 38.97 -39.42 15.60
N GLY B 550 38.22 -39.08 16.66
CA GLY B 550 38.77 -38.72 17.96
C GLY B 550 38.74 -37.23 18.26
N GLU B 551 38.67 -36.37 17.26
CA GLU B 551 38.53 -34.93 17.44
C GLU B 551 37.20 -34.55 16.78
N ASN B 552 36.15 -34.50 17.59
CA ASN B 552 34.83 -34.06 17.11
C ASN B 552 34.92 -32.67 16.48
N GLY B 553 34.00 -32.41 15.58
CA GLY B 553 33.84 -31.08 15.01
C GLY B 553 34.67 -30.83 13.79
N MET B 554 35.53 -31.74 13.41
CA MET B 554 36.47 -31.44 12.35
C MET B 554 36.30 -32.41 11.19
N ASN B 555 36.69 -31.91 10.03
CA ASN B 555 36.89 -32.68 8.82
C ASN B 555 38.40 -32.81 8.67
N HIS B 556 38.92 -34.02 8.85
CA HIS B 556 40.37 -34.23 8.91
C HIS B 556 40.95 -34.81 7.61
N LYS B 557 40.34 -34.54 6.46
CA LYS B 557 40.89 -35.00 5.17
C LYS B 557 42.00 -34.08 4.64
N GLY B 558 42.66 -33.30 5.51
CA GLY B 558 43.64 -32.34 5.03
C GLY B 558 45.04 -32.91 4.86
N LEU B 559 45.86 -32.22 4.06
CA LEU B 559 47.28 -32.52 4.00
C LEU B 559 48.09 -31.80 5.08
N VAL B 560 47.57 -30.70 5.62
CA VAL B 560 48.16 -29.90 6.70
C VAL B 560 47.12 -29.78 7.79
N THR B 561 47.55 -29.66 9.06
CA THR B 561 46.58 -29.61 10.15
C THR B 561 45.86 -28.23 10.19
N PHE B 562 44.86 -28.14 11.07
CA PHE B 562 43.93 -27.01 11.06
C PHE B 562 44.63 -25.68 11.38
N ASP B 563 45.59 -25.69 12.31
CA ASP B 563 46.32 -24.48 12.67
C ASP B 563 47.54 -24.23 11.79
N ARG B 564 47.61 -24.90 10.63
CA ARG B 564 48.62 -24.79 9.59
C ARG B 564 50.02 -25.19 10.05
N LYS B 565 50.15 -25.84 11.22
CA LYS B 565 51.47 -25.98 11.80
C LYS B 565 52.16 -27.30 11.51
N TYR B 566 51.43 -28.35 11.14
CA TYR B 566 51.99 -29.66 10.89
C TYR B 566 51.59 -30.10 9.49
N LYS B 567 52.55 -30.17 8.56
CA LYS B 567 52.34 -30.90 7.32
C LYS B 567 52.25 -32.39 7.64
N LYS B 568 51.20 -33.05 7.15
CA LYS B 568 51.10 -34.48 7.32
C LYS B 568 51.95 -35.15 6.27
N ASP B 569 52.20 -36.45 6.45
CA ASP B 569 53.12 -37.14 5.54
C ASP B 569 52.72 -36.93 4.10
N ALA B 570 51.43 -37.05 3.80
CA ALA B 570 51.02 -37.04 2.40
C ALA B 570 51.32 -35.72 1.71
N PHE B 571 51.52 -34.65 2.49
CA PHE B 571 51.98 -33.38 1.92
C PHE B 571 53.20 -33.59 1.05
N TYR B 572 54.09 -34.48 1.49
CA TYR B 572 55.37 -34.62 0.81
C TYR B 572 55.24 -35.48 -0.45
N ALA B 573 54.37 -36.52 -0.41
CA ALA B 573 54.05 -37.27 -1.63
C ALA B 573 53.73 -36.35 -2.80
N TYR B 574 52.98 -35.28 -2.55
CA TYR B 574 52.75 -34.33 -3.63
C TYR B 574 54.00 -33.48 -3.88
N LYS B 575 54.78 -33.17 -2.85
CA LYS B 575 56.01 -32.39 -3.08
C LYS B 575 56.98 -33.17 -3.95
N ALA B 576 57.06 -34.49 -3.72
CA ALA B 576 57.86 -35.39 -4.53
C ALA B 576 57.52 -35.26 -6.01
N TRP B 577 56.24 -35.10 -6.34
CA TRP B 577 55.87 -35.04 -7.75
C TRP B 577 55.85 -33.64 -8.31
N LEU B 578 55.57 -32.62 -7.49
CA LEU B 578 55.26 -31.30 -8.02
C LEU B 578 56.30 -30.23 -7.72
N SER B 579 57.20 -30.47 -6.79
CA SER B 579 58.12 -29.43 -6.35
C SER B 579 59.48 -29.62 -6.98
N ASP B 580 60.03 -28.56 -7.55
CA ASP B 580 61.41 -28.59 -8.02
C ASP B 580 62.38 -28.10 -6.95
N GLU B 581 61.91 -27.88 -5.73
CA GLU B 581 62.81 -27.62 -4.60
C GLU B 581 63.32 -28.95 -4.07
N PRO B 582 64.64 -29.19 -4.07
CA PRO B 582 65.15 -30.52 -3.72
C PRO B 582 65.04 -30.78 -2.23
N PHE B 583 64.63 -32.00 -1.90
CA PHE B 583 64.36 -32.38 -0.51
C PHE B 583 64.24 -33.90 -0.42
N VAL B 584 64.32 -34.41 0.82
CA VAL B 584 63.97 -35.78 1.13
C VAL B 584 63.23 -35.77 2.48
N HIS B 585 62.41 -36.80 2.69
CA HIS B 585 61.48 -36.81 3.82
C HIS B 585 61.21 -38.25 4.23
N ILE B 586 61.61 -38.62 5.44
CA ILE B 586 61.22 -39.92 5.99
C ILE B 586 59.82 -39.80 6.58
N CYS B 587 58.92 -40.72 6.20
CA CYS B 587 57.56 -40.79 6.73
C CYS B 587 57.53 -41.60 8.02
N GLY B 588 56.49 -41.37 8.82
CA GLY B 588 56.25 -42.17 10.00
C GLY B 588 56.99 -41.73 11.24
N LYS B 589 57.70 -40.59 11.18
CA LYS B 589 58.39 -40.00 12.31
C LYS B 589 57.55 -40.08 13.58
N ARG B 590 56.27 -39.76 13.50
CA ARG B 590 55.52 -39.79 14.74
C ARG B 590 55.10 -41.20 15.12
N TYR B 591 55.44 -42.20 14.30
CA TYR B 591 55.18 -43.60 14.59
C TYR B 591 56.52 -44.16 15.07
N VAL B 592 56.69 -44.16 16.40
CA VAL B 592 58.00 -44.40 17.01
C VAL B 592 58.07 -45.80 17.62
N ASP B 593 57.24 -46.08 18.61
CA ASP B 593 57.21 -47.41 19.20
C ASP B 593 56.56 -48.37 18.21
N ARG B 594 57.33 -49.35 17.68
CA ARG B 594 56.79 -50.37 16.79
C ARG B 594 57.18 -51.76 17.27
N VAL B 595 56.36 -52.77 16.92
CA VAL B 595 56.48 -54.11 17.50
C VAL B 595 57.08 -55.15 16.54
N GLU B 596 56.91 -55.00 15.23
CA GLU B 596 57.45 -56.04 14.35
C GLU B 596 58.99 -56.00 14.37
N ASN B 597 59.60 -57.00 13.72
CA ASN B 597 61.06 -57.03 13.66
C ASN B 597 61.59 -56.29 12.46
N VAL B 598 60.90 -56.36 11.33
CA VAL B 598 61.26 -55.60 10.14
C VAL B 598 60.07 -54.70 9.83
N THR B 599 60.26 -53.38 9.97
CA THR B 599 59.22 -52.38 9.78
C THR B 599 59.32 -51.79 8.39
N LYS B 600 58.17 -51.43 7.83
CA LYS B 600 58.12 -50.78 6.53
C LYS B 600 58.27 -49.28 6.77
N VAL B 601 59.29 -48.68 6.20
CA VAL B 601 59.49 -47.24 6.29
C VAL B 601 59.48 -46.71 4.87
N THR B 602 58.65 -45.70 4.63
CA THR B 602 58.52 -45.08 3.32
C THR B 602 59.28 -43.77 3.32
N VAL B 603 59.97 -43.48 2.22
CA VAL B 603 60.69 -42.23 2.05
C VAL B 603 60.24 -41.59 0.75
N TYR B 604 60.08 -40.27 0.76
CA TYR B 604 59.67 -39.51 -0.41
C TYR B 604 60.81 -38.59 -0.80
N SER B 605 60.98 -38.39 -2.10
CA SER B 605 61.98 -37.44 -2.60
C SER B 605 61.73 -37.18 -4.07
N ASN B 606 62.14 -35.99 -4.51
CA ASN B 606 62.09 -35.61 -5.92
C ASN B 606 63.44 -35.74 -6.60
N GLN B 607 64.22 -36.75 -6.18
CA GLN B 607 65.64 -36.95 -6.46
C GLN B 607 65.83 -38.37 -6.98
N LYS B 608 66.84 -38.55 -7.84
CA LYS B 608 66.93 -39.79 -8.60
C LYS B 608 67.17 -41.00 -7.71
N THR B 609 68.03 -40.84 -6.68
CA THR B 609 68.44 -41.96 -5.84
C THR B 609 68.33 -41.58 -4.36
N VAL B 610 67.90 -42.53 -3.54
CA VAL B 610 67.68 -42.33 -2.10
C VAL B 610 68.23 -43.53 -1.35
N GLU B 611 69.05 -43.27 -0.33
CA GLU B 611 69.64 -44.33 0.47
C GLU B 611 69.29 -44.08 1.93
N LEU B 612 68.83 -45.12 2.62
CA LEU B 612 68.35 -45.04 3.99
C LEU B 612 69.22 -45.92 4.88
N PHE B 613 69.92 -45.29 5.82
CA PHE B 613 70.78 -45.96 6.80
C PHE B 613 70.05 -46.14 8.13
N ALA B 614 69.99 -47.38 8.62
CA ALA B 614 69.58 -47.63 10.00
C ALA B 614 70.83 -47.90 10.84
N ASN B 615 71.11 -47.00 11.79
CA ASN B 615 72.33 -47.08 12.58
C ASN B 615 73.53 -47.19 11.64
N GLY B 616 73.59 -46.28 10.66
CA GLY B 616 74.66 -46.25 9.68
C GLY B 616 74.76 -47.44 8.74
N GLU B 617 73.99 -48.52 8.95
CA GLU B 617 73.97 -49.64 8.01
C GLU B 617 73.06 -49.31 6.82
N SER B 618 73.64 -49.23 5.63
CA SER B 618 72.86 -48.88 4.44
C SER B 618 71.93 -50.03 4.06
N LEU B 619 70.64 -49.72 3.96
CA LEU B 619 69.62 -50.66 3.52
C LEU B 619 69.46 -50.67 2.00
N GLY B 620 70.25 -49.87 1.28
CA GLY B 620 70.29 -49.94 -0.16
C GLY B 620 70.09 -48.60 -0.82
N LYS B 621 70.91 -48.27 -1.81
CA LYS B 621 70.72 -47.08 -2.62
C LYS B 621 69.70 -47.40 -3.72
N LYS B 622 68.53 -46.74 -3.68
CA LYS B 622 67.40 -47.08 -4.54
C LYS B 622 66.97 -45.90 -5.41
N GLU B 623 66.23 -46.23 -6.47
CA GLU B 623 65.56 -45.28 -7.35
C GLU B 623 64.09 -45.65 -7.40
N ALA B 624 63.24 -44.67 -7.75
CA ALA B 624 61.79 -44.91 -7.82
C ALA B 624 61.18 -44.01 -8.86
N SER B 625 60.57 -44.62 -9.88
CA SER B 625 59.84 -43.86 -10.90
C SER B 625 58.76 -43.00 -10.25
N ASP B 626 57.97 -43.59 -9.35
CA ASP B 626 56.86 -42.94 -8.68
C ASP B 626 57.32 -42.07 -7.50
N HIS B 627 58.63 -41.90 -7.31
CA HIS B 627 59.23 -41.12 -6.23
C HIS B 627 58.90 -41.68 -4.85
N PHE B 628 58.35 -42.87 -4.76
CA PHE B 628 57.99 -43.45 -3.47
C PHE B 628 58.93 -44.62 -3.24
N PHE B 629 59.91 -44.39 -2.35
CA PHE B 629 60.97 -45.34 -2.05
C PHE B 629 60.61 -46.08 -0.78
N TYR B 630 60.23 -47.34 -0.89
CA TYR B 630 59.91 -48.13 0.29
C TYR B 630 61.16 -48.87 0.77
N PHE B 631 61.33 -48.96 2.09
CA PHE B 631 62.45 -49.67 2.69
C PHE B 631 61.94 -50.61 3.77
N GLU B 632 62.76 -51.61 4.08
CA GLU B 632 62.50 -52.56 5.17
C GLU B 632 63.59 -52.38 6.21
N VAL B 633 63.20 -52.07 7.44
CA VAL B 633 64.09 -51.58 8.48
C VAL B 633 64.10 -52.56 9.65
N PRO B 634 65.24 -53.19 9.96
CA PRO B 634 65.27 -54.12 11.09
C PRO B 634 65.11 -53.37 12.42
N ASN B 635 64.23 -53.89 13.26
CA ASN B 635 63.77 -53.21 14.46
C ASN B 635 64.25 -54.00 15.68
N HIS B 636 65.52 -53.79 16.05
CA HIS B 636 66.11 -54.35 17.28
C HIS B 636 66.53 -53.18 18.16
N GLY B 637 65.86 -53.03 19.31
CA GLY B 637 66.04 -51.89 20.19
C GLY B 637 65.97 -50.59 19.43
N GLU B 638 66.63 -49.56 19.96
CA GLU B 638 66.67 -48.28 19.27
C GLU B 638 67.28 -48.44 17.89
N THR B 639 66.72 -47.73 16.91
CA THR B 639 67.24 -47.75 15.54
C THR B 639 67.22 -46.33 15.02
N LYS B 640 68.39 -45.75 14.76
CA LYS B 640 68.43 -44.42 14.19
C LYS B 640 68.21 -44.50 12.68
N LEU B 641 67.77 -43.40 12.11
CA LEU B 641 67.44 -43.35 10.70
C LEU B 641 67.96 -42.06 10.10
N LEU B 642 68.64 -42.17 8.96
CA LEU B 642 69.29 -41.05 8.30
C LEU B 642 69.16 -41.28 6.80
N ALA B 643 68.64 -40.28 6.09
CA ALA B 643 68.28 -40.44 4.69
C ALA B 643 69.11 -39.47 3.85
N VAL B 644 69.78 -40.00 2.82
CA VAL B 644 70.60 -39.20 1.92
C VAL B 644 70.02 -39.30 0.52
N ALA B 645 69.95 -38.15 -0.15
CA ALA B 645 69.64 -38.06 -1.58
C ALA B 645 70.22 -36.74 -2.09
N GLY B 646 71.19 -36.81 -2.99
CA GLY B 646 71.98 -35.62 -3.24
C GLY B 646 72.63 -35.17 -1.95
N GLU B 647 72.68 -33.87 -1.74
CA GLU B 647 73.10 -33.32 -0.46
C GLU B 647 71.94 -33.18 0.53
N CYS B 648 70.73 -33.53 0.13
CA CYS B 648 69.57 -33.43 0.99
C CYS B 648 69.54 -34.57 1.98
N ARG B 649 69.08 -34.28 3.20
CA ARG B 649 69.14 -35.19 4.32
C ARG B 649 67.85 -35.14 5.12
N ASP B 650 67.63 -36.19 5.89
CA ASP B 650 66.57 -36.21 6.89
C ASP B 650 66.91 -37.24 7.94
N GLU B 651 66.20 -37.18 9.06
CA GLU B 651 66.52 -38.03 10.21
C GLU B 651 65.24 -38.47 10.87
N SER B 652 65.18 -39.74 11.30
CA SER B 652 63.99 -40.27 11.98
C SER B 652 64.46 -41.21 13.08
N PHE B 653 63.52 -41.88 13.74
CA PHE B 653 63.91 -42.73 14.86
C PHE B 653 62.81 -43.72 15.17
N ILE B 654 63.21 -44.95 15.50
CA ILE B 654 62.28 -46.04 15.81
C ILE B 654 62.83 -46.83 17.00
N LYS B 655 61.97 -47.14 17.96
CA LYS B 655 62.33 -47.95 19.12
C LYS B 655 61.48 -49.21 19.09
N LYS B 656 62.10 -50.34 19.40
CA LYS B 656 61.38 -51.60 19.51
C LYS B 656 60.57 -51.65 20.81
N VAL B 657 59.35 -52.15 20.71
CA VAL B 657 58.48 -52.42 21.84
C VAL B 657 57.91 -53.82 21.66
N GLU B 658 57.47 -54.42 22.77
CA GLU B 658 56.88 -55.75 22.71
C GLU B 658 55.36 -55.75 22.62
N LYS B 659 54.67 -54.72 23.14
CA LYS B 659 53.24 -54.54 22.93
C LYS B 659 53.00 -53.24 22.17
N PHE B 660 52.03 -53.27 21.27
CA PHE B 660 51.65 -52.08 20.51
C PHE B 660 51.34 -50.91 21.44
N ASN B 661 51.86 -49.73 21.09
CA ASN B 661 51.61 -48.53 21.91
C ASN B 661 50.19 -48.04 21.67
N GLU B 662 49.33 -48.22 22.68
CA GLU B 662 47.90 -47.95 22.52
C GLU B 662 47.60 -46.48 22.24
N ALA B 663 48.54 -45.58 22.54
CA ALA B 663 48.31 -44.18 22.19
C ALA B 663 48.32 -43.94 20.69
N TYR B 664 48.65 -44.95 19.88
CA TYR B 664 48.66 -44.86 18.42
C TYR B 664 47.34 -45.30 17.80
N ARG B 665 46.49 -45.98 18.56
CA ARG B 665 45.28 -46.63 18.05
C ARG B 665 44.04 -45.93 18.57
N LEU B 666 43.10 -45.68 17.66
CA LEU B 666 41.81 -45.08 17.98
C LEU B 666 40.88 -46.01 18.76
N ARG C 25 -8.01 -21.76 5.47
CA ARG C 25 -7.70 -20.44 4.92
C ARG C 25 -8.84 -19.41 5.04
N GLU C 26 -8.71 -18.47 5.98
CA GLU C 26 -9.62 -17.34 6.13
C GLU C 26 -8.86 -16.03 5.94
N ILE C 27 -9.59 -14.96 5.61
CA ILE C 27 -8.99 -13.66 5.26
C ILE C 27 -9.43 -12.62 6.30
N PHE C 28 -8.49 -12.16 7.12
CA PHE C 28 -8.75 -11.14 8.12
C PHE C 28 -8.44 -9.76 7.53
N ASN C 29 -9.41 -8.84 7.56
CA ASN C 29 -9.18 -7.53 6.98
C ASN C 29 -8.57 -6.58 7.98
N LEU C 30 -7.57 -5.83 7.53
CA LEU C 30 -6.73 -5.01 8.39
C LEU C 30 -6.86 -3.52 8.05
N ASN C 31 -8.05 -3.11 7.56
CA ASN C 31 -8.19 -1.73 7.11
C ASN C 31 -8.33 -0.74 8.27
N GLU C 32 -8.84 -1.19 9.43
CA GLU C 32 -9.37 -0.26 10.41
C GLU C 32 -8.29 0.40 11.24
N LYS C 33 -8.35 1.72 11.33
CA LYS C 33 -7.63 2.47 12.36
C LYS C 33 -6.12 2.17 12.40
N TRP C 34 -5.37 2.75 11.47
CA TRP C 34 -3.92 2.80 11.58
C TRP C 34 -3.53 4.16 12.12
N ALA C 35 -2.50 4.19 12.95
CA ALA C 35 -1.85 5.43 13.27
C ALA C 35 -1.04 5.89 12.06
N PHE C 36 -1.26 7.12 11.62
CA PHE C 36 -0.59 7.66 10.46
C PHE C 36 0.24 8.87 10.85
N SER C 37 1.38 9.04 10.18
CA SER C 37 2.20 10.21 10.45
C SER C 37 3.00 10.62 9.24
N LYS C 38 2.82 11.87 8.85
CA LYS C 38 3.65 12.57 7.89
C LYS C 38 4.93 13.12 8.53
N GLU C 39 4.92 13.30 9.86
CA GLU C 39 5.97 13.96 10.63
C GLU C 39 7.06 13.02 11.09
N ALA C 40 6.77 11.76 11.36
CA ALA C 40 7.81 10.83 11.76
C ALA C 40 8.89 10.70 10.66
N ILE C 41 10.11 10.37 11.08
CA ILE C 41 11.22 10.14 10.17
C ILE C 41 11.88 8.78 10.34
N LYS C 42 11.50 8.01 11.34
CA LYS C 42 11.92 6.64 11.51
C LYS C 42 10.68 5.87 11.93
N PRO C 43 10.69 4.54 11.85
CA PRO C 43 9.61 3.78 12.47
C PRO C 43 9.54 4.13 13.94
N PRO C 44 8.32 4.17 14.51
CA PRO C 44 8.20 4.37 15.95
C PRO C 44 8.67 3.14 16.72
N VAL C 45 9.18 3.38 17.92
CA VAL C 45 9.67 2.25 18.70
C VAL C 45 8.53 1.49 19.37
N ALA C 46 7.39 2.14 19.56
CA ALA C 46 6.21 1.51 20.13
C ALA C 46 4.98 2.08 19.46
N MET C 47 3.90 1.29 19.48
CA MET C 47 2.61 1.73 18.97
C MET C 47 2.38 3.18 19.36
N PRO C 48 2.36 4.10 18.39
CA PRO C 48 2.23 5.52 18.74
C PRO C 48 0.88 5.76 19.41
N GLN C 49 0.84 6.76 20.29
CA GLN C 49 -0.46 7.11 20.86
C GLN C 49 -0.89 8.56 20.58
N ASN C 50 -0.15 9.33 19.79
CA ASN C 50 -0.58 10.68 19.46
C ASN C 50 -0.50 10.94 17.96
N TRP C 51 -0.66 9.90 17.14
CA TRP C 51 -0.68 10.08 15.69
C TRP C 51 -2.12 10.22 15.22
N TYR C 52 -2.28 10.42 13.93
CA TYR C 52 -3.59 10.60 13.33
C TYR C 52 -4.15 9.25 12.93
N TRP C 53 -5.41 8.99 13.25
CA TRP C 53 -6.02 7.71 12.92
C TRP C 53 -6.60 7.77 11.52
N VAL C 54 -6.21 6.82 10.67
CA VAL C 54 -6.82 6.70 9.35
C VAL C 54 -7.42 5.31 9.23
N ASN C 55 -8.38 5.17 8.32
CA ASN C 55 -8.86 3.87 7.89
C ASN C 55 -8.42 3.62 6.44
N LEU C 56 -8.01 2.41 6.15
CA LEU C 56 -7.72 2.01 4.78
C LEU C 56 -9.01 1.79 4.01
N PRO C 57 -9.09 2.21 2.74
CA PRO C 57 -8.10 2.86 1.90
C PRO C 57 -7.81 4.29 2.30
N HIS C 58 -6.53 4.69 2.22
CA HIS C 58 -6.12 6.01 2.64
C HIS C 58 -5.11 6.60 1.68
N THR C 59 -5.23 7.92 1.45
CA THR C 59 -4.14 8.66 0.84
C THR C 59 -3.96 9.99 1.59
N TRP C 60 -2.71 10.42 1.68
CA TRP C 60 -2.39 11.72 2.23
C TRP C 60 -2.32 12.80 1.15
N ASN C 61 -2.79 12.51 -0.08
CA ASN C 61 -2.85 13.50 -1.15
C ASN C 61 -4.27 13.76 -1.68
N ALA C 62 -5.33 13.39 -0.95
CA ALA C 62 -6.66 13.65 -1.47
C ALA C 62 -6.95 15.13 -1.59
N ILE C 63 -6.40 15.94 -0.69
CA ILE C 63 -6.61 17.39 -0.76
C ILE C 63 -5.54 18.05 -1.61
N ASP C 64 -4.27 17.85 -1.27
CA ASP C 64 -3.23 18.60 -1.96
C ASP C 64 -2.87 18.01 -3.32
N GLY C 65 -3.40 16.85 -3.68
CA GLY C 65 -3.22 16.40 -5.04
C GLY C 65 -4.34 16.77 -5.99
N GLN C 66 -5.28 17.60 -5.56
CA GLN C 66 -6.42 17.91 -6.39
C GLN C 66 -6.65 19.39 -6.51
N ASP C 67 -5.78 20.23 -5.94
CA ASP C 67 -5.96 21.68 -5.92
C ASP C 67 -4.86 22.41 -6.67
N GLY C 68 -4.20 21.76 -7.62
CA GLY C 68 -3.12 22.42 -8.32
C GLY C 68 -1.94 22.88 -7.49
N GLY C 69 -0.91 23.40 -8.16
CA GLY C 69 0.25 24.00 -7.51
C GLY C 69 1.51 23.18 -7.62
N ASN C 70 1.43 22.01 -8.25
CA ASN C 70 2.47 20.98 -8.17
C ASN C 70 3.04 20.92 -6.76
N ASP C 71 2.18 21.00 -5.75
CA ASP C 71 2.64 21.15 -4.38
C ASP C 71 2.30 19.95 -3.51
N TYR C 72 1.77 18.86 -4.09
CA TYR C 72 1.33 17.76 -3.26
C TYR C 72 2.53 17.05 -2.63
N TYR C 73 2.41 16.73 -1.34
CA TYR C 73 3.57 16.33 -0.57
C TYR C 73 4.05 14.96 -1.02
N ARG C 74 5.32 14.91 -1.43
CA ARG C 74 5.95 13.66 -1.80
C ARG C 74 7.05 13.40 -0.79
N GLY C 75 7.03 12.23 -0.18
CA GLY C 75 7.98 11.92 0.86
C GLY C 75 7.72 10.55 1.42
N THR C 76 8.35 10.26 2.54
CA THR C 76 8.03 9.04 3.26
C THR C 76 7.09 9.37 4.41
N CYS C 77 6.10 8.50 4.62
CA CYS C 77 5.15 8.60 5.70
C CYS C 77 5.01 7.24 6.35
N PHE C 78 4.47 7.20 7.58
CA PHE C 78 4.45 5.96 8.35
C PHE C 78 3.03 5.56 8.77
N TYR C 79 2.74 4.27 8.65
CA TYR C 79 1.60 3.62 9.27
C TYR C 79 2.05 2.68 10.39
N ALA C 80 1.21 2.53 11.40
CA ALA C 80 1.52 1.62 12.51
C ALA C 80 0.23 1.11 13.11
N LYS C 81 0.18 -0.18 13.43
CA LYS C 81 -1.03 -0.74 14.03
C LYS C 81 -0.67 -2.05 14.71
N GLU C 82 -1.19 -2.26 15.91
CA GLU C 82 -0.91 -3.49 16.63
C GLU C 82 -1.88 -4.60 16.25
N VAL C 83 -1.47 -5.84 16.50
CA VAL C 83 -2.22 -7.03 16.14
C VAL C 83 -1.98 -8.08 17.21
N GLN C 84 -3.07 -8.60 17.80
CA GLN C 84 -3.01 -9.70 18.74
C GLN C 84 -3.12 -11.01 17.96
N LYS C 85 -2.15 -11.92 18.15
CA LYS C 85 -2.24 -13.19 17.43
C LYS C 85 -3.51 -13.95 17.80
N GLU C 86 -3.98 -13.76 19.03
CA GLU C 86 -5.18 -14.44 19.51
C GLU C 86 -6.43 -14.03 18.73
N GLU C 87 -6.50 -12.76 18.31
CA GLU C 87 -7.65 -12.35 17.52
C GLU C 87 -7.50 -12.70 16.05
N LEU C 88 -6.32 -13.12 15.62
CA LEU C 88 -6.13 -13.57 14.25
C LEU C 88 -6.76 -14.95 14.07
N PRO C 89 -7.28 -15.23 12.88
CA PRO C 89 -7.73 -16.60 12.58
C PRO C 89 -6.63 -17.63 12.82
N GLU C 90 -7.02 -18.86 13.09
CA GLU C 90 -6.03 -19.91 13.30
C GLU C 90 -5.40 -20.31 11.97
N GLY C 91 -4.11 -20.54 12.00
CA GLY C 91 -3.39 -20.95 10.82
C GLY C 91 -1.96 -21.25 11.15
N GLU C 92 -1.33 -21.97 10.23
CA GLU C 92 0.07 -22.31 10.41
C GLU C 92 0.99 -21.21 9.89
N GLN C 93 0.54 -20.43 8.91
CA GLN C 93 1.33 -19.31 8.40
C GLN C 93 0.45 -18.08 8.23
N TYR C 94 1.08 -16.91 8.32
CA TYR C 94 0.39 -15.62 8.34
C TYR C 94 1.06 -14.67 7.35
N TYR C 95 0.40 -14.40 6.23
CA TYR C 95 0.93 -13.48 5.25
C TYR C 95 0.23 -12.12 5.35
N LEU C 96 1.02 -11.05 5.28
CA LEU C 96 0.45 -9.72 5.08
C LEU C 96 0.18 -9.53 3.59
N GLU C 97 -1.03 -9.08 3.24
CA GLU C 97 -1.40 -8.89 1.85
C GLU C 97 -1.77 -7.43 1.61
N PHE C 98 -1.13 -6.79 0.62
CA PHE C 98 -1.43 -5.42 0.23
C PHE C 98 -2.05 -5.42 -1.17
N LEU C 99 -3.21 -4.80 -1.32
CA LEU C 99 -3.79 -4.72 -2.66
C LEU C 99 -3.26 -3.54 -3.47
N GLY C 100 -2.62 -2.57 -2.80
CA GLY C 100 -2.17 -1.33 -3.38
C GLY C 100 -1.48 -0.43 -2.37
N VAL C 101 -0.19 -0.19 -2.54
CA VAL C 101 0.54 0.80 -1.74
C VAL C 101 1.40 1.59 -2.72
N ASN C 102 1.28 2.92 -2.68
CA ASN C 102 1.87 3.78 -3.70
C ASN C 102 2.80 4.79 -3.04
N ALA C 103 4.08 4.78 -3.43
CA ALA C 103 4.61 4.07 -4.58
C ALA C 103 5.52 2.93 -4.20
N SER C 104 6.32 3.14 -3.14
CA SER C 104 7.24 2.13 -2.65
C SER C 104 7.02 1.94 -1.15
N ALA C 105 7.31 0.74 -0.66
CA ALA C 105 6.95 0.40 0.72
C ALA C 105 8.05 -0.40 1.40
N ASP C 106 8.08 -0.29 2.75
CA ASP C 106 8.95 -1.05 3.64
C ASP C 106 8.12 -1.51 4.85
N VAL C 107 8.13 -2.81 5.12
CA VAL C 107 7.29 -3.40 6.16
C VAL C 107 8.15 -3.86 7.34
N TYR C 108 7.78 -3.41 8.54
CA TYR C 108 8.45 -3.77 9.78
C TYR C 108 7.47 -4.51 10.68
N VAL C 109 7.97 -5.49 11.43
CA VAL C 109 7.17 -6.17 12.44
C VAL C 109 8.01 -6.25 13.70
N ASN C 110 7.49 -5.71 14.79
CA ASN C 110 8.20 -5.74 16.07
C ASN C 110 9.67 -5.32 15.88
N GLY C 111 9.88 -4.31 15.04
CA GLY C 111 11.14 -3.64 14.92
C GLY C 111 12.03 -4.13 13.81
N ASN C 112 11.81 -5.35 13.32
CA ASN C 112 12.63 -5.92 12.26
C ASN C 112 11.99 -5.67 10.90
N HIS C 113 12.82 -5.29 9.94
CA HIS C 113 12.39 -5.16 8.56
C HIS C 113 12.04 -6.53 7.98
N LEU C 114 10.95 -6.60 7.22
CA LEU C 114 10.54 -7.86 6.62
C LEU C 114 10.64 -7.91 5.09
N ASP C 115 10.30 -6.83 4.39
CA ASP C 115 10.25 -6.87 2.94
C ASP C 115 10.07 -5.44 2.44
N HIS C 116 10.27 -5.30 1.14
CA HIS C 116 10.31 -4.05 0.39
C HIS C 116 9.49 -4.26 -0.86
N HIS C 117 8.79 -3.22 -1.30
CA HIS C 117 8.11 -3.30 -2.57
C HIS C 117 8.37 -2.02 -3.36
N ASP C 118 8.51 -2.17 -4.68
CA ASP C 118 8.50 -1.04 -5.61
C ASP C 118 7.39 -1.25 -6.62
N GLY C 119 6.42 -0.34 -6.64
CA GLY C 119 5.32 -0.45 -7.59
C GLY C 119 4.01 -0.15 -6.93
N GLY C 120 3.41 0.98 -7.27
CA GLY C 120 2.27 1.44 -6.49
C GLY C 120 0.90 0.90 -6.89
N TYR C 121 0.82 -0.04 -7.83
CA TYR C 121 -0.47 -0.38 -8.41
C TYR C 121 -0.75 -1.87 -8.45
N SER C 122 0.07 -2.69 -7.79
CA SER C 122 -0.07 -4.13 -7.85
C SER C 122 -0.13 -4.74 -6.44
N THR C 123 -0.59 -5.99 -6.38
CA THR C 123 -0.70 -6.73 -5.12
C THR C 123 0.67 -7.31 -4.71
N TRP C 124 0.99 -7.22 -3.42
CA TRP C 124 2.20 -7.89 -2.97
C TRP C 124 2.00 -8.36 -1.54
N ARG C 125 2.82 -9.33 -1.13
CA ARG C 125 2.59 -10.05 0.10
C ARG C 125 3.89 -10.24 0.87
N VAL C 126 3.77 -10.38 2.19
CA VAL C 126 4.92 -10.52 3.07
C VAL C 126 4.61 -11.58 4.11
N ASN C 127 5.42 -12.63 4.14
CA ASN C 127 5.25 -13.74 5.08
C ASN C 127 5.80 -13.33 6.43
N MET C 128 4.95 -13.21 7.44
CA MET C 128 5.42 -12.79 8.75
C MET C 128 5.31 -13.91 9.79
N THR C 129 5.15 -15.15 9.35
CA THR C 129 5.00 -16.25 10.30
C THR C 129 6.13 -16.28 11.32
N ASP C 130 7.37 -16.05 10.89
CA ASP C 130 8.46 -16.12 11.85
C ASP C 130 8.61 -14.87 12.69
N ALA C 131 7.94 -13.78 12.36
CA ALA C 131 8.08 -12.57 13.16
C ALA C 131 6.96 -12.43 14.17
N LEU C 132 6.04 -13.37 14.21
CA LEU C 132 4.84 -13.18 14.99
C LEU C 132 5.00 -13.77 16.38
N THR C 133 4.71 -12.95 17.38
CA THR C 133 4.73 -13.30 18.79
C THR C 133 3.30 -13.40 19.30
N ASP C 134 3.06 -14.26 20.28
CA ASP C 134 1.79 -14.19 20.98
C ASP C 134 1.71 -12.89 21.77
N GLY C 135 0.54 -12.28 21.79
CA GLY C 135 0.48 -10.93 22.32
C GLY C 135 0.56 -9.86 21.25
N LYS C 136 1.05 -8.67 21.64
CA LYS C 136 0.99 -7.51 20.77
C LYS C 136 2.11 -7.52 19.74
N ASN C 137 1.74 -7.32 18.47
CA ASN C 137 2.69 -7.25 17.35
C ASN C 137 2.57 -5.89 16.69
N LEU C 138 3.66 -5.12 16.69
CA LEU C 138 3.69 -3.79 16.09
C LEU C 138 4.01 -3.90 14.60
N ILE C 139 3.03 -3.66 13.75
CA ILE C 139 3.28 -3.59 12.31
C ILE C 139 3.46 -2.14 11.91
N VAL C 140 4.54 -1.86 11.20
CA VAL C 140 4.85 -0.51 10.74
C VAL C 140 5.09 -0.60 9.24
N VAL C 141 4.42 0.24 8.46
CA VAL C 141 4.70 0.33 7.03
C VAL C 141 5.22 1.72 6.72
N ALA C 142 6.45 1.78 6.22
CA ALA C 142 6.98 3.04 5.70
C ALA C 142 6.64 3.07 4.23
N VAL C 143 5.87 4.08 3.82
CA VAL C 143 5.40 4.27 2.46
C VAL C 143 6.03 5.52 1.88
N ASP C 144 6.40 5.46 0.59
CA ASP C 144 7.15 6.54 -0.03
C ASP C 144 6.63 6.80 -1.44
N ASN C 145 6.38 8.09 -1.75
CA ASN C 145 5.97 8.47 -3.10
C ASN C 145 6.86 9.57 -3.66
N SER C 146 8.11 9.62 -3.20
CA SER C 146 8.99 10.69 -3.64
C SER C 146 9.68 10.35 -4.96
N ALA C 147 10.35 11.37 -5.52
CA ALA C 147 11.04 11.23 -6.80
C ALA C 147 12.28 10.35 -6.67
N ASN C 148 12.39 9.38 -7.57
CA ASN C 148 13.57 8.57 -7.73
C ASN C 148 13.65 8.16 -9.19
N ASP C 149 14.67 7.37 -9.52
CA ASP C 149 14.96 7.02 -10.91
C ASP C 149 14.86 5.52 -11.18
N ARG C 150 14.21 4.76 -10.31
CA ARG C 150 14.12 3.32 -10.51
C ARG C 150 12.71 2.79 -10.63
N VAL C 151 11.69 3.48 -10.10
CA VAL C 151 10.32 2.96 -9.98
C VAL C 151 9.37 3.83 -10.78
N TYR C 152 8.73 3.24 -11.83
CA TYR C 152 7.76 3.95 -12.65
C TYR C 152 6.39 4.01 -11.96
N PRO C 153 5.64 5.11 -12.10
CA PRO C 153 5.83 6.31 -12.92
C PRO C 153 6.63 7.38 -12.23
N GLN C 154 7.27 8.25 -13.02
CA GLN C 154 7.89 9.42 -12.42
C GLN C 154 7.60 10.71 -13.17
N LYS C 155 7.20 10.64 -14.44
CA LYS C 155 6.86 11.82 -15.23
C LYS C 155 5.54 11.51 -15.90
N ALA C 156 4.51 12.28 -15.58
CA ALA C 156 3.20 11.96 -16.11
C ALA C 156 2.22 13.07 -15.77
N ASP C 157 1.15 13.10 -16.53
CA ASP C 157 0.07 14.06 -16.32
C ASP C 157 -1.00 13.47 -15.41
N PHE C 158 -0.61 13.16 -14.16
CA PHE C 158 -1.55 12.72 -13.13
C PHE C 158 -0.85 12.62 -11.78
N THR C 159 -1.62 12.93 -10.73
CA THR C 159 -1.11 12.91 -9.37
C THR C 159 -0.73 11.51 -8.92
N PHE C 160 0.43 11.41 -8.25
CA PHE C 160 0.91 10.14 -7.66
C PHE C 160 0.47 10.12 -6.20
N TYR C 161 -0.80 9.81 -5.97
CA TYR C 161 -1.32 9.81 -4.61
C TYR C 161 -0.56 8.78 -3.78
N GLY C 162 0.00 9.22 -2.66
CA GLY C 162 0.74 8.33 -1.80
C GLY C 162 -0.12 7.71 -0.72
N GLY C 163 0.30 6.54 -0.28
CA GLY C 163 -0.27 5.90 0.88
C GLY C 163 -0.85 4.54 0.53
N MET C 164 -1.55 3.96 1.50
CA MET C 164 -2.13 2.64 1.35
C MET C 164 -3.59 2.82 0.92
N TYR C 165 -3.79 2.93 -0.38
CA TYR C 165 -5.08 3.32 -0.92
C TYR C 165 -5.93 2.13 -1.33
N ARG C 166 -5.46 0.92 -1.09
CA ARG C 166 -6.29 -0.26 -1.28
C ARG C 166 -6.18 -1.13 -0.04
N ASP C 167 -7.08 -2.10 0.04
CA ASP C 167 -7.22 -2.94 1.22
C ASP C 167 -5.87 -3.49 1.67
N VAL C 168 -5.75 -3.75 2.97
CA VAL C 168 -4.67 -4.57 3.50
C VAL C 168 -5.30 -5.70 4.30
N ASN C 169 -4.86 -6.93 4.05
CA ASN C 169 -5.37 -8.09 4.73
C ASN C 169 -4.24 -8.87 5.38
N ILE C 170 -4.62 -9.76 6.29
CA ILE C 170 -3.78 -10.83 6.80
C ILE C 170 -4.40 -12.13 6.34
N ILE C 171 -3.62 -12.98 5.69
CA ILE C 171 -4.07 -14.28 5.21
C ILE C 171 -3.47 -15.35 6.13
N ALA C 172 -4.31 -16.12 6.79
CA ALA C 172 -3.86 -17.30 7.51
C ALA C 172 -4.08 -18.53 6.64
N VAL C 173 -3.03 -19.33 6.48
CA VAL C 173 -3.09 -20.52 5.64
C VAL C 173 -2.32 -21.65 6.30
N ASN C 174 -2.54 -22.84 5.77
CA ASN C 174 -1.79 -24.02 6.12
C ASN C 174 -0.41 -23.96 5.47
N LYS C 175 0.59 -24.59 6.10
CA LYS C 175 1.94 -24.51 5.54
C LYS C 175 1.99 -25.10 4.14
N SER C 176 1.10 -26.02 3.79
CA SER C 176 0.87 -26.38 2.40
C SER C 176 -0.28 -25.56 1.86
N HIS C 177 -0.05 -24.87 0.75
CA HIS C 177 -1.04 -23.91 0.27
C HIS C 177 -0.69 -23.51 -1.16
N PHE C 178 -1.68 -22.95 -1.84
CA PHE C 178 -1.43 -22.43 -3.17
C PHE C 178 -0.54 -21.20 -3.08
N ASP C 179 0.34 -21.05 -4.06
CA ASP C 179 1.38 -20.03 -4.05
C ASP C 179 0.82 -18.65 -3.69
N LEU C 180 1.36 -18.07 -2.62
CA LEU C 180 1.09 -16.69 -2.27
C LEU C 180 2.28 -15.77 -2.57
N ASP C 181 3.35 -16.30 -3.16
CA ASP C 181 4.59 -15.57 -3.24
C ASP C 181 5.05 -15.19 -4.66
N TYR C 182 4.40 -15.68 -5.72
CA TYR C 182 4.87 -15.37 -7.06
C TYR C 182 4.20 -14.10 -7.59
N TYR C 183 4.84 -12.97 -7.32
CA TYR C 183 4.49 -11.69 -7.93
C TYR C 183 3.00 -11.36 -7.78
N GLY C 184 2.46 -11.60 -6.59
CA GLY C 184 1.07 -11.24 -6.29
C GLY C 184 0.01 -12.24 -6.72
N GLY C 185 0.39 -13.42 -7.21
CA GLY C 185 -0.55 -14.35 -7.79
C GLY C 185 -1.33 -15.14 -6.76
N ASN C 186 -2.23 -15.97 -7.29
CA ASN C 186 -3.06 -16.87 -6.51
C ASN C 186 -2.55 -18.29 -6.50
N GLY C 187 -1.78 -18.68 -7.52
CA GLY C 187 -1.47 -20.07 -7.80
C GLY C 187 -2.40 -20.71 -8.79
N LEU C 188 -3.05 -19.93 -9.66
CA LEU C 188 -4.18 -20.45 -10.43
C LEU C 188 -4.16 -19.79 -11.80
N LYS C 189 -3.54 -20.48 -12.76
CA LYS C 189 -3.46 -20.06 -14.15
C LYS C 189 -4.51 -20.85 -14.93
N VAL C 190 -5.31 -20.16 -15.74
CA VAL C 190 -6.49 -20.77 -16.37
C VAL C 190 -6.60 -20.27 -17.82
N THR C 191 -6.35 -21.16 -18.78
CA THR C 191 -6.22 -20.77 -20.18
C THR C 191 -7.25 -21.48 -21.06
N PRO C 192 -8.36 -20.82 -21.44
CA PRO C 192 -9.28 -21.42 -22.39
C PRO C 192 -8.70 -21.52 -23.78
N GLU C 193 -9.16 -22.54 -24.52
CA GLU C 193 -9.01 -22.64 -25.98
C GLU C 193 -10.29 -23.28 -26.54
N VAL C 194 -10.78 -22.73 -27.65
CA VAL C 194 -12.15 -22.96 -28.14
C VAL C 194 -12.11 -23.97 -29.29
N ALA C 195 -12.47 -25.23 -29.00
CA ALA C 195 -12.43 -26.33 -29.96
C ALA C 195 -13.86 -26.67 -30.40
N ASP C 196 -14.22 -26.24 -31.61
CA ASP C 196 -15.50 -26.56 -32.28
C ASP C 196 -16.64 -25.95 -31.45
N LYS C 197 -17.61 -26.74 -30.97
CA LYS C 197 -18.64 -26.24 -30.06
C LYS C 197 -18.25 -26.39 -28.60
N ASN C 198 -16.96 -26.69 -28.32
CA ASN C 198 -16.49 -27.01 -26.98
C ASN C 198 -15.25 -26.18 -26.67
N ALA C 199 -14.75 -26.35 -25.43
CA ALA C 199 -13.65 -25.57 -24.89
C ALA C 199 -12.71 -26.47 -24.11
N LYS C 200 -11.41 -26.36 -24.39
CA LYS C 200 -10.37 -27.06 -23.62
C LYS C 200 -9.72 -26.03 -22.69
N ILE C 201 -10.05 -26.10 -21.41
CA ILE C 201 -9.57 -25.14 -20.42
C ILE C 201 -8.37 -25.74 -19.69
N ALA C 202 -7.19 -25.16 -19.92
CA ALA C 202 -5.97 -25.59 -19.25
C ALA C 202 -5.86 -24.90 -17.89
N VAL C 203 -5.82 -25.69 -16.82
CA VAL C 203 -5.70 -25.15 -15.46
C VAL C 203 -4.34 -25.55 -14.89
N GLU C 204 -3.59 -24.58 -14.39
CA GLU C 204 -2.29 -24.83 -13.80
C GLU C 204 -2.28 -24.27 -12.40
N VAL C 205 -1.83 -25.08 -11.44
CA VAL C 205 -1.70 -24.67 -10.06
C VAL C 205 -0.22 -24.63 -9.68
N PHE C 206 0.12 -23.70 -8.80
CA PHE C 206 1.45 -23.66 -8.22
C PHE C 206 1.33 -23.73 -6.71
N LEU C 207 2.28 -24.42 -6.07
CA LEU C 207 2.20 -24.70 -4.65
C LEU C 207 3.50 -24.40 -3.93
N SER C 208 3.38 -24.18 -2.62
CA SER C 208 4.50 -24.02 -1.70
C SER C 208 4.17 -24.78 -0.44
N GLY C 209 5.09 -25.63 0.00
CA GLY C 209 4.87 -26.45 1.18
C GLY C 209 4.36 -27.85 0.93
N GLU C 210 4.24 -28.27 -0.35
CA GLU C 210 3.63 -29.55 -0.73
C GLU C 210 4.28 -30.73 0.00
N LYS C 211 3.42 -31.68 0.42
CA LYS C 211 3.82 -32.94 1.05
C LYS C 211 3.40 -34.11 0.15
N ALA C 212 4.02 -35.27 0.37
CA ALA C 212 4.04 -36.30 -0.66
C ALA C 212 2.64 -36.86 -0.95
N GLY C 213 1.83 -37.09 0.07
CA GLY C 213 0.57 -37.78 -0.14
C GLY C 213 -0.62 -36.89 -0.47
N GLN C 214 -0.39 -35.79 -1.16
CA GLN C 214 -1.38 -34.72 -1.22
C GLN C 214 -2.08 -34.67 -2.58
N GLN C 215 -3.38 -34.34 -2.53
CA GLN C 215 -4.30 -34.47 -3.65
C GLN C 215 -4.92 -33.12 -4.02
N LEU C 216 -5.10 -32.89 -5.32
CA LEU C 216 -5.73 -31.68 -5.85
C LEU C 216 -6.95 -32.06 -6.68
N VAL C 217 -8.13 -31.60 -6.26
CA VAL C 217 -9.35 -31.74 -7.06
C VAL C 217 -9.64 -30.42 -7.74
N TYR C 218 -9.88 -30.46 -9.04
CA TYR C 218 -10.18 -29.29 -9.85
C TYR C 218 -11.66 -29.26 -10.19
N GLN C 219 -12.22 -28.05 -10.35
CA GLN C 219 -13.65 -27.88 -10.61
C GLN C 219 -13.90 -26.69 -11.52
N ILE C 220 -14.71 -26.92 -12.56
CA ILE C 220 -15.40 -25.87 -13.29
C ILE C 220 -16.86 -25.91 -12.86
N THR C 221 -17.44 -24.75 -12.55
CA THR C 221 -18.89 -24.70 -12.32
C THR C 221 -19.52 -23.67 -13.25
N ASP C 222 -20.85 -23.75 -13.32
CA ASP C 222 -21.70 -22.98 -14.21
C ASP C 222 -21.82 -21.55 -13.73
N ALA C 223 -22.42 -20.71 -14.59
CA ALA C 223 -22.93 -19.43 -14.08
C ALA C 223 -24.00 -19.63 -13.01
N GLU C 224 -24.52 -20.86 -12.90
CA GLU C 224 -25.51 -21.21 -11.88
C GLU C 224 -24.92 -22.17 -10.85
N GLY C 225 -23.60 -22.19 -10.68
CA GLY C 225 -22.97 -23.03 -9.68
C GLY C 225 -23.01 -24.52 -9.96
N VAL C 226 -23.46 -24.93 -11.13
CA VAL C 226 -23.64 -26.34 -11.45
C VAL C 226 -22.32 -26.90 -11.95
N LEU C 227 -21.91 -28.05 -11.40
CA LEU C 227 -20.66 -28.68 -11.81
C LEU C 227 -20.63 -28.92 -13.32
N ALA C 228 -19.44 -28.82 -13.92
CA ALA C 228 -19.35 -28.86 -15.37
C ALA C 228 -18.18 -29.73 -15.83
N ALA C 229 -17.15 -29.81 -15.00
CA ALA C 229 -16.04 -30.72 -15.22
C ALA C 229 -15.34 -30.95 -13.88
N GLU C 230 -14.74 -32.12 -13.74
CA GLU C 230 -14.00 -32.41 -12.52
C GLU C 230 -12.96 -33.50 -12.77
N THR C 231 -11.72 -33.25 -12.34
CA THR C 231 -10.66 -34.25 -12.27
C THR C 231 -10.06 -34.26 -10.88
N LYS C 232 -9.31 -35.34 -10.57
CA LYS C 232 -8.52 -35.44 -9.36
C LYS C 232 -7.17 -36.09 -9.70
N THR C 233 -6.08 -35.42 -9.34
CA THR C 233 -4.72 -35.94 -9.48
C THR C 233 -3.96 -35.69 -8.18
N GLY C 234 -2.84 -36.37 -8.02
CA GLY C 234 -2.03 -36.12 -6.85
C GLY C 234 -1.25 -34.81 -6.96
N ILE C 235 -0.52 -34.51 -5.88
CA ILE C 235 0.38 -33.36 -5.82
C ILE C 235 1.37 -33.40 -6.98
N SER C 236 1.58 -34.60 -7.55
CA SER C 236 2.55 -34.77 -8.62
C SER C 236 2.14 -34.01 -9.87
N ASP C 237 0.84 -33.91 -10.13
CA ASP C 237 0.33 -33.46 -11.43
C ASP C 237 -0.35 -32.10 -11.28
N LYS C 238 0.41 -31.05 -11.62
CA LYS C 238 -0.01 -29.67 -11.36
C LYS C 238 -0.71 -29.00 -12.54
N GLN C 239 -0.52 -29.52 -13.77
CA GLN C 239 -1.17 -29.03 -14.98
C GLN C 239 -2.27 -30.00 -15.39
N VAL C 240 -3.41 -29.48 -15.85
CA VAL C 240 -4.59 -30.29 -16.15
C VAL C 240 -5.40 -29.61 -17.24
N ASN C 241 -6.03 -30.40 -18.12
CA ASN C 241 -6.86 -29.87 -19.20
C ASN C 241 -8.29 -30.41 -19.12
N LEU C 242 -9.19 -29.68 -18.44
CA LEU C 242 -10.61 -30.02 -18.37
C LEU C 242 -11.39 -29.49 -19.58
N GLU C 243 -12.39 -30.25 -20.02
CA GLU C 243 -13.21 -29.90 -21.17
C GLU C 243 -14.60 -29.40 -20.75
N ILE C 244 -15.18 -28.54 -21.58
CA ILE C 244 -16.51 -28.00 -21.35
C ILE C 244 -17.39 -28.35 -22.54
N THR C 245 -18.44 -29.13 -22.29
CA THR C 245 -19.36 -29.61 -23.31
C THR C 245 -20.40 -28.53 -23.63
N ASP C 246 -20.37 -28.02 -24.86
CA ASP C 246 -21.24 -26.93 -25.35
C ASP C 246 -21.03 -25.65 -24.53
N VAL C 247 -19.89 -25.02 -24.79
CA VAL C 247 -19.46 -23.88 -23.98
C VAL C 247 -20.30 -22.65 -24.31
N HIS C 248 -20.47 -21.78 -23.31
CA HIS C 248 -21.05 -20.45 -23.47
C HIS C 248 -19.93 -19.43 -23.69
N LEU C 249 -19.76 -18.97 -24.93
CA LEU C 249 -18.70 -18.01 -25.21
C LEU C 249 -18.95 -16.69 -24.48
N TRP C 250 -17.90 -16.16 -23.86
CA TRP C 250 -17.87 -14.78 -23.39
C TRP C 250 -17.96 -13.90 -24.63
N ASN C 251 -19.06 -13.18 -24.81
CA ASN C 251 -19.32 -12.49 -26.08
C ASN C 251 -19.43 -10.98 -25.88
N GLY C 252 -18.62 -10.41 -25.01
CA GLY C 252 -18.69 -8.98 -24.79
C GLY C 252 -19.94 -8.59 -24.01
N ARG C 253 -20.38 -7.35 -24.24
CA ARG C 253 -21.59 -6.85 -23.60
C ARG C 253 -22.85 -7.55 -24.11
N LYS C 254 -22.73 -8.48 -25.06
CA LYS C 254 -23.83 -9.35 -25.46
C LYS C 254 -24.06 -10.46 -24.43
N ASP C 255 -23.20 -11.47 -24.40
CA ASP C 255 -23.32 -12.55 -23.43
C ASP C 255 -22.00 -12.72 -22.68
N PRO C 256 -21.72 -11.86 -21.69
CA PRO C 256 -20.52 -12.02 -20.88
C PRO C 256 -20.59 -13.20 -19.91
N TYR C 257 -20.62 -14.42 -20.46
CA TYR C 257 -20.76 -15.59 -19.63
C TYR C 257 -19.44 -15.92 -18.96
N LEU C 258 -19.48 -16.15 -17.64
CA LEU C 258 -18.29 -16.47 -16.85
C LEU C 258 -18.48 -17.81 -16.14
N TYR C 259 -17.51 -18.71 -16.31
CA TYR C 259 -17.43 -19.91 -15.48
C TYR C 259 -16.55 -19.62 -14.26
N THR C 260 -16.52 -20.57 -13.34
CA THR C 260 -15.67 -20.47 -12.15
C THR C 260 -14.72 -21.66 -12.15
N ALA C 261 -13.42 -21.38 -12.00
CA ALA C 261 -12.43 -22.42 -11.76
C ALA C 261 -12.07 -22.43 -10.28
N THR C 262 -12.14 -23.60 -9.64
CA THR C 262 -11.88 -23.74 -8.21
C THR C 262 -11.03 -24.96 -7.98
N VAL C 263 -9.89 -24.80 -7.29
CA VAL C 263 -8.97 -25.89 -7.00
C VAL C 263 -8.83 -26.05 -5.48
N ARG C 264 -8.87 -27.30 -5.02
CA ARG C 264 -8.71 -27.61 -3.60
C ARG C 264 -7.49 -28.50 -3.39
N LEU C 265 -6.75 -28.24 -2.30
CA LEU C 265 -5.61 -29.06 -1.88
C LEU C 265 -6.03 -29.94 -0.71
N MET C 266 -5.82 -31.25 -0.84
CA MET C 266 -6.38 -32.22 0.09
C MET C 266 -5.30 -33.06 0.75
N GLU C 267 -5.44 -33.26 2.06
CA GLU C 267 -4.57 -34.08 2.89
C GLU C 267 -5.44 -35.04 3.68
N ASP C 268 -5.31 -36.34 3.42
CA ASP C 268 -6.30 -37.35 3.78
C ASP C 268 -7.61 -36.91 3.11
N GLY C 269 -8.67 -36.65 3.86
CA GLY C 269 -9.92 -36.18 3.28
C GLY C 269 -10.26 -34.76 3.68
N VAL C 270 -9.40 -34.15 4.50
CA VAL C 270 -9.54 -32.74 4.84
C VAL C 270 -9.27 -31.89 3.60
N CYS C 271 -9.81 -30.67 3.61
CA CYS C 271 -9.58 -29.67 2.57
C CYS C 271 -8.74 -28.56 3.22
N ILE C 272 -7.42 -28.57 2.99
CA ILE C 272 -6.53 -27.66 3.71
C ILE C 272 -6.38 -26.29 3.00
N ASP C 273 -6.56 -26.22 1.69
CA ASP C 273 -6.48 -24.90 1.05
C ASP C 273 -7.26 -24.90 -0.25
N SER C 274 -7.61 -23.69 -0.70
CA SER C 274 -8.55 -23.49 -1.78
C SER C 274 -8.24 -22.20 -2.52
N VAL C 275 -8.37 -22.22 -3.84
CA VAL C 275 -8.19 -21.02 -4.63
C VAL C 275 -9.21 -21.02 -5.78
N SER C 276 -9.67 -19.84 -6.17
CA SER C 276 -10.57 -19.82 -7.31
C SER C 276 -10.45 -18.52 -8.07
N THR C 277 -10.66 -18.60 -9.38
CA THR C 277 -10.87 -17.42 -10.20
C THR C 277 -12.10 -17.63 -11.07
N ARG C 278 -12.74 -16.52 -11.44
CA ARG C 278 -13.70 -16.62 -12.52
C ARG C 278 -12.97 -16.48 -13.84
N PHE C 279 -13.58 -17.00 -14.91
CA PHE C 279 -13.00 -16.86 -16.24
C PHE C 279 -14.08 -16.94 -17.31
N GLY C 280 -13.75 -16.41 -18.47
CA GLY C 280 -14.59 -16.55 -19.64
C GLY C 280 -13.80 -17.12 -20.81
N CYS C 281 -14.46 -17.99 -21.58
CA CYS C 281 -13.87 -18.57 -22.78
C CYS C 281 -14.19 -17.67 -23.96
N ARG C 282 -13.15 -17.21 -24.66
CA ARG C 282 -13.38 -16.41 -25.86
C ARG C 282 -12.13 -16.42 -26.74
N THR C 283 -12.32 -15.93 -27.96
CA THR C 283 -11.26 -15.85 -28.94
C THR C 283 -11.40 -14.52 -29.67
N PHE C 284 -10.26 -13.97 -30.06
CA PHE C 284 -10.29 -12.66 -30.68
C PHE C 284 -9.11 -12.54 -31.64
N THR C 285 -9.26 -11.65 -32.59
CA THR C 285 -8.20 -11.35 -33.54
C THR C 285 -8.29 -9.87 -33.90
N ILE C 286 -7.13 -9.25 -34.15
CA ILE C 286 -7.14 -7.84 -34.54
C ILE C 286 -6.76 -7.62 -36.00
N ASP C 287 -7.76 -7.61 -36.88
CA ASP C 287 -7.56 -7.44 -38.32
C ASP C 287 -7.09 -6.02 -38.68
N PRO C 288 -6.07 -5.87 -39.52
CA PRO C 288 -5.58 -4.52 -39.84
C PRO C 288 -6.48 -3.77 -40.78
N ASP C 289 -7.31 -4.46 -41.55
CA ASP C 289 -8.24 -3.83 -42.47
C ASP C 289 -9.68 -3.83 -41.95
N LYS C 290 -10.10 -4.89 -41.24
CA LYS C 290 -11.49 -5.02 -40.85
C LYS C 290 -11.75 -4.65 -39.39
N GLY C 291 -10.71 -4.53 -38.56
CA GLY C 291 -10.89 -4.12 -37.19
C GLY C 291 -10.92 -5.27 -36.20
N PHE C 292 -11.46 -4.98 -35.02
CA PHE C 292 -11.44 -5.94 -33.92
C PHE C 292 -12.53 -6.98 -34.08
N PHE C 293 -12.17 -8.24 -33.86
CA PHE C 293 -13.09 -9.35 -33.99
C PHE C 293 -13.15 -10.12 -32.67
N LEU C 294 -14.37 -10.49 -32.27
CA LEU C 294 -14.62 -11.18 -31.01
C LEU C 294 -15.44 -12.43 -31.31
N ASN C 295 -14.83 -13.61 -31.11
CA ASN C 295 -15.47 -14.90 -31.38
C ASN C 295 -15.87 -15.04 -32.84
N GLY C 296 -15.12 -14.39 -33.75
CA GLY C 296 -15.35 -14.49 -35.17
C GLY C 296 -16.21 -13.38 -35.77
N ASN C 297 -16.93 -12.63 -34.94
CA ASN C 297 -17.77 -11.55 -35.41
C ASN C 297 -17.07 -10.22 -35.15
N SER C 298 -17.29 -9.26 -36.04
CA SER C 298 -16.67 -7.94 -35.87
C SER C 298 -17.27 -7.25 -34.64
N TYR C 299 -16.42 -6.97 -33.63
CA TYR C 299 -16.82 -6.36 -32.37
C TYR C 299 -16.07 -5.05 -32.21
N PRO C 300 -16.46 -4.00 -32.93
CA PRO C 300 -15.73 -2.72 -32.86
C PRO C 300 -15.55 -2.23 -31.42
N LEU C 301 -14.30 -1.91 -31.09
CA LEU C 301 -13.94 -1.35 -29.80
C LEU C 301 -14.01 0.17 -29.87
N ARG C 302 -15.08 0.75 -29.30
CA ARG C 302 -15.22 2.19 -29.21
C ARG C 302 -15.50 2.51 -27.74
N GLY C 303 -14.55 3.22 -27.07
CA GLY C 303 -14.62 3.41 -25.63
C GLY C 303 -13.90 4.63 -25.08
N VAL C 304 -13.35 4.49 -23.88
CA VAL C 304 -12.83 5.61 -23.11
C VAL C 304 -11.60 5.17 -22.33
N SER C 305 -10.96 6.12 -21.65
CA SER C 305 -9.94 5.81 -20.66
C SER C 305 -10.46 6.14 -19.26
N ARG C 306 -9.99 5.40 -18.27
CA ARG C 306 -10.41 5.62 -16.89
C ARG C 306 -9.19 5.73 -15.98
N HIS C 307 -9.29 6.60 -14.98
CA HIS C 307 -8.31 6.69 -13.91
C HIS C 307 -8.94 6.21 -12.60
N GLN C 308 -8.10 5.81 -11.66
CA GLN C 308 -8.57 5.25 -10.38
C GLN C 308 -8.58 6.31 -9.28
N ASP C 309 -9.10 7.51 -9.58
CA ASP C 309 -9.30 8.52 -8.55
C ASP C 309 -10.66 9.22 -8.78
N ARG C 310 -10.97 10.22 -7.95
CA ARG C 310 -12.27 10.89 -7.95
C ARG C 310 -12.23 12.05 -6.95
N ALA C 311 -13.18 12.95 -7.08
CA ALA C 311 -13.12 14.17 -6.28
C ALA C 311 -13.20 13.84 -4.80
N GLY C 312 -12.37 14.53 -4.02
CA GLY C 312 -12.41 14.32 -2.58
C GLY C 312 -11.85 13.02 -2.04
N ASN C 313 -12.18 11.89 -2.65
CA ASN C 313 -11.61 10.62 -2.23
C ASN C 313 -10.17 10.41 -2.71
N GLY C 314 -9.69 11.20 -3.67
CA GLY C 314 -8.40 10.88 -4.21
C GLY C 314 -8.50 9.51 -4.87
N ASN C 315 -7.43 8.73 -4.75
CA ASN C 315 -7.46 7.36 -5.21
C ASN C 315 -7.85 6.36 -4.11
N ALA C 316 -8.31 6.82 -2.94
CA ALA C 316 -8.74 5.90 -1.89
C ALA C 316 -10.17 5.46 -2.17
N LEU C 317 -10.30 4.62 -3.20
CA LEU C 317 -11.63 4.30 -3.70
C LEU C 317 -12.26 3.18 -2.89
N LEU C 318 -13.57 3.27 -2.74
CA LEU C 318 -14.45 2.27 -2.14
C LEU C 318 -15.14 1.49 -3.24
N PRO C 319 -15.75 0.35 -2.91
CA PRO C 319 -16.32 -0.47 -3.97
C PRO C 319 -17.51 0.17 -4.69
N GLU C 320 -18.29 1.03 -4.02
CA GLU C 320 -19.33 1.72 -4.78
C GLU C 320 -18.73 2.64 -5.84
N HIS C 321 -17.57 3.26 -5.57
CA HIS C 321 -17.00 4.17 -6.57
C HIS C 321 -16.67 3.43 -7.86
N HIS C 322 -16.11 2.22 -7.75
CA HIS C 322 -15.87 1.42 -8.96
C HIS C 322 -17.17 1.10 -9.68
N ARG C 323 -18.21 0.73 -8.95
CA ARG C 323 -19.48 0.37 -9.58
C ARG C 323 -20.07 1.55 -10.33
N GLU C 324 -20.12 2.72 -9.67
CA GLU C 324 -20.62 3.93 -10.32
C GLU C 324 -19.81 4.25 -11.56
N ASP C 325 -18.48 4.20 -11.44
CA ASP C 325 -17.61 4.39 -12.60
C ASP C 325 -17.97 3.43 -13.73
N ILE C 326 -18.15 2.15 -13.40
CA ILE C 326 -18.52 1.18 -14.42
C ILE C 326 -19.88 1.50 -15.02
N ASP C 327 -20.88 1.77 -14.17
CA ASP C 327 -22.25 1.92 -14.68
C ASP C 327 -22.32 3.02 -15.72
N LEU C 328 -21.58 4.11 -15.48
CA LEU C 328 -21.66 5.26 -16.37
C LEU C 328 -20.97 4.99 -17.71
N ILE C 329 -19.86 4.23 -17.71
CA ILE C 329 -19.26 3.89 -18.98
C ILE C 329 -20.19 2.97 -19.76
N CYS C 330 -20.88 2.07 -19.07
CA CYS C 330 -21.85 1.21 -19.74
C CYS C 330 -23.03 2.01 -20.31
N GLU C 331 -23.70 2.78 -19.46
CA GLU C 331 -24.80 3.66 -19.85
C GLU C 331 -24.47 4.44 -21.12
N MET C 332 -23.19 4.85 -21.25
CA MET C 332 -22.74 5.56 -22.44
C MET C 332 -22.62 4.64 -23.65
N GLY C 333 -22.57 3.33 -23.44
CA GLY C 333 -22.52 2.38 -24.53
C GLY C 333 -21.14 2.04 -25.05
N ALA C 334 -20.09 2.28 -24.26
CA ALA C 334 -18.74 1.94 -24.68
C ALA C 334 -18.53 0.42 -24.66
N THR C 335 -17.73 -0.08 -25.60
CA THR C 335 -17.35 -1.48 -25.64
C THR C 335 -15.93 -1.75 -25.20
N THR C 336 -15.09 -0.70 -25.07
CA THR C 336 -13.72 -0.85 -24.63
C THR C 336 -13.39 0.21 -23.58
N ILE C 337 -12.58 -0.18 -22.60
CA ILE C 337 -11.95 0.77 -21.68
C ILE C 337 -10.45 0.53 -21.69
N ARG C 338 -9.69 1.61 -21.82
CA ARG C 338 -8.23 1.57 -21.76
C ARG C 338 -7.83 2.01 -20.35
N LEU C 339 -7.32 1.06 -19.55
CA LEU C 339 -6.96 1.34 -18.15
C LEU C 339 -5.56 1.95 -18.02
N ALA C 340 -5.38 3.07 -18.73
CA ALA C 340 -4.26 3.97 -18.48
C ALA C 340 -4.25 4.35 -17.01
N HIS C 341 -3.05 4.51 -16.42
CA HIS C 341 -1.74 4.21 -17.00
C HIS C 341 -1.05 3.19 -16.09
N TYR C 342 -1.80 2.28 -15.49
CA TYR C 342 -1.20 1.38 -14.52
C TYR C 342 -2.16 0.23 -14.26
N GLN C 343 -1.69 -0.77 -13.52
CA GLN C 343 -2.59 -1.82 -13.08
C GLN C 343 -3.65 -1.20 -12.20
N HIS C 344 -4.90 -1.62 -12.39
CA HIS C 344 -6.03 -1.09 -11.65
C HIS C 344 -6.41 -2.07 -10.53
N ALA C 345 -7.42 -1.69 -9.75
CA ALA C 345 -7.88 -2.53 -8.65
C ALA C 345 -8.48 -3.83 -9.18
N GLN C 346 -8.24 -4.94 -8.48
CA GLN C 346 -8.84 -6.19 -8.92
C GLN C 346 -10.35 -6.07 -9.06
N TYR C 347 -11.02 -5.44 -8.10
CA TYR C 347 -12.47 -5.32 -8.16
C TYR C 347 -12.92 -4.71 -9.47
N PHE C 348 -12.21 -3.69 -9.96
CA PHE C 348 -12.62 -3.01 -11.19
C PHE C 348 -12.46 -3.91 -12.40
N TYR C 349 -11.42 -4.73 -12.44
CA TYR C 349 -11.31 -5.68 -13.55
C TYR C 349 -12.41 -6.72 -13.46
N ASP C 350 -12.83 -7.08 -12.24
CA ASP C 350 -13.91 -8.04 -12.07
C ASP C 350 -15.23 -7.51 -12.63
N LEU C 351 -15.58 -6.27 -12.28
CA LEU C 351 -16.76 -5.64 -12.87
C LEU C 351 -16.65 -5.61 -14.39
N CYS C 352 -15.44 -5.46 -14.93
CA CYS C 352 -15.27 -5.43 -16.37
C CYS C 352 -15.54 -6.80 -16.98
N ASP C 353 -15.10 -7.87 -16.31
CA ASP C 353 -15.43 -9.21 -16.77
C ASP C 353 -16.94 -9.44 -16.78
N GLU C 354 -17.64 -8.92 -15.76
CA GLU C 354 -19.08 -9.20 -15.64
C GLU C 354 -19.91 -8.47 -16.69
N LYS C 355 -19.59 -7.20 -16.94
CA LYS C 355 -20.32 -6.39 -17.90
C LYS C 355 -19.89 -6.67 -19.34
N GLY C 356 -18.71 -7.26 -19.55
CA GLY C 356 -18.27 -7.62 -20.88
C GLY C 356 -17.44 -6.58 -21.60
N LEU C 357 -16.80 -5.67 -20.88
CA LEU C 357 -15.98 -4.67 -21.54
C LEU C 357 -14.67 -5.29 -22.01
N VAL C 358 -14.11 -4.74 -23.09
CA VAL C 358 -12.86 -5.23 -23.67
C VAL C 358 -11.78 -4.22 -23.34
N LEU C 359 -10.73 -4.67 -22.67
CA LEU C 359 -9.83 -3.78 -21.94
C LEU C 359 -8.41 -3.80 -22.47
N TRP C 360 -7.76 -2.64 -22.34
CA TRP C 360 -6.32 -2.46 -22.52
C TRP C 360 -5.73 -2.26 -21.14
N ALA C 361 -4.73 -3.06 -20.79
CA ALA C 361 -4.07 -3.00 -19.48
C ALA C 361 -2.59 -2.67 -19.68
N GLU C 362 -2.09 -1.67 -18.95
CA GLU C 362 -0.72 -1.22 -19.16
C GLU C 362 -0.01 -0.95 -17.85
N ILE C 363 1.32 -1.09 -17.86
CA ILE C 363 2.21 -0.71 -16.75
C ILE C 363 2.54 0.77 -16.85
N PRO C 364 2.98 1.43 -15.78
CA PRO C 364 3.19 2.88 -15.85
C PRO C 364 4.52 3.28 -16.48
N TYR C 365 4.98 2.49 -17.45
CA TYR C 365 6.19 2.80 -18.21
C TYR C 365 5.91 3.99 -19.13
N ILE C 366 6.22 5.20 -18.69
CA ILE C 366 5.47 6.34 -19.21
C ILE C 366 6.37 7.57 -19.40
N SER C 367 6.15 8.28 -20.51
CA SER C 367 6.67 9.62 -20.77
C SER C 367 8.16 9.72 -21.10
N GLN C 368 9.04 9.06 -20.32
CA GLN C 368 10.48 9.24 -20.44
C GLN C 368 11.20 8.00 -19.94
N HIS C 369 12.10 7.46 -20.77
CA HIS C 369 12.82 6.25 -20.41
C HIS C 369 13.86 6.60 -19.36
N MET C 370 13.93 5.78 -18.31
CA MET C 370 14.94 5.86 -17.25
C MET C 370 15.83 4.63 -17.35
N LYS C 371 17.15 4.86 -17.38
CA LYS C 371 18.10 3.76 -17.51
C LYS C 371 17.90 2.75 -16.39
N ASN C 372 18.02 3.21 -15.14
CA ASN C 372 17.87 2.36 -13.97
C ASN C 372 16.43 1.95 -13.70
N GLY C 373 15.48 2.40 -14.52
CA GLY C 373 14.10 1.93 -14.48
C GLY C 373 13.80 0.62 -15.18
N ARG C 374 14.78 -0.09 -15.74
CA ARG C 374 14.45 -1.34 -16.43
C ARG C 374 13.94 -2.39 -15.46
N GLU C 375 14.66 -2.62 -14.37
CA GLU C 375 14.34 -3.77 -13.53
C GLU C 375 12.93 -3.69 -12.96
N ASN C 376 12.33 -2.50 -12.93
CA ASN C 376 11.00 -2.28 -12.38
C ASN C 376 9.90 -2.40 -13.41
N THR C 377 10.15 -2.03 -14.67
CA THR C 377 9.18 -2.30 -15.72
C THR C 377 8.95 -3.80 -15.85
N ILE C 378 10.03 -4.58 -15.75
CA ILE C 378 9.93 -6.03 -15.74
C ILE C 378 9.11 -6.49 -14.54
N SER C 379 9.37 -5.89 -13.37
CA SER C 379 8.61 -6.21 -12.16
C SER C 379 7.13 -5.98 -12.38
N GLN C 380 6.76 -4.76 -12.77
CA GLN C 380 5.35 -4.41 -12.84
C GLN C 380 4.65 -5.19 -13.93
N MET C 381 5.35 -5.53 -15.02
CA MET C 381 4.73 -6.30 -16.09
C MET C 381 4.47 -7.74 -15.69
N LYS C 382 5.35 -8.35 -14.89
CA LYS C 382 5.02 -9.68 -14.41
C LYS C 382 3.84 -9.64 -13.44
N GLU C 383 3.75 -8.57 -12.66
CA GLU C 383 2.67 -8.48 -11.70
C GLU C 383 1.34 -8.20 -12.41
N LEU C 384 1.39 -7.40 -13.47
CA LEU C 384 0.20 -7.15 -14.28
C LEU C 384 -0.36 -8.46 -14.81
N ILE C 385 0.51 -9.30 -15.37
CA ILE C 385 0.09 -10.50 -16.06
C ILE C 385 -0.25 -11.62 -15.07
N VAL C 386 0.64 -11.89 -14.10
CA VAL C 386 0.35 -12.94 -13.13
C VAL C 386 -1.00 -12.70 -12.47
N GLN C 387 -1.26 -11.46 -12.05
CA GLN C 387 -2.46 -11.10 -11.31
C GLN C 387 -3.70 -10.88 -12.18
N ASN C 388 -3.56 -10.76 -13.51
CA ASN C 388 -4.70 -10.48 -14.36
C ASN C 388 -4.80 -11.43 -15.55
N TYR C 389 -4.09 -12.55 -15.53
CA TYR C 389 -4.13 -13.46 -16.67
C TYR C 389 -5.50 -14.12 -16.82
N ASN C 390 -6.24 -14.24 -15.72
CA ASN C 390 -7.53 -14.94 -15.69
C ASN C 390 -8.70 -14.04 -16.07
N HIS C 391 -8.45 -12.77 -16.41
CA HIS C 391 -9.48 -11.77 -16.70
C HIS C 391 -9.88 -11.74 -18.17
N PRO C 392 -10.98 -12.40 -18.57
CA PRO C 392 -11.32 -12.49 -20.00
C PRO C 392 -11.55 -11.15 -20.67
N SER C 393 -11.66 -10.07 -19.91
CA SER C 393 -11.93 -8.77 -20.51
C SER C 393 -10.68 -8.12 -21.09
N ILE C 394 -9.51 -8.51 -20.63
CA ILE C 394 -8.25 -7.97 -21.13
C ILE C 394 -7.84 -8.72 -22.39
N VAL C 395 -7.55 -7.99 -23.46
CA VAL C 395 -7.03 -8.60 -24.68
C VAL C 395 -5.62 -8.11 -25.04
N VAL C 396 -5.28 -6.85 -24.75
CA VAL C 396 -3.96 -6.34 -25.04
C VAL C 396 -3.21 -6.01 -23.75
N TRP C 397 -1.88 -6.13 -23.80
CA TRP C 397 -0.98 -5.68 -22.75
C TRP C 397 -0.26 -4.43 -23.23
N GLY C 398 -0.34 -3.34 -22.46
CA GLY C 398 0.23 -2.09 -22.90
C GLY C 398 1.64 -1.92 -22.44
N LEU C 399 2.59 -1.71 -23.36
CA LEU C 399 4.00 -1.70 -22.96
C LEU C 399 4.43 -0.36 -22.41
N SER C 400 3.89 0.73 -22.96
CA SER C 400 4.33 2.07 -22.58
C SER C 400 3.36 3.08 -23.17
N ASN C 401 3.52 4.34 -22.74
CA ASN C 401 2.62 5.41 -23.16
C ASN C 401 3.46 6.67 -23.34
N GLU C 402 3.50 7.19 -24.56
CA GLU C 402 4.21 8.43 -24.91
C GLU C 402 5.68 8.38 -24.48
N ILE C 403 6.31 7.21 -24.68
CA ILE C 403 7.65 6.94 -24.14
C ILE C 403 8.77 7.65 -24.89
N THR C 404 8.52 8.23 -26.07
CA THR C 404 9.54 9.02 -26.74
C THR C 404 9.34 10.52 -26.55
N MET C 405 8.46 10.94 -25.61
CA MET C 405 8.19 12.35 -25.34
C MET C 405 9.46 13.12 -24.91
N SER C 406 10.59 12.42 -24.71
CA SER C 406 11.92 13.06 -24.60
C SER C 406 13.09 12.06 -24.86
N ASP C 410 15.76 5.13 -29.86
CA ASP C 410 16.93 5.20 -28.99
C ASP C 410 17.34 3.80 -28.47
N GLU C 411 18.63 3.53 -28.26
CA GLU C 411 19.06 2.13 -28.13
C GLU C 411 18.53 1.48 -26.86
N ASP C 412 18.69 2.16 -25.73
CA ASP C 412 18.32 1.55 -24.44
C ASP C 412 16.83 1.33 -24.34
N LEU C 413 16.05 2.37 -24.66
CA LEU C 413 14.61 2.27 -24.89
C LEU C 413 14.23 1.05 -25.72
N MET C 414 14.85 0.90 -26.90
CA MET C 414 14.54 -0.23 -27.77
C MET C 414 14.73 -1.54 -27.03
N GLU C 415 15.87 -1.71 -26.38
CA GLU C 415 16.10 -3.00 -25.73
C GLU C 415 15.12 -3.22 -24.59
N ASN C 416 14.63 -2.15 -23.97
CA ASN C 416 13.63 -2.29 -22.91
C ASN C 416 12.30 -2.81 -23.47
N HIS C 417 11.79 -2.19 -24.54
CA HIS C 417 10.52 -2.62 -25.10
C HIS C 417 10.59 -4.04 -25.64
N HIS C 418 11.77 -4.49 -26.08
CA HIS C 418 11.89 -5.86 -26.57
C HIS C 418 11.84 -6.86 -25.44
N ILE C 419 12.55 -6.56 -24.35
CA ILE C 419 12.46 -7.40 -23.16
C ILE C 419 11.01 -7.52 -22.70
N LEU C 420 10.29 -6.40 -22.72
CA LEU C 420 8.88 -6.42 -22.35
C LEU C 420 8.03 -7.09 -23.43
N ASN C 421 8.33 -6.87 -24.71
CA ASN C 421 7.52 -7.50 -25.76
C ASN C 421 7.64 -9.02 -25.72
N ASP C 422 8.83 -9.54 -25.39
CA ASP C 422 9.01 -10.98 -25.35
C ASP C 422 8.53 -11.54 -24.02
N LEU C 423 8.65 -10.76 -22.95
CA LEU C 423 8.19 -11.22 -21.65
C LEU C 423 6.70 -11.53 -21.70
N ALA C 424 5.90 -10.55 -22.13
CA ALA C 424 4.47 -10.78 -22.33
C ALA C 424 4.25 -12.00 -23.21
N HIS C 425 4.90 -12.03 -24.38
CA HIS C 425 4.70 -13.14 -25.31
C HIS C 425 5.11 -14.47 -24.71
N GLU C 426 6.09 -14.48 -23.80
CA GLU C 426 6.46 -15.73 -23.18
C GLU C 426 5.46 -16.12 -22.08
N MET C 427 4.96 -15.14 -21.33
CA MET C 427 4.10 -15.43 -20.18
C MET C 427 2.66 -15.69 -20.60
N ASP C 428 2.16 -14.93 -21.55
CA ASP C 428 0.76 -14.98 -21.94
C ASP C 428 0.73 -14.85 -23.45
N PRO C 429 0.94 -15.97 -24.16
CA PRO C 429 0.91 -15.95 -25.62
C PRO C 429 -0.51 -15.92 -26.18
N THR C 430 -1.51 -15.93 -25.31
CA THR C 430 -2.90 -15.89 -25.72
C THR C 430 -3.41 -14.47 -25.92
N ARG C 431 -2.61 -13.46 -25.58
CA ARG C 431 -3.01 -12.07 -25.78
C ARG C 431 -1.95 -11.31 -26.58
N LEU C 432 -2.35 -10.12 -27.04
CA LEU C 432 -1.50 -9.29 -27.88
C LEU C 432 -0.92 -8.10 -27.12
N THR C 433 0.26 -7.64 -27.53
CA THR C 433 0.88 -6.50 -26.87
C THR C 433 0.62 -5.22 -27.68
N THR C 434 0.61 -4.07 -26.99
CA THR C 434 0.38 -2.78 -27.65
C THR C 434 1.13 -1.68 -26.89
N MET C 435 0.88 -0.43 -27.29
CA MET C 435 1.51 0.74 -26.68
C MET C 435 0.83 1.98 -27.23
N ALA C 436 0.78 3.03 -26.39
CA ALA C 436 0.31 4.35 -26.80
C ALA C 436 1.51 5.21 -27.20
N VAL C 437 1.44 5.83 -28.38
CA VAL C 437 2.55 6.61 -28.93
C VAL C 437 2.20 8.09 -28.97
N VAL C 438 3.17 8.94 -28.57
CA VAL C 438 2.91 10.37 -28.38
C VAL C 438 2.59 11.03 -29.71
N SER C 439 1.63 11.98 -29.69
CA SER C 439 1.11 12.64 -30.89
C SER C 439 2.22 13.03 -31.86
N MET C 440 3.34 13.51 -31.30
CA MET C 440 4.40 14.09 -32.12
C MET C 440 5.11 13.04 -32.98
N CYS C 441 5.41 11.88 -32.42
CA CYS C 441 6.47 10.99 -32.92
C CYS C 441 6.16 10.46 -34.32
N ASP C 442 7.24 10.22 -35.08
CA ASP C 442 7.14 9.90 -36.50
C ASP C 442 6.91 8.41 -36.73
N MET C 443 5.92 8.09 -37.58
CA MET C 443 5.44 6.73 -37.72
C MET C 443 6.47 5.77 -38.27
N HIS C 444 7.48 6.27 -38.96
CA HIS C 444 8.54 5.40 -39.46
C HIS C 444 9.56 5.06 -38.37
N ASN C 445 9.34 5.48 -37.10
CA ASN C 445 10.29 5.22 -36.03
C ASN C 445 10.48 3.72 -35.84
N PRO C 446 11.72 3.23 -35.72
CA PRO C 446 11.92 1.78 -35.58
C PRO C 446 11.13 1.15 -34.44
N TYR C 447 10.88 1.87 -33.34
CA TYR C 447 10.24 1.27 -32.17
C TYR C 447 8.72 1.07 -32.34
N ILE C 448 8.13 1.48 -33.45
CA ILE C 448 6.74 1.16 -33.71
C ILE C 448 6.56 -0.29 -34.17
N GLN C 449 7.62 -0.94 -34.64
CA GLN C 449 7.49 -2.28 -35.19
C GLN C 449 7.54 -3.36 -34.13
N ILE C 450 7.64 -2.97 -32.86
CA ILE C 450 7.99 -3.90 -31.80
C ILE C 450 6.77 -4.65 -31.26
N PRO C 451 5.62 -3.98 -31.00
CA PRO C 451 4.46 -4.73 -30.48
C PRO C 451 3.64 -5.36 -31.59
N ASP C 452 2.45 -5.83 -31.23
CA ASP C 452 1.55 -6.50 -32.15
C ASP C 452 0.59 -5.52 -32.82
N VAL C 453 0.17 -4.48 -32.08
CA VAL C 453 -0.67 -3.41 -32.59
C VAL C 453 -0.13 -2.10 -32.03
N VAL C 454 -0.67 -0.97 -32.52
CA VAL C 454 -0.17 0.35 -32.17
C VAL C 454 -1.37 1.30 -32.03
N SER C 455 -1.32 2.17 -31.03
CA SER C 455 -2.31 3.22 -30.85
C SER C 455 -1.62 4.57 -30.71
N TYR C 456 -2.30 5.63 -31.15
CA TYR C 456 -1.73 6.97 -31.10
C TYR C 456 -2.54 7.87 -30.18
N ASN C 457 -1.89 8.93 -29.71
CA ASN C 457 -2.48 9.90 -28.79
C ASN C 457 -2.47 11.25 -29.52
N HIS C 458 -3.49 11.49 -30.35
CA HIS C 458 -3.58 12.69 -31.19
C HIS C 458 -4.67 13.63 -30.69
N TYR C 459 -4.26 14.85 -30.33
CA TYR C 459 -5.22 15.87 -29.91
C TYR C 459 -5.34 16.95 -30.98
N PHE C 460 -5.68 16.56 -32.23
CA PHE C 460 -5.81 17.53 -33.32
C PHE C 460 -7.15 18.22 -33.18
N GLY C 461 -7.09 19.54 -33.02
CA GLY C 461 -8.26 20.32 -32.70
C GLY C 461 -8.31 20.77 -31.27
N TRP C 462 -7.27 20.48 -30.48
CA TRP C 462 -7.15 20.99 -29.12
C TRP C 462 -5.77 21.58 -28.84
N TYR C 463 -4.70 20.82 -29.08
CA TYR C 463 -3.33 21.35 -28.97
C TYR C 463 -2.82 21.76 -30.35
N GLY C 464 -3.46 22.79 -30.90
CA GLY C 464 -3.16 23.25 -32.25
C GLY C 464 -3.75 22.32 -33.29
N GLY C 465 -3.72 22.73 -34.55
CA GLY C 465 -4.33 21.91 -35.57
C GLY C 465 -5.83 22.14 -35.66
N ASP C 466 -6.50 21.22 -36.36
CA ASP C 466 -7.91 21.29 -36.64
C ASP C 466 -8.50 19.89 -36.49
N THR C 467 -9.76 19.81 -36.05
CA THR C 467 -10.38 18.50 -35.84
C THR C 467 -10.34 17.62 -37.09
N SER C 468 -10.15 18.21 -38.27
CA SER C 468 -10.22 17.48 -39.51
C SER C 468 -8.93 16.74 -39.86
N MET C 469 -7.82 16.97 -39.14
CA MET C 469 -6.60 16.23 -39.42
C MET C 469 -6.63 14.80 -38.89
N ASN C 470 -7.64 14.42 -38.10
CA ASN C 470 -7.61 13.17 -37.36
C ASN C 470 -7.83 11.97 -38.27
N GLY C 471 -9.01 11.88 -38.87
CA GLY C 471 -9.31 10.84 -39.85
C GLY C 471 -8.26 10.68 -40.94
N PRO C 472 -7.89 11.76 -41.64
CA PRO C 472 -6.80 11.66 -42.63
C PRO C 472 -5.53 11.02 -42.11
N TRP C 473 -4.98 11.51 -40.99
CA TRP C 473 -3.76 10.95 -40.42
C TRP C 473 -3.88 9.45 -40.20
N MET C 474 -5.07 8.97 -39.83
CA MET C 474 -5.22 7.53 -39.66
C MET C 474 -5.13 6.83 -41.02
N ASP C 475 -5.67 7.44 -42.08
CA ASP C 475 -5.50 6.87 -43.42
C ASP C 475 -4.04 6.84 -43.85
N GLU C 476 -3.25 7.83 -43.41
CA GLU C 476 -1.87 7.94 -43.88
C GLU C 476 -0.97 6.95 -43.16
N PHE C 477 -1.25 6.69 -41.88
CA PHE C 477 -0.57 5.59 -41.20
C PHE C 477 -0.96 4.27 -41.83
N HIS C 478 -2.24 4.11 -42.14
CA HIS C 478 -2.72 2.84 -42.67
C HIS C 478 -2.22 2.61 -44.08
N LYS C 479 -1.93 3.67 -44.85
CA LYS C 479 -1.37 3.49 -46.18
C LYS C 479 0.00 2.83 -46.10
N GLU C 480 0.91 3.43 -45.31
CA GLU C 480 2.30 2.98 -45.23
C GLU C 480 2.41 1.53 -44.77
N PHE C 481 1.79 1.20 -43.63
CA PHE C 481 1.95 -0.10 -42.97
C PHE C 481 0.60 -0.80 -42.88
N PRO C 482 0.04 -1.25 -44.00
CA PRO C 482 -1.28 -1.89 -43.94
C PRO C 482 -1.28 -3.23 -43.24
N LYS C 483 -0.13 -3.67 -42.72
CA LYS C 483 -0.05 -4.95 -42.04
C LYS C 483 -0.05 -4.81 -40.51
N ILE C 484 -0.20 -3.58 -39.99
CA ILE C 484 -0.08 -3.24 -38.57
C ILE C 484 -1.35 -2.52 -38.08
N PRO C 485 -2.21 -3.17 -37.29
CA PRO C 485 -3.46 -2.53 -36.84
C PRO C 485 -3.19 -1.28 -36.02
N ILE C 486 -3.98 -0.22 -36.27
CA ILE C 486 -3.69 1.10 -35.72
C ILE C 486 -4.95 1.66 -35.08
N GLY C 487 -4.84 2.05 -33.80
CA GLY C 487 -5.95 2.65 -33.08
C GLY C 487 -5.61 4.01 -32.50
N MET C 488 -6.60 4.64 -31.90
CA MET C 488 -6.41 5.96 -31.28
C MET C 488 -6.63 5.81 -29.78
N SER C 489 -5.53 5.70 -29.01
CA SER C 489 -5.58 5.45 -27.58
C SER C 489 -5.87 6.70 -26.76
N GLU C 490 -5.76 7.89 -27.36
CA GLU C 490 -6.06 9.13 -26.62
C GLU C 490 -6.42 10.22 -27.61
N TYR C 491 -7.60 10.79 -27.44
CA TYR C 491 -8.01 11.94 -28.21
C TYR C 491 -9.12 12.59 -27.39
N GLY C 492 -9.08 13.90 -27.28
CA GLY C 492 -10.07 14.56 -26.47
C GLY C 492 -9.80 16.04 -26.36
N CYS C 493 -10.56 16.67 -25.48
CA CYS C 493 -10.66 18.11 -25.45
C CYS C 493 -11.17 18.51 -24.08
N GLU C 494 -10.61 19.59 -23.52
CA GLU C 494 -10.97 20.05 -22.19
C GLU C 494 -12.30 20.78 -22.22
N ALA C 495 -13.03 20.72 -21.11
CA ALA C 495 -14.37 21.27 -21.05
C ALA C 495 -14.77 21.56 -19.60
N LEU C 496 -15.32 22.76 -19.37
CA LEU C 496 -15.74 23.15 -18.03
C LEU C 496 -17.16 23.68 -18.12
N ASN C 497 -17.57 24.45 -17.10
CA ASN C 497 -18.85 25.15 -17.04
C ASN C 497 -18.71 26.57 -17.57
N TRP C 498 -18.12 26.66 -18.75
CA TRP C 498 -18.02 27.87 -19.54
C TRP C 498 -18.88 27.70 -20.79
N HIS C 499 -19.34 28.82 -21.37
CA HIS C 499 -20.24 28.71 -22.51
C HIS C 499 -20.00 29.86 -23.48
N THR C 500 -20.47 29.67 -24.72
CA THR C 500 -20.33 30.60 -25.83
C THR C 500 -21.13 30.09 -27.02
N SER C 501 -21.58 31.01 -27.87
CA SER C 501 -22.16 30.68 -29.17
C SER C 501 -21.10 30.60 -30.26
N ASP C 502 -19.82 30.64 -29.87
CA ASP C 502 -18.67 30.71 -30.79
C ASP C 502 -17.71 29.56 -30.50
N PRO C 503 -18.09 28.33 -30.84
CA PRO C 503 -17.15 27.21 -30.67
C PRO C 503 -15.77 27.51 -31.24
N LYS C 504 -14.76 27.35 -30.41
CA LYS C 504 -13.42 27.85 -30.70
C LYS C 504 -12.39 27.02 -29.94
N GLN C 505 -11.45 26.39 -30.65
CA GLN C 505 -10.40 25.63 -29.99
C GLN C 505 -9.67 26.47 -28.97
N GLY C 506 -9.63 25.99 -27.73
CA GLY C 506 -8.97 26.71 -26.66
C GLY C 506 -9.89 27.53 -25.79
N ASP C 507 -11.20 27.29 -25.82
CA ASP C 507 -12.16 28.14 -25.11
C ASP C 507 -12.76 27.47 -23.88
N TYR C 508 -12.45 26.19 -23.65
CA TYR C 508 -12.86 25.46 -22.46
C TYR C 508 -14.37 25.53 -22.23
N THR C 509 -15.18 25.57 -23.29
CA THR C 509 -16.62 25.54 -23.05
C THR C 509 -17.18 24.15 -23.34
N GLU C 510 -18.35 23.89 -22.77
CA GLU C 510 -19.01 22.62 -23.02
C GLU C 510 -19.36 22.46 -24.49
N GLU C 511 -19.49 23.59 -25.22
CA GLU C 511 -19.89 23.58 -26.63
C GLU C 511 -18.76 23.12 -27.54
N TYR C 512 -17.58 23.74 -27.44
CA TYR C 512 -16.49 23.35 -28.32
C TYR C 512 -16.07 21.92 -28.09
N GLN C 513 -16.16 21.43 -26.84
CA GLN C 513 -15.93 20.01 -26.62
C GLN C 513 -17.07 19.17 -27.19
N ALA C 514 -18.30 19.68 -27.16
CA ALA C 514 -19.39 19.01 -27.87
C ALA C 514 -19.03 18.81 -29.33
N HIS C 515 -18.80 19.93 -30.04
CA HIS C 515 -18.48 19.87 -31.47
C HIS C 515 -17.22 19.03 -31.72
N TYR C 516 -16.19 19.19 -30.88
CA TYR C 516 -14.96 18.42 -31.06
C TYR C 516 -15.25 16.93 -31.12
N HIS C 517 -16.16 16.44 -30.28
CA HIS C 517 -16.40 15.01 -30.25
C HIS C 517 -17.37 14.55 -31.33
N GLU C 518 -18.28 15.42 -31.78
CA GLU C 518 -19.05 15.12 -32.97
C GLU C 518 -18.13 14.87 -34.16
N GLU C 519 -17.23 15.82 -34.43
CA GLU C 519 -16.31 15.66 -35.56
C GLU C 519 -15.47 14.41 -35.40
N LEU C 520 -14.97 14.14 -34.19
CA LEU C 520 -14.07 13.01 -34.06
C LEU C 520 -14.81 11.69 -34.10
N ILE C 521 -16.07 11.70 -33.66
CA ILE C 521 -16.92 10.54 -33.88
C ILE C 521 -17.14 10.34 -35.38
N LYS C 522 -17.26 11.44 -36.12
CA LYS C 522 -17.50 11.34 -37.56
C LYS C 522 -16.33 10.68 -38.29
N GLN C 523 -15.11 11.11 -37.98
CA GLN C 523 -13.96 10.54 -38.68
C GLN C 523 -13.62 9.14 -38.17
N LEU C 524 -13.54 8.97 -36.84
CA LEU C 524 -13.00 7.72 -36.31
C LEU C 524 -14.01 6.58 -36.33
N TYR C 525 -15.26 6.84 -35.97
CA TYR C 525 -16.22 5.74 -35.87
C TYR C 525 -16.63 5.18 -37.24
N THR C 526 -16.20 5.80 -38.34
CA THR C 526 -16.59 5.40 -39.68
C THR C 526 -15.45 4.72 -40.46
N ARG C 527 -14.26 4.58 -39.87
CA ARG C 527 -13.13 3.89 -40.47
C ARG C 527 -12.93 2.55 -39.79
N PRO C 528 -13.45 1.45 -40.34
CA PRO C 528 -13.42 0.17 -39.61
C PRO C 528 -12.04 -0.45 -39.44
N TYR C 529 -10.96 0.18 -39.90
CA TYR C 529 -9.63 -0.39 -39.71
C TYR C 529 -8.98 0.05 -38.40
N ILE C 530 -9.42 1.17 -37.84
CA ILE C 530 -9.05 1.58 -36.48
C ILE C 530 -9.55 0.51 -35.52
N TRP C 531 -8.63 -0.23 -34.90
CA TRP C 531 -9.03 -1.42 -34.16
C TRP C 531 -9.70 -1.07 -32.85
N ALA C 532 -9.40 0.11 -32.28
CA ALA C 532 -9.94 0.54 -30.99
C ALA C 532 -9.77 2.05 -30.81
N THR C 533 -10.79 2.71 -30.25
CA THR C 533 -10.73 4.12 -29.87
C THR C 533 -10.90 4.27 -28.35
N HIS C 534 -10.28 5.32 -27.79
CA HIS C 534 -10.33 5.50 -26.35
C HIS C 534 -10.31 6.99 -26.04
N VAL C 535 -11.51 7.58 -25.87
CA VAL C 535 -11.65 8.96 -25.45
C VAL C 535 -10.80 9.22 -24.23
N TRP C 536 -10.01 10.28 -24.28
CA TRP C 536 -9.30 10.78 -23.12
C TRP C 536 -10.04 12.02 -22.67
N ASN C 537 -10.63 11.97 -21.49
CA ASN C 537 -10.66 10.79 -20.63
C ASN C 537 -12.16 10.60 -20.31
N MET C 538 -12.59 9.39 -19.92
CA MET C 538 -13.98 9.23 -19.52
C MET C 538 -14.35 10.22 -18.42
N PHE C 539 -13.43 10.46 -17.48
CA PHE C 539 -13.67 11.31 -16.32
C PHE C 539 -12.60 12.38 -16.23
N ASP C 540 -12.98 13.55 -15.72
CA ASP C 540 -11.95 14.47 -15.25
C ASP C 540 -11.15 13.78 -14.14
N PHE C 541 -9.90 14.18 -13.99
CA PHE C 541 -9.04 13.51 -13.03
C PHE C 541 -8.01 14.49 -12.51
N ALA C 542 -7.44 14.16 -11.37
CA ALA C 542 -6.54 15.08 -10.72
C ALA C 542 -5.15 14.90 -11.26
N ALA C 543 -4.48 16.03 -11.48
CA ALA C 543 -3.11 16.09 -11.97
C ALA C 543 -2.57 17.40 -11.43
N ASP C 544 -1.91 17.34 -10.29
CA ASP C 544 -1.71 18.54 -9.48
C ASP C 544 -0.90 19.64 -10.19
N ALA C 545 -0.26 19.35 -11.32
CA ALA C 545 0.58 20.39 -11.92
C ALA C 545 -0.16 21.23 -12.95
N ARG C 546 -1.20 20.68 -13.56
CA ARG C 546 -2.04 21.39 -14.52
C ARG C 546 -2.49 22.71 -13.92
N ASN C 547 -2.67 23.69 -14.79
CA ASN C 547 -3.03 25.00 -14.29
C ASN C 547 -3.74 25.79 -15.36
N GLU C 548 -4.93 25.33 -15.73
CA GLU C 548 -5.59 25.83 -16.92
C GLU C 548 -7.09 25.59 -16.77
N GLY C 549 -7.86 26.32 -17.59
CA GLY C 549 -9.28 26.13 -17.70
C GLY C 549 -10.12 26.80 -16.66
N GLY C 550 -9.51 27.47 -15.68
CA GLY C 550 -10.25 28.12 -14.62
C GLY C 550 -10.32 27.34 -13.32
N GLU C 551 -9.81 26.11 -13.30
CA GLU C 551 -9.79 25.27 -12.10
C GLU C 551 -8.50 24.45 -12.09
N ASN C 552 -7.63 24.72 -11.14
CA ASN C 552 -6.26 24.25 -11.19
C ASN C 552 -6.10 22.79 -10.73
N GLY C 553 -4.96 22.21 -11.07
CA GLY C 553 -4.61 20.85 -10.68
C GLY C 553 -5.53 19.79 -11.21
N MET C 554 -6.25 20.08 -12.28
CA MET C 554 -7.24 19.14 -12.79
C MET C 554 -7.09 19.09 -14.30
N ASN C 555 -7.34 17.91 -14.84
CA ASN C 555 -7.41 17.67 -16.28
C ASN C 555 -8.89 17.48 -16.59
N HIS C 556 -9.47 18.43 -17.33
CA HIS C 556 -10.91 18.42 -17.56
C HIS C 556 -11.31 17.79 -18.88
N LYS C 557 -10.43 17.02 -19.52
CA LYS C 557 -10.76 16.40 -20.81
C LYS C 557 -11.79 15.29 -20.60
N GLY C 558 -12.50 15.31 -19.49
CA GLY C 558 -13.36 14.21 -19.15
C GLY C 558 -14.72 14.32 -19.79
N LEU C 559 -15.31 13.16 -20.06
CA LEU C 559 -16.69 13.14 -20.51
C LEU C 559 -17.66 13.37 -19.35
N VAL C 560 -17.26 12.98 -18.13
CA VAL C 560 -18.04 13.18 -16.92
C VAL C 560 -17.23 14.05 -15.97
N THR C 561 -17.93 14.77 -15.11
CA THR C 561 -17.26 15.61 -14.14
C THR C 561 -16.50 14.76 -13.12
N PHE C 562 -15.59 15.41 -12.37
CA PHE C 562 -14.68 14.70 -11.46
C PHE C 562 -15.42 13.90 -10.37
N ASP C 563 -16.36 14.55 -9.68
CA ASP C 563 -17.16 13.90 -8.65
C ASP C 563 -18.26 13.01 -9.22
N ARG C 564 -18.25 12.79 -10.54
CA ARG C 564 -19.13 11.91 -11.31
C ARG C 564 -20.59 12.34 -11.36
N LYS C 565 -20.93 13.51 -10.83
CA LYS C 565 -22.33 13.91 -10.63
C LYS C 565 -22.94 14.65 -11.83
N TYR C 566 -22.22 14.85 -12.93
CA TYR C 566 -22.77 15.59 -14.07
C TYR C 566 -22.20 15.06 -15.38
N LYS C 567 -23.03 14.48 -16.22
CA LYS C 567 -22.62 14.09 -17.55
C LYS C 567 -22.56 15.34 -18.45
N LYS C 568 -21.37 15.65 -18.97
CA LYS C 568 -21.21 16.74 -19.91
C LYS C 568 -21.88 16.41 -21.24
N ASP C 569 -22.33 17.46 -21.96
CA ASP C 569 -23.08 17.26 -23.19
C ASP C 569 -22.40 16.25 -24.12
N ALA C 570 -21.08 16.37 -24.27
CA ALA C 570 -20.36 15.44 -25.13
C ALA C 570 -20.52 13.98 -24.72
N PHE C 571 -20.93 13.71 -23.47
CA PHE C 571 -21.21 12.34 -23.05
C PHE C 571 -22.30 11.73 -23.91
N TYR C 572 -23.28 12.54 -24.30
CA TYR C 572 -24.46 12.02 -24.95
C TYR C 572 -24.24 11.82 -26.46
N ALA C 573 -23.35 12.61 -27.06
CA ALA C 573 -22.97 12.35 -28.44
C ALA C 573 -22.46 10.91 -28.61
N TYR C 574 -21.65 10.42 -27.68
CA TYR C 574 -21.27 9.01 -27.75
C TYR C 574 -22.46 8.12 -27.46
N LYS C 575 -23.32 8.53 -26.52
CA LYS C 575 -24.50 7.73 -26.21
C LYS C 575 -25.36 7.55 -27.45
N ALA C 576 -25.52 8.60 -28.26
CA ALA C 576 -26.38 8.53 -29.44
C ALA C 576 -25.89 7.48 -30.44
N TRP C 577 -24.58 7.32 -30.57
CA TRP C 577 -24.05 6.33 -31.50
C TRP C 577 -23.95 4.95 -30.87
N LEU C 578 -23.85 4.86 -29.55
CA LEU C 578 -23.42 3.62 -28.93
C LEU C 578 -24.46 2.98 -28.03
N SER C 579 -25.39 3.75 -27.50
CA SER C 579 -26.42 3.18 -26.64
C SER C 579 -27.53 2.58 -27.50
N ASP C 580 -27.94 1.36 -27.15
CA ASP C 580 -29.24 0.89 -27.59
C ASP C 580 -30.36 1.53 -26.79
N GLU C 581 -30.04 1.96 -25.57
CA GLU C 581 -30.94 2.67 -24.64
C GLU C 581 -31.61 3.85 -25.34
N PRO C 582 -32.94 3.92 -25.36
CA PRO C 582 -33.62 5.06 -26.02
C PRO C 582 -33.51 6.32 -25.17
N PHE C 583 -33.28 7.46 -25.85
CA PHE C 583 -33.15 8.74 -25.15
C PHE C 583 -33.13 9.88 -26.17
N VAL C 584 -33.27 11.09 -25.66
CA VAL C 584 -32.94 12.30 -26.41
C VAL C 584 -32.27 13.26 -25.42
N HIS C 585 -31.39 14.10 -25.94
CA HIS C 585 -30.68 15.02 -25.07
C HIS C 585 -30.54 16.38 -25.76
N ILE C 586 -30.97 17.43 -25.06
CA ILE C 586 -30.85 18.81 -25.56
C ILE C 586 -29.59 19.44 -24.98
N CYS C 587 -28.65 19.80 -25.83
CA CYS C 587 -27.41 20.37 -25.31
C CYS C 587 -27.63 21.78 -24.76
N GLY C 588 -26.56 22.34 -24.21
CA GLY C 588 -26.50 23.71 -23.77
C GLY C 588 -27.49 24.05 -22.69
N LYS C 589 -27.84 23.09 -21.82
CA LYS C 589 -28.80 23.41 -20.78
C LYS C 589 -28.23 24.41 -19.79
N ARG C 590 -26.92 24.38 -19.56
CA ARG C 590 -26.33 25.34 -18.64
C ARG C 590 -26.02 26.67 -19.31
N TYR C 591 -26.14 26.70 -20.65
CA TYR C 591 -26.23 27.91 -21.46
C TYR C 591 -27.69 28.34 -21.50
N VAL C 592 -28.06 29.30 -20.65
CA VAL C 592 -29.43 29.76 -20.54
C VAL C 592 -29.59 31.18 -21.07
N ASP C 593 -28.75 32.11 -20.61
CA ASP C 593 -28.78 33.50 -21.06
C ASP C 593 -28.01 33.65 -22.37
N ARG C 594 -28.73 33.70 -23.48
CA ARG C 594 -28.14 33.95 -24.79
C ARG C 594 -28.63 35.29 -25.35
N VAL C 595 -27.71 36.04 -25.96
CA VAL C 595 -28.05 37.32 -26.59
C VAL C 595 -27.86 37.14 -28.10
N GLU C 596 -28.96 36.86 -28.78
CA GLU C 596 -29.06 36.69 -30.23
C GLU C 596 -30.45 36.15 -30.51
N ASN C 597 -31.06 36.52 -31.64
CA ASN C 597 -32.46 36.21 -31.84
C ASN C 597 -32.68 34.79 -32.35
N VAL C 598 -31.67 34.21 -32.99
CA VAL C 598 -31.70 32.81 -33.40
C VAL C 598 -30.44 32.13 -32.87
N THR C 599 -30.62 31.02 -32.15
CA THR C 599 -29.57 30.30 -31.46
C THR C 599 -29.45 28.88 -32.00
N LYS C 600 -28.22 28.39 -32.08
CA LYS C 600 -27.97 27.02 -32.55
C LYS C 600 -28.06 26.07 -31.36
N VAL C 601 -29.17 25.34 -31.28
CA VAL C 601 -29.43 24.34 -30.24
C VAL C 601 -29.16 22.96 -30.85
N THR C 602 -28.06 22.31 -30.45
CA THR C 602 -27.81 20.95 -30.86
C THR C 602 -28.61 19.99 -29.98
N VAL C 603 -29.18 18.95 -30.61
CA VAL C 603 -29.93 17.92 -29.90
C VAL C 603 -29.43 16.58 -30.38
N TYR C 604 -29.09 15.71 -29.44
CA TYR C 604 -28.58 14.37 -29.71
C TYR C 604 -29.67 13.33 -29.51
N SER C 605 -29.63 12.26 -30.31
CA SER C 605 -30.52 11.14 -30.03
C SER C 605 -30.09 9.93 -30.84
N ASN C 606 -30.54 8.75 -30.38
CA ASN C 606 -30.34 7.51 -31.11
C ASN C 606 -31.62 7.05 -31.80
N GLN C 607 -32.58 7.96 -31.97
CA GLN C 607 -33.80 7.70 -32.70
C GLN C 607 -33.66 8.17 -34.15
N LYS C 608 -34.64 7.79 -34.97
CA LYS C 608 -34.68 8.25 -36.36
C LYS C 608 -35.04 9.73 -36.42
N THR C 609 -36.12 10.12 -35.73
CA THR C 609 -36.70 11.44 -35.89
C THR C 609 -36.88 12.14 -34.55
N VAL C 610 -36.81 13.46 -34.59
CA VAL C 610 -36.69 14.33 -33.44
C VAL C 610 -37.49 15.60 -33.71
N GLU C 611 -38.44 15.92 -32.84
CA GLU C 611 -39.28 17.10 -32.99
C GLU C 611 -39.06 18.02 -31.80
N LEU C 612 -38.55 19.23 -32.06
CA LEU C 612 -38.34 20.23 -31.02
C LEU C 612 -39.46 21.26 -31.01
N PHE C 613 -39.88 21.69 -29.81
CA PHE C 613 -40.91 22.73 -29.64
C PHE C 613 -40.33 23.89 -28.84
N ALA C 614 -40.60 25.11 -29.29
CA ALA C 614 -40.35 26.33 -28.51
C ALA C 614 -41.69 26.86 -28.03
N ASN C 615 -41.99 26.63 -26.75
CA ASN C 615 -43.24 27.07 -26.10
C ASN C 615 -44.44 26.31 -26.65
N GLY C 616 -44.31 24.99 -26.78
CA GLY C 616 -45.42 24.19 -27.24
C GLY C 616 -45.70 24.28 -28.71
N GLU C 617 -44.94 25.09 -29.46
CA GLU C 617 -45.10 25.26 -30.89
C GLU C 617 -43.89 24.67 -31.61
N SER C 618 -44.14 23.69 -32.47
CA SER C 618 -43.09 22.90 -33.08
C SER C 618 -42.23 23.74 -34.04
N LEU C 619 -41.02 23.22 -34.33
CA LEU C 619 -40.14 23.78 -35.35
C LEU C 619 -39.82 22.73 -36.41
N GLY C 620 -40.48 21.58 -36.37
CA GLY C 620 -40.41 20.58 -37.41
C GLY C 620 -39.66 19.32 -36.99
N LYS C 621 -40.12 18.18 -37.50
CA LYS C 621 -39.44 16.90 -37.30
C LYS C 621 -38.20 16.82 -38.19
N LYS C 622 -37.09 16.34 -37.63
CA LYS C 622 -35.81 16.21 -38.35
C LYS C 622 -35.26 14.79 -38.23
N GLU C 623 -34.38 14.45 -39.18
CA GLU C 623 -33.69 13.16 -39.18
C GLU C 623 -32.20 13.38 -39.37
N ALA C 624 -31.40 12.50 -38.77
CA ALA C 624 -29.95 12.63 -38.88
C ALA C 624 -29.35 11.24 -39.02
N SER C 625 -28.56 11.08 -40.07
CA SER C 625 -27.73 9.90 -40.18
C SER C 625 -26.77 9.82 -39.00
N ASP C 626 -26.08 10.92 -38.70
CA ASP C 626 -25.02 10.97 -37.71
C ASP C 626 -25.52 11.31 -36.30
N HIS C 627 -26.83 11.28 -36.09
CA HIS C 627 -27.46 11.45 -34.78
C HIS C 627 -27.27 12.83 -34.18
N PHE C 628 -26.74 13.79 -34.94
CA PHE C 628 -26.61 15.17 -34.46
C PHE C 628 -27.66 16.03 -35.18
N PHE C 629 -28.83 16.15 -34.58
CA PHE C 629 -29.93 16.97 -35.08
C PHE C 629 -29.72 18.41 -34.62
N TYR C 630 -29.65 19.35 -35.57
CA TYR C 630 -29.45 20.77 -35.26
C TYR C 630 -30.71 21.57 -35.57
N PHE C 631 -31.02 22.53 -34.70
CA PHE C 631 -32.20 23.37 -34.84
C PHE C 631 -31.81 24.82 -34.57
N GLU C 632 -32.65 25.74 -35.04
CA GLU C 632 -32.48 27.17 -34.76
C GLU C 632 -33.78 27.67 -34.15
N VAL C 633 -33.68 28.30 -32.98
CA VAL C 633 -34.84 28.63 -32.17
C VAL C 633 -34.90 30.14 -32.03
N PRO C 634 -36.07 30.75 -32.24
CA PRO C 634 -36.21 32.18 -31.92
C PRO C 634 -35.94 32.41 -30.45
N ASN C 635 -35.08 33.38 -30.15
CA ASN C 635 -34.77 33.72 -28.76
C ASN C 635 -35.31 35.10 -28.42
N HIS C 636 -36.59 35.15 -28.05
CA HIS C 636 -37.20 36.31 -27.39
C HIS C 636 -37.73 35.86 -26.04
N GLY C 637 -37.32 36.55 -24.98
CA GLY C 637 -37.72 36.26 -23.61
C GLY C 637 -37.45 34.83 -23.19
N GLU C 638 -38.27 34.34 -22.27
CA GLU C 638 -38.18 32.95 -21.85
C GLU C 638 -38.80 32.05 -22.91
N THR C 639 -38.06 31.01 -23.29
CA THR C 639 -38.48 30.09 -24.34
C THR C 639 -38.21 28.67 -23.84
N LYS C 640 -39.25 27.95 -23.45
CA LYS C 640 -39.10 26.61 -22.90
C LYS C 640 -38.96 25.61 -24.05
N LEU C 641 -37.74 25.10 -24.24
CA LEU C 641 -37.51 24.05 -25.23
C LEU C 641 -38.09 22.73 -24.74
N LEU C 642 -38.40 21.84 -25.68
CA LEU C 642 -38.89 20.50 -25.37
C LEU C 642 -38.81 19.64 -26.61
N ALA C 643 -38.13 18.50 -26.54
CA ALA C 643 -37.85 17.69 -27.72
C ALA C 643 -38.35 16.28 -27.53
N VAL C 644 -39.12 15.79 -28.50
CA VAL C 644 -39.73 14.46 -28.44
C VAL C 644 -39.16 13.63 -29.58
N ALA C 645 -38.83 12.37 -29.27
CA ALA C 645 -38.26 11.48 -30.28
C ALA C 645 -38.72 10.06 -29.94
N GLY C 646 -39.77 9.61 -30.60
CA GLY C 646 -40.46 8.43 -30.11
C GLY C 646 -41.24 8.82 -28.87
N GLU C 647 -41.06 8.04 -27.80
CA GLU C 647 -41.69 8.34 -26.51
C GLU C 647 -40.76 9.07 -25.55
N CYS C 648 -39.50 9.31 -25.95
CA CYS C 648 -38.51 9.95 -25.10
C CYS C 648 -38.57 11.47 -25.22
N ARG C 649 -38.33 12.15 -24.10
CA ARG C 649 -38.48 13.60 -24.01
C ARG C 649 -37.30 14.18 -23.23
N ASP C 650 -37.20 15.51 -23.29
CA ASP C 650 -36.17 16.30 -22.61
C ASP C 650 -36.52 17.77 -22.71
N GLU C 651 -36.47 18.49 -21.59
CA GLU C 651 -36.75 19.92 -21.56
C GLU C 651 -35.46 20.71 -21.57
N SER C 652 -35.60 22.00 -21.87
CA SER C 652 -34.51 22.96 -21.75
C SER C 652 -35.14 24.32 -21.53
N PHE C 653 -34.29 25.31 -21.24
CA PHE C 653 -34.78 26.64 -20.92
C PHE C 653 -33.77 27.66 -21.41
N ILE C 654 -34.26 28.74 -22.02
CA ILE C 654 -33.43 29.75 -22.66
C ILE C 654 -34.04 31.12 -22.43
N LYS C 655 -33.18 32.14 -22.32
CA LYS C 655 -33.60 33.48 -21.95
C LYS C 655 -32.85 34.50 -22.79
N LYS C 656 -33.58 35.41 -23.44
CA LYS C 656 -32.94 36.46 -24.23
C LYS C 656 -32.36 37.54 -23.31
N VAL C 657 -31.13 37.95 -23.56
CA VAL C 657 -30.47 39.00 -22.78
C VAL C 657 -29.89 40.03 -23.74
N GLU C 658 -29.24 41.05 -23.17
CA GLU C 658 -28.69 42.14 -23.96
C GLU C 658 -27.16 42.08 -24.12
N LYS C 659 -26.41 41.94 -23.03
CA LYS C 659 -24.97 41.73 -23.15
C LYS C 659 -24.62 40.34 -22.66
N PHE C 660 -23.38 39.94 -22.94
CA PHE C 660 -22.94 38.59 -22.63
C PHE C 660 -22.83 38.41 -21.12
N ASN C 661 -23.26 37.23 -20.64
CA ASN C 661 -23.21 36.85 -19.22
C ASN C 661 -21.80 36.36 -18.91
N GLU C 662 -20.91 37.32 -18.61
CA GLU C 662 -19.49 37.03 -18.42
C GLU C 662 -19.22 36.03 -17.30
N ALA C 663 -20.24 35.67 -16.50
CA ALA C 663 -20.20 34.47 -15.68
C ALA C 663 -19.88 33.24 -16.51
N TYR C 664 -20.12 33.30 -17.82
CA TYR C 664 -19.59 32.34 -18.76
C TYR C 664 -18.19 32.77 -19.18
N1 FMN D . -25.68 44.29 23.40
C2 FMN D . -24.63 44.71 22.61
O2 FMN D . -23.90 45.61 23.03
N3 FMN D . -24.40 44.11 21.37
C4 FMN D . -25.24 43.11 20.93
O4 FMN D . -25.07 42.56 19.82
C4A FMN D . -26.30 42.70 21.73
N5 FMN D . -27.13 41.69 21.28
C5A FMN D . -28.18 41.26 22.07
C6 FMN D . -29.00 40.25 21.61
C7 FMN D . -30.07 39.82 22.40
C7M FMN D . -30.98 38.73 21.92
C8 FMN D . -30.29 40.41 23.64
C8M FMN D . -31.45 39.92 24.46
C9 FMN D . -29.45 41.42 24.11
C9A FMN D . -28.41 41.86 23.32
N10 FMN D . -27.56 42.86 23.78
C10 FMN D . -26.51 43.29 22.97
C1' FMN D . -27.87 43.50 25.08
C2' FMN D . -27.04 43.14 26.29
O2' FMN D . -27.44 41.87 26.73
C3' FMN D . -27.34 44.22 27.32
O3' FMN D . -26.73 45.43 26.87
C4' FMN D . -26.91 43.84 28.74
O4' FMN D . -27.54 44.68 29.70
C5' FMN D . -25.38 43.88 28.85
O5' FMN D . -24.92 43.27 30.04
P FMN D . -23.54 42.40 30.04
O1P FMN D . -23.67 41.44 28.87
O2P FMN D . -22.34 43.29 29.78
O3P FMN D . -23.38 41.69 31.38
CA CA E . -13.10 4.58 20.63
N1 FMN F . 27.11 -2.85 -15.96
C2 FMN F . 26.94 -1.66 -15.30
O2 FMN F . 25.95 -0.96 -15.56
N3 FMN F . 27.88 -1.26 -14.38
C4 FMN F . 29.00 -2.05 -14.11
O4 FMN F . 29.85 -1.72 -13.28
C4A FMN F . 29.17 -3.25 -14.78
N5 FMN F . 30.27 -4.03 -14.51
C5A FMN F . 30.42 -5.24 -15.18
C6 FMN F . 31.53 -6.03 -14.91
C7 FMN F . 31.68 -7.23 -15.57
C7M FMN F . 32.86 -8.09 -15.28
C8 FMN F . 30.76 -7.64 -16.50
C8M FMN F . 30.97 -8.94 -17.19
C9 FMN F . 29.64 -6.86 -16.78
C9A FMN F . 29.46 -5.64 -16.13
N10 FMN F . 28.34 -4.84 -16.38
C10 FMN F . 28.22 -3.64 -15.71
C1' FMN F . 27.26 -5.06 -17.40
C2' FMN F . 26.23 -6.16 -17.38
O2' FMN F . 26.86 -7.39 -17.71
C3' FMN F . 25.16 -5.69 -18.40
O3' FMN F . 24.67 -4.43 -17.99
C4' FMN F . 24.03 -6.72 -18.66
O4' FMN F . 23.94 -6.97 -20.05
C5' FMN F . 22.61 -6.40 -18.15
O5' FMN F . 22.51 -6.05 -16.76
P FMN F . 21.59 -6.84 -15.66
O1P FMN F . 21.12 -5.83 -14.62
O2P FMN F . 20.39 -7.51 -16.30
O3P FMN F . 22.42 -7.89 -14.93
CA CA G . 29.92 -26.90 18.04
N1 FMN H . 5.13 -19.90 -10.83
C2 FMN H . 5.07 -20.08 -9.45
O2 FMN H . 5.98 -20.65 -8.84
N3 FMN H . 3.98 -19.60 -8.73
C4 FMN H . 2.94 -18.97 -9.36
O4 FMN H . 1.97 -18.54 -8.71
C4A FMN H . 2.98 -18.78 -10.73
N5 FMN H . 1.93 -18.12 -11.37
C5A FMN H . 1.95 -17.93 -12.73
C6 FMN H . 0.89 -17.28 -13.38
C7 FMN H . 0.93 -17.10 -14.77
C7M FMN H . -0.21 -16.39 -15.44
C8 FMN H . 2.04 -17.57 -15.51
C8M FMN H . 2.16 -17.42 -17.00
C9 FMN H . 3.07 -18.22 -14.85
C9A FMN H . 3.03 -18.40 -13.47
N10 FMN H . 4.10 -19.05 -12.85
C10 FMN H . 4.07 -19.25 -11.47
C1' FMN H . 5.23 -19.57 -13.68
C2' FMN H . 6.49 -18.75 -13.87
O2' FMN H . 6.23 -17.55 -14.59
C3' FMN H . 7.42 -19.68 -14.65
O3' FMN H . 7.48 -20.94 -14.00
C4' FMN H . 8.79 -19.06 -14.96
O4' FMN H . 9.62 -19.91 -15.75
C5' FMN H . 9.55 -18.62 -13.72
O5' FMN H . 10.38 -17.56 -14.12
P FMN H . 10.81 -16.36 -13.12
O1P FMN H . 10.77 -16.89 -11.69
O2P FMN H . 12.20 -15.92 -13.54
O3P FMN H . 9.90 -15.14 -13.23
CA CA I . -1.78 20.81 -4.94
#